data_2LW4
#
_entry.id   2LW4
#
_entity_poly.entity_id   1
_entity_poly.type   'polypeptide(L)'
_entity_poly.pdbx_seq_one_letter_code
;SHMPVPVTCDAVRNKCREMLTAALQTDHDHVAIGADCERLSAQIEECIFRDVGNTDMKYKNRVRSRISNLKDAKNPDLRR
NVLCGAITPQQIAVMTSEEMASDELKEIRKAMT
;
_entity_poly.pdbx_strand_id   A
#
# COMPACT_ATOMS: atom_id res chain seq x y z
N SER A 1 -16.28 -12.45 -5.73
CA SER A 1 -15.35 -12.06 -6.81
C SER A 1 -14.44 -10.88 -6.38
N HIS A 2 -13.19 -10.87 -6.89
CA HIS A 2 -12.23 -9.75 -6.68
C HIS A 2 -12.01 -8.97 -8.00
N MET A 3 -11.83 -7.65 -7.86
CA MET A 3 -11.70 -6.73 -9.01
C MET A 3 -10.22 -6.67 -9.50
N PRO A 4 -9.96 -6.81 -10.85
CA PRO A 4 -8.61 -6.59 -11.44
C PRO A 4 -8.12 -5.12 -11.28
N VAL A 5 -6.87 -4.82 -11.73
CA VAL A 5 -6.32 -3.45 -11.68
C VAL A 5 -7.20 -2.46 -12.53
N PRO A 6 -7.83 -1.44 -11.88
CA PRO A 6 -8.86 -0.57 -12.52
C PRO A 6 -8.28 0.44 -13.54
N VAL A 7 -9.19 1.05 -14.30
CA VAL A 7 -8.87 2.16 -15.21
C VAL A 7 -8.37 3.41 -14.44
N THR A 8 -7.72 4.32 -15.17
CA THR A 8 -7.09 5.53 -14.60
C THR A 8 -8.12 6.53 -13.99
N CYS A 9 -9.38 6.48 -14.54
CA CYS A 9 -10.52 7.36 -14.15
C CYS A 9 -10.28 8.83 -14.56
N ASP A 10 -9.36 9.49 -13.85
CA ASP A 10 -9.02 10.90 -14.02
C ASP A 10 -7.61 11.16 -13.42
N ALA A 11 -7.06 12.37 -13.65
CA ALA A 11 -5.76 12.80 -13.11
C ALA A 11 -5.72 12.88 -11.54
N VAL A 12 -6.85 12.61 -10.86
CA VAL A 12 -6.87 12.41 -9.39
C VAL A 12 -6.46 10.96 -9.05
N ARG A 13 -7.26 9.98 -9.53
CA ARG A 13 -7.10 8.56 -9.17
C ARG A 13 -5.78 7.95 -9.70
N ASN A 14 -5.45 8.27 -10.97
CA ASN A 14 -4.22 7.77 -11.63
C ASN A 14 -2.97 8.36 -10.94
N LYS A 15 -3.08 9.61 -10.46
CA LYS A 15 -2.01 10.30 -9.71
C LYS A 15 -1.78 9.65 -8.33
N CYS A 16 -2.88 9.31 -7.64
CA CYS A 16 -2.83 8.62 -6.34
C CYS A 16 -2.17 7.22 -6.47
N ARG A 17 -2.59 6.49 -7.52
CA ARG A 17 -2.08 5.14 -7.86
C ARG A 17 -0.55 5.19 -8.17
N GLU A 18 -0.12 6.16 -9.00
CA GLU A 18 1.31 6.28 -9.42
C GLU A 18 2.22 6.77 -8.26
N MET A 19 1.67 7.60 -7.34
CA MET A 19 2.40 8.06 -6.14
C MET A 19 2.59 6.92 -5.11
N LEU A 20 1.62 5.98 -5.03
CA LEU A 20 1.77 4.72 -4.26
C LEU A 20 2.83 3.81 -4.91
N THR A 21 2.87 3.81 -6.26
CA THR A 21 3.92 3.12 -7.04
C THR A 21 5.31 3.75 -6.76
N ALA A 22 5.35 5.09 -6.71
CA ALA A 22 6.58 5.89 -6.49
C ALA A 22 7.15 5.69 -5.07
N ALA A 23 6.25 5.43 -4.09
CA ALA A 23 6.62 5.04 -2.71
C ALA A 23 7.35 3.68 -2.68
N LEU A 24 6.99 2.80 -3.63
CA LEU A 24 7.65 1.49 -3.85
C LEU A 24 8.89 1.60 -4.78
N GLN A 25 8.91 2.62 -5.68
CA GLN A 25 10.00 2.83 -6.68
C GLN A 25 11.14 3.72 -6.15
N THR A 26 10.87 4.52 -5.09
CA THR A 26 11.87 5.45 -4.48
C THR A 26 13.11 4.71 -3.95
N ASP A 27 12.95 3.40 -3.73
CA ASP A 27 14.02 2.48 -3.38
C ASP A 27 13.85 1.17 -4.21
N HIS A 28 14.96 0.47 -4.51
CA HIS A 28 14.94 -0.77 -5.34
C HIS A 28 14.65 -2.04 -4.49
N ASP A 29 13.91 -1.85 -3.37
CA ASP A 29 13.49 -2.92 -2.46
C ASP A 29 12.65 -4.00 -3.19
N HIS A 30 11.69 -3.53 -4.00
CA HIS A 30 10.81 -4.40 -4.81
C HIS A 30 11.59 -5.21 -5.87
N VAL A 31 12.76 -4.70 -6.29
CA VAL A 31 13.65 -5.39 -7.26
C VAL A 31 14.37 -6.59 -6.60
N ALA A 32 14.84 -6.39 -5.34
CA ALA A 32 15.48 -7.45 -4.52
C ALA A 32 14.50 -8.60 -4.21
N ILE A 33 13.24 -8.24 -3.92
CA ILE A 33 12.13 -9.19 -3.70
C ILE A 33 11.62 -9.77 -5.05
N GLY A 34 11.85 -9.03 -6.15
CA GLY A 34 11.43 -9.45 -7.50
C GLY A 34 9.94 -9.25 -7.78
N ALA A 35 9.31 -8.29 -7.08
CA ALA A 35 7.88 -7.94 -7.25
C ALA A 35 7.74 -6.63 -8.08
N ASP A 36 6.86 -6.66 -9.11
CA ASP A 36 6.57 -5.48 -9.96
C ASP A 36 5.58 -4.51 -9.24
N CYS A 37 6.10 -3.34 -8.87
CA CYS A 37 5.42 -2.38 -7.96
C CYS A 37 4.18 -1.69 -8.58
N GLU A 38 4.18 -1.50 -9.91
CA GLU A 38 3.14 -0.72 -10.63
C GLU A 38 1.73 -1.40 -10.60
N ARG A 39 1.70 -2.74 -10.56
CA ARG A 39 0.45 -3.51 -10.40
C ARG A 39 0.03 -3.60 -8.91
N LEU A 40 1.03 -3.76 -8.01
CA LEU A 40 0.81 -3.93 -6.55
C LEU A 40 0.08 -2.72 -5.93
N SER A 41 0.51 -1.51 -6.35
CA SER A 41 -0.09 -0.23 -5.93
C SER A 41 -1.60 -0.18 -6.29
N ALA A 42 -1.91 -0.57 -7.54
CA ALA A 42 -3.30 -0.57 -8.10
C ALA A 42 -4.22 -1.62 -7.43
N GLN A 43 -3.63 -2.75 -6.99
CA GLN A 43 -4.36 -3.80 -6.24
C GLN A 43 -4.77 -3.30 -4.83
N ILE A 44 -3.83 -2.62 -4.13
CA ILE A 44 -4.09 -1.96 -2.83
C ILE A 44 -5.07 -0.77 -3.03
N GLU A 45 -4.89 -0.07 -4.16
CA GLU A 45 -5.64 1.15 -4.51
C GLU A 45 -7.14 0.85 -4.65
N GLU A 46 -7.52 -0.22 -5.37
CA GLU A 46 -8.95 -0.59 -5.54
C GLU A 46 -9.59 -1.06 -4.20
N CYS A 47 -8.78 -1.75 -3.36
CA CYS A 47 -9.22 -2.23 -2.02
C CYS A 47 -9.54 -1.05 -1.07
N ILE A 48 -8.69 -0.01 -1.09
CA ILE A 48 -8.87 1.20 -0.23
C ILE A 48 -9.87 2.21 -0.88
N PHE A 49 -9.99 2.16 -2.23
CA PHE A 49 -10.87 3.06 -3.04
C PHE A 49 -12.37 2.90 -2.67
N ARG A 50 -12.73 1.71 -2.17
CA ARG A 50 -14.12 1.37 -1.81
C ARG A 50 -14.66 2.32 -0.69
N ASP A 51 -13.83 2.60 0.33
CA ASP A 51 -14.14 3.59 1.39
C ASP A 51 -13.61 5.01 1.03
N VAL A 52 -12.31 5.08 0.75
CA VAL A 52 -11.55 6.34 0.64
C VAL A 52 -11.68 7.03 -0.74
N GLY A 53 -12.11 6.28 -1.77
CA GLY A 53 -12.08 6.73 -3.17
C GLY A 53 -12.89 8.01 -3.50
N ASN A 54 -13.72 8.45 -2.55
CA ASN A 54 -14.38 9.78 -2.63
C ASN A 54 -13.32 10.91 -2.53
N THR A 55 -13.12 11.63 -3.65
CA THR A 55 -11.98 12.56 -3.87
C THR A 55 -12.16 13.95 -3.19
N ASP A 56 -13.13 14.06 -2.26
CA ASP A 56 -13.49 15.33 -1.59
C ASP A 56 -12.40 15.80 -0.58
N MET A 57 -11.97 14.88 0.32
CA MET A 57 -10.97 15.22 1.38
C MET A 57 -10.02 14.02 1.67
N LYS A 58 -10.57 12.92 2.23
CA LYS A 58 -9.74 11.80 2.74
C LYS A 58 -8.89 11.13 1.66
N TYR A 59 -9.37 11.05 0.41
CA TYR A 59 -8.60 10.42 -0.72
C TYR A 59 -7.27 11.17 -1.00
N LYS A 60 -7.28 12.49 -0.79
CA LYS A 60 -6.08 13.34 -0.95
C LYS A 60 -5.03 13.07 0.18
N ASN A 61 -5.49 13.08 1.45
CA ASN A 61 -4.62 12.99 2.64
C ASN A 61 -4.10 11.54 2.89
N ARG A 62 -5.02 10.55 2.79
CA ARG A 62 -4.72 9.11 3.04
C ARG A 62 -3.59 8.56 2.15
N VAL A 63 -3.59 8.97 0.87
CA VAL A 63 -2.53 8.57 -0.09
C VAL A 63 -1.15 9.11 0.35
N ARG A 64 -1.09 10.40 0.77
CA ARG A 64 0.17 11.03 1.28
C ARG A 64 0.73 10.26 2.51
N SER A 65 -0.18 9.97 3.45
CA SER A 65 0.14 9.20 4.69
C SER A 65 0.57 7.75 4.38
N ARG A 66 -0.05 7.16 3.34
CA ARG A 66 0.24 5.78 2.89
C ARG A 66 1.65 5.67 2.27
N ILE A 67 1.99 6.66 1.41
CA ILE A 67 3.34 6.82 0.79
C ILE A 67 4.45 6.84 1.86
N SER A 68 4.19 7.61 2.94
CA SER A 68 5.11 7.74 4.10
C SER A 68 5.42 6.36 4.74
N ASN A 69 4.35 5.59 5.00
CA ASN A 69 4.46 4.23 5.60
C ASN A 69 5.16 3.21 4.65
N LEU A 70 5.01 3.43 3.33
CA LEU A 70 5.63 2.56 2.29
C LEU A 70 7.15 2.80 2.11
N LYS A 71 7.65 3.96 2.58
CA LYS A 71 9.10 4.32 2.49
C LYS A 71 9.74 4.59 3.88
N ASP A 72 8.99 4.31 4.96
CA ASP A 72 9.37 4.72 6.34
C ASP A 72 10.59 3.91 6.89
N ALA A 73 11.48 4.62 7.63
CA ALA A 73 12.71 4.04 8.21
C ALA A 73 12.48 3.43 9.63
N LYS A 74 11.41 3.88 10.33
CA LYS A 74 11.05 3.35 11.68
C LYS A 74 10.27 2.02 11.56
N ASN A 75 9.63 1.80 10.38
CA ASN A 75 9.05 0.49 10.03
C ASN A 75 9.33 0.14 8.54
N PRO A 76 10.60 -0.28 8.21
CA PRO A 76 11.00 -0.65 6.82
C PRO A 76 10.56 -2.07 6.40
N ASP A 77 10.19 -2.92 7.39
CA ASP A 77 9.71 -4.29 7.13
C ASP A 77 8.24 -4.30 6.64
N LEU A 78 7.50 -3.19 6.86
CA LEU A 78 6.07 -3.07 6.43
C LEU A 78 5.91 -3.33 4.91
N ARG A 79 6.72 -2.63 4.09
CA ARG A 79 6.79 -2.83 2.62
C ARG A 79 7.22 -4.28 2.27
N ARG A 80 8.17 -4.86 3.04
CA ARG A 80 8.70 -6.23 2.81
C ARG A 80 7.56 -7.29 2.81
N ASN A 81 6.66 -7.21 3.81
CA ASN A 81 5.48 -8.11 3.92
C ASN A 81 4.52 -7.97 2.72
N VAL A 82 4.31 -6.73 2.26
CA VAL A 82 3.37 -6.44 1.14
C VAL A 82 3.93 -6.94 -0.22
N LEU A 83 5.21 -6.58 -0.50
CA LEU A 83 5.92 -6.92 -1.76
C LEU A 83 6.09 -8.45 -1.95
N CYS A 84 6.38 -9.18 -0.85
CA CYS A 84 6.58 -10.66 -0.87
C CYS A 84 5.23 -11.43 -0.80
N GLY A 85 4.11 -10.71 -0.62
CA GLY A 85 2.76 -11.32 -0.57
C GLY A 85 2.42 -11.98 0.78
N ALA A 86 3.17 -11.65 1.85
CA ALA A 86 2.88 -12.11 3.23
C ALA A 86 1.55 -11.50 3.75
N ILE A 87 1.41 -10.17 3.56
CA ILE A 87 0.15 -9.44 3.76
C ILE A 87 -0.42 -9.04 2.38
N THR A 88 -1.63 -9.51 2.05
CA THR A 88 -2.27 -9.23 0.74
C THR A 88 -2.80 -7.77 0.66
N PRO A 89 -2.83 -7.16 -0.58
CA PRO A 89 -3.41 -5.80 -0.83
C PRO A 89 -4.76 -5.52 -0.13
N GLN A 90 -5.64 -6.54 -0.08
CA GLN A 90 -6.95 -6.47 0.60
C GLN A 90 -6.81 -6.23 2.13
N GLN A 91 -5.91 -7.00 2.76
CA GLN A 91 -5.71 -7.00 4.24
C GLN A 91 -4.93 -5.74 4.72
N ILE A 92 -3.92 -5.31 3.94
CA ILE A 92 -3.09 -4.13 4.29
C ILE A 92 -3.88 -2.81 4.10
N ALA A 93 -4.86 -2.82 3.17
CA ALA A 93 -5.74 -1.65 2.91
C ALA A 93 -6.78 -1.46 4.04
N VAL A 94 -7.43 -2.57 4.48
CA VAL A 94 -8.45 -2.54 5.56
C VAL A 94 -7.78 -2.44 6.97
N MET A 95 -6.47 -2.75 7.06
CA MET A 95 -5.67 -2.51 8.28
C MET A 95 -5.51 -0.99 8.55
N THR A 96 -5.68 -0.57 9.80
CA THR A 96 -5.54 0.86 10.20
C THR A 96 -4.06 1.30 10.23
N SER A 97 -3.82 2.61 10.05
CA SER A 97 -2.45 3.21 10.04
C SER A 97 -1.67 2.93 11.34
N GLU A 98 -2.40 2.85 12.47
CA GLU A 98 -1.83 2.47 13.79
C GLU A 98 -1.18 1.06 13.76
N GLU A 99 -1.95 0.08 13.25
CA GLU A 99 -1.53 -1.34 13.20
C GLU A 99 -0.39 -1.55 12.17
N MET A 100 -0.44 -0.80 11.05
CA MET A 100 0.63 -0.82 10.01
C MET A 100 1.97 -0.30 10.60
N ALA A 101 1.89 0.76 11.44
CA ALA A 101 3.07 1.40 12.07
C ALA A 101 3.72 0.51 13.15
N SER A 102 2.89 -0.33 13.82
CA SER A 102 3.36 -1.27 14.87
C SER A 102 4.25 -2.38 14.28
N ASP A 103 5.52 -2.43 14.74
CA ASP A 103 6.50 -3.44 14.28
C ASP A 103 6.10 -4.89 14.69
N GLU A 104 5.33 -5.00 15.77
CA GLU A 104 4.81 -6.28 16.25
C GLU A 104 3.65 -6.79 15.36
N LEU A 105 2.65 -5.92 15.12
CA LEU A 105 1.39 -6.31 14.42
C LEU A 105 1.57 -6.64 12.91
N LYS A 106 2.56 -6.02 12.24
CA LYS A 106 2.86 -6.35 10.80
C LYS A 106 3.53 -7.74 10.62
N GLU A 107 3.91 -8.38 11.74
CA GLU A 107 4.41 -9.79 11.78
C GLU A 107 3.47 -10.72 12.61
N ILE A 108 2.44 -10.14 13.28
CA ILE A 108 1.37 -10.93 13.98
C ILE A 108 0.10 -10.97 13.10
N ARG A 109 -0.03 -12.04 12.28
CA ARG A 109 -1.22 -12.28 11.43
C ARG A 109 -2.20 -13.28 12.08
N LYS A 110 -1.72 -14.51 12.35
CA LYS A 110 -2.55 -15.59 12.95
C LYS A 110 -1.92 -16.10 14.28
N ALA A 111 -0.89 -15.37 14.78
CA ALA A 111 -0.14 -15.76 16.00
C ALA A 111 -0.92 -15.35 17.27
N MET A 112 -1.58 -16.35 17.92
CA MET A 112 -2.41 -16.18 19.15
C MET A 112 -3.70 -15.34 18.89
N THR A 113 -4.03 -15.10 17.60
CA THR A 113 -5.16 -14.24 17.17
C THR A 113 -6.55 -14.81 17.64
N SER A 1 -19.61 -10.46 -11.18
CA SER A 1 -19.76 -9.79 -9.86
C SER A 1 -18.49 -9.00 -9.47
N HIS A 2 -17.32 -9.65 -9.56
CA HIS A 2 -16.01 -9.02 -9.27
C HIS A 2 -15.64 -7.97 -10.34
N MET A 3 -15.90 -6.70 -10.04
CA MET A 3 -15.49 -5.57 -10.88
C MET A 3 -14.04 -5.16 -10.54
N PRO A 4 -13.07 -5.23 -11.50
CA PRO A 4 -11.63 -4.92 -11.23
C PRO A 4 -11.36 -3.40 -11.07
N VAL A 5 -10.07 -3.00 -11.15
CA VAL A 5 -9.67 -1.59 -11.15
C VAL A 5 -10.20 -0.83 -12.41
N PRO A 6 -11.04 0.23 -12.22
CA PRO A 6 -11.37 1.16 -13.33
C PRO A 6 -10.20 2.13 -13.60
N VAL A 7 -10.19 2.75 -14.79
CA VAL A 7 -9.21 3.79 -15.14
C VAL A 7 -9.37 5.05 -14.24
N THR A 8 -8.26 5.72 -13.95
CA THR A 8 -8.25 6.94 -13.12
C THR A 8 -8.91 8.12 -13.87
N CYS A 9 -10.12 8.53 -13.41
CA CYS A 9 -10.98 9.53 -14.07
C CYS A 9 -10.26 10.88 -14.33
N ASP A 10 -9.48 11.32 -13.34
CA ASP A 10 -8.70 12.57 -13.42
C ASP A 10 -7.29 12.36 -12.82
N ALA A 11 -6.38 13.34 -13.03
CA ALA A 11 -5.04 13.38 -12.42
C ALA A 11 -5.09 13.36 -10.87
N VAL A 12 -6.27 13.71 -10.29
CA VAL A 12 -6.56 13.58 -8.84
C VAL A 12 -6.29 12.13 -8.32
N ARG A 13 -7.02 11.16 -8.90
CA ARG A 13 -6.88 9.72 -8.53
C ARG A 13 -5.56 9.13 -9.07
N ASN A 14 -5.14 9.59 -10.27
CA ASN A 14 -3.93 9.09 -10.97
C ASN A 14 -2.67 9.31 -10.12
N LYS A 15 -2.50 10.55 -9.60
CA LYS A 15 -1.33 10.94 -8.76
C LYS A 15 -1.20 10.05 -7.50
N CYS A 16 -2.36 9.64 -6.93
CA CYS A 16 -2.42 8.74 -5.76
C CYS A 16 -1.75 7.38 -6.08
N ARG A 17 -2.21 6.76 -7.18
CA ARG A 17 -1.64 5.48 -7.72
C ARG A 17 -0.11 5.59 -7.98
N GLU A 18 0.30 6.74 -8.57
CA GLU A 18 1.73 7.02 -8.92
C GLU A 18 2.64 7.04 -7.67
N MET A 19 2.19 7.75 -6.61
CA MET A 19 2.94 7.91 -5.35
C MET A 19 2.99 6.58 -4.54
N LEU A 20 1.94 5.74 -4.66
CA LEU A 20 1.91 4.38 -4.05
C LEU A 20 2.97 3.46 -4.71
N THR A 21 3.08 3.55 -6.05
CA THR A 21 4.10 2.80 -6.83
C THR A 21 5.53 3.29 -6.49
N ALA A 22 5.66 4.63 -6.34
CA ALA A 22 6.93 5.29 -5.96
C ALA A 22 7.39 4.87 -4.54
N ALA A 23 6.41 4.63 -3.64
CA ALA A 23 6.66 4.09 -2.28
C ALA A 23 7.19 2.64 -2.34
N LEU A 24 6.64 1.84 -3.28
CA LEU A 24 7.11 0.45 -3.54
C LEU A 24 8.48 0.41 -4.29
N GLN A 25 8.87 1.56 -4.88
CA GLN A 25 10.14 1.70 -5.67
C GLN A 25 11.14 2.70 -5.02
N THR A 26 10.91 3.07 -3.73
CA THR A 26 11.78 4.03 -3.01
C THR A 26 13.24 3.53 -2.83
N ASP A 27 13.40 2.22 -2.52
CA ASP A 27 14.71 1.52 -2.54
C ASP A 27 14.78 0.52 -3.72
N HIS A 28 13.74 0.56 -4.60
CA HIS A 28 13.59 -0.33 -5.78
C HIS A 28 13.53 -1.82 -5.37
N ASP A 29 12.89 -2.08 -4.21
CA ASP A 29 12.87 -3.41 -3.52
C ASP A 29 12.28 -4.54 -4.40
N HIS A 30 11.31 -4.18 -5.26
CA HIS A 30 10.62 -5.14 -6.15
C HIS A 30 11.59 -5.80 -7.17
N VAL A 31 12.71 -5.11 -7.47
CA VAL A 31 13.74 -5.59 -8.43
C VAL A 31 14.53 -6.81 -7.86
N ALA A 32 15.06 -6.65 -6.62
CA ALA A 32 15.80 -7.73 -5.90
C ALA A 32 14.96 -9.01 -5.72
N ILE A 33 13.65 -8.82 -5.54
CA ILE A 33 12.69 -9.94 -5.38
C ILE A 33 12.22 -10.48 -6.76
N GLY A 34 12.14 -9.58 -7.77
CA GLY A 34 11.72 -9.97 -9.13
C GLY A 34 10.19 -9.96 -9.34
N ALA A 35 9.47 -9.12 -8.59
CA ALA A 35 7.99 -8.94 -8.72
C ALA A 35 7.65 -7.53 -9.25
N ASP A 36 6.56 -7.42 -10.03
CA ASP A 36 6.09 -6.12 -10.57
C ASP A 36 5.23 -5.38 -9.51
N CYS A 37 5.73 -4.22 -9.04
CA CYS A 37 5.03 -3.38 -8.04
C CYS A 37 3.82 -2.61 -8.63
N GLU A 38 3.87 -2.35 -9.95
CA GLU A 38 2.90 -1.47 -10.65
C GLU A 38 1.49 -2.09 -10.73
N ARG A 39 1.45 -3.41 -10.99
CA ARG A 39 0.19 -4.20 -11.00
C ARG A 39 -0.41 -4.30 -9.57
N LEU A 40 0.48 -4.35 -8.55
CA LEU A 40 0.07 -4.46 -7.13
C LEU A 40 -0.57 -3.15 -6.62
N SER A 41 0.05 -2.00 -6.99
CA SER A 41 -0.42 -0.64 -6.60
C SER A 41 -1.78 -0.31 -7.24
N ALA A 42 -2.05 -0.87 -8.44
CA ALA A 42 -3.37 -0.76 -9.12
C ALA A 42 -4.46 -1.56 -8.36
N GLN A 43 -4.07 -2.71 -7.77
CA GLN A 43 -4.97 -3.55 -6.94
C GLN A 43 -5.20 -2.90 -5.53
N ILE A 44 -4.19 -2.19 -5.00
CA ILE A 44 -4.33 -1.35 -3.79
C ILE A 44 -5.29 -0.17 -4.08
N GLU A 45 -5.10 0.45 -5.26
CA GLU A 45 -5.88 1.61 -5.74
C GLU A 45 -7.39 1.28 -5.81
N GLU A 46 -7.77 0.16 -6.45
CA GLU A 46 -9.19 -0.24 -6.57
C GLU A 46 -9.83 -0.52 -5.19
N CYS A 47 -9.07 -1.17 -4.28
CA CYS A 47 -9.57 -1.57 -2.93
C CYS A 47 -9.88 -0.35 -2.04
N ILE A 48 -9.00 0.68 -2.04
CA ILE A 48 -9.24 1.95 -1.31
C ILE A 48 -10.31 2.81 -2.04
N PHE A 49 -10.36 2.71 -3.38
CA PHE A 49 -11.29 3.49 -4.24
C PHE A 49 -12.78 3.14 -4.00
N ARG A 50 -13.06 1.90 -3.52
CA ARG A 50 -14.45 1.41 -3.29
C ARG A 50 -15.25 2.35 -2.35
N ASP A 51 -14.81 2.41 -1.08
CA ASP A 51 -15.46 3.22 -0.03
C ASP A 51 -14.87 4.65 0.06
N VAL A 52 -13.53 4.73 0.00
CA VAL A 52 -12.78 5.98 0.30
C VAL A 52 -12.51 6.84 -0.98
N GLY A 53 -12.74 6.25 -2.18
CA GLY A 53 -12.45 6.91 -3.48
C GLY A 53 -13.43 8.03 -3.91
N ASN A 54 -14.02 8.73 -2.92
CA ASN A 54 -14.81 9.97 -3.12
C ASN A 54 -13.90 11.21 -3.34
N THR A 55 -12.56 11.00 -3.19
CA THR A 55 -11.47 12.01 -3.38
C THR A 55 -11.53 13.17 -2.35
N ASP A 56 -12.13 12.90 -1.19
CA ASP A 56 -12.10 13.80 -0.01
C ASP A 56 -10.67 13.79 0.64
N MET A 57 -10.42 14.73 1.57
CA MET A 57 -9.14 14.79 2.36
C MET A 57 -8.85 13.47 3.12
N LYS A 58 -9.92 12.70 3.43
CA LYS A 58 -9.80 11.32 3.97
C LYS A 58 -8.96 10.43 3.04
N TYR A 59 -9.32 10.43 1.75
CA TYR A 59 -8.64 9.66 0.68
C TYR A 59 -7.19 10.16 0.44
N LYS A 60 -7.03 11.49 0.37
CA LYS A 60 -5.72 12.14 0.08
C LYS A 60 -4.67 11.81 1.16
N ASN A 61 -5.06 12.03 2.43
CA ASN A 61 -4.19 11.80 3.60
C ASN A 61 -4.01 10.29 3.90
N ARG A 62 -5.01 9.45 3.51
CA ARG A 62 -4.91 7.97 3.68
C ARG A 62 -3.84 7.40 2.73
N VAL A 63 -3.85 7.86 1.46
CA VAL A 63 -2.82 7.49 0.45
C VAL A 63 -1.41 7.92 0.94
N ARG A 64 -1.29 9.18 1.39
CA ARG A 64 -0.02 9.72 1.94
C ARG A 64 0.43 8.97 3.21
N SER A 65 -0.55 8.52 4.02
CA SER A 65 -0.30 7.70 5.23
C SER A 65 0.28 6.31 4.85
N ARG A 66 -0.29 5.69 3.78
CA ARG A 66 0.21 4.41 3.23
C ARG A 66 1.71 4.55 2.88
N ILE A 67 2.01 5.56 2.04
CA ILE A 67 3.39 5.89 1.57
C ILE A 67 4.39 6.04 2.76
N SER A 68 3.95 6.79 3.80
CA SER A 68 4.75 7.05 5.01
C SER A 68 5.09 5.75 5.79
N ASN A 69 4.08 4.84 5.90
CA ASN A 69 4.25 3.54 6.60
C ASN A 69 5.11 2.55 5.77
N LEU A 70 4.99 2.62 4.43
CA LEU A 70 5.73 1.77 3.49
C LEU A 70 7.25 2.04 3.58
N LYS A 71 7.64 3.32 3.70
CA LYS A 71 9.06 3.75 3.78
C LYS A 71 9.48 4.08 5.26
N ASP A 72 8.67 3.67 6.24
CA ASP A 72 8.89 4.03 7.68
C ASP A 72 10.18 3.40 8.25
N ALA A 73 10.86 4.13 9.15
CA ALA A 73 12.12 3.69 9.77
C ALA A 73 11.94 2.45 10.69
N LYS A 74 10.77 2.37 11.37
CA LYS A 74 10.45 1.27 12.31
C LYS A 74 9.66 0.14 11.60
N ASN A 75 9.18 0.40 10.35
CA ASN A 75 8.49 -0.62 9.49
C ASN A 75 8.94 -0.49 7.98
N PRO A 76 10.27 -0.66 7.65
CA PRO A 76 10.78 -0.50 6.25
C PRO A 76 10.44 -1.69 5.33
N ASP A 77 10.41 -2.89 5.92
CA ASP A 77 10.06 -4.15 5.23
C ASP A 77 8.56 -4.27 4.90
N LEU A 78 7.71 -3.41 5.51
CA LEU A 78 6.23 -3.48 5.38
C LEU A 78 5.75 -3.50 3.89
N ARG A 79 6.33 -2.61 3.06
CA ARG A 79 6.09 -2.58 1.59
C ARG A 79 6.68 -3.82 0.90
N ARG A 80 7.86 -4.23 1.39
CA ARG A 80 8.69 -5.29 0.78
C ARG A 80 8.05 -6.69 0.98
N ASN A 81 7.26 -6.84 2.07
CA ASN A 81 6.47 -8.06 2.34
C ASN A 81 5.33 -8.24 1.31
N VAL A 82 4.76 -7.09 0.86
CA VAL A 82 3.77 -7.07 -0.25
C VAL A 82 4.46 -7.47 -1.59
N LEU A 83 5.67 -6.91 -1.80
CA LEU A 83 6.52 -7.17 -2.98
C LEU A 83 7.10 -8.62 -2.98
N CYS A 84 7.21 -9.23 -1.78
CA CYS A 84 7.72 -10.61 -1.59
C CYS A 84 6.61 -11.67 -1.78
N GLY A 85 5.34 -11.21 -1.88
CA GLY A 85 4.18 -12.09 -2.06
C GLY A 85 3.64 -12.69 -0.75
N ALA A 86 3.99 -12.07 0.39
CA ALA A 86 3.50 -12.46 1.73
C ALA A 86 2.16 -11.75 2.05
N ILE A 87 2.18 -10.41 2.04
CA ILE A 87 0.98 -9.56 2.22
C ILE A 87 0.35 -9.25 0.84
N THR A 88 -0.98 -9.42 0.70
CA THR A 88 -1.69 -9.10 -0.57
C THR A 88 -2.01 -7.58 -0.66
N PRO A 89 -2.09 -7.00 -1.91
CA PRO A 89 -2.52 -5.60 -2.14
C PRO A 89 -3.82 -5.17 -1.40
N GLN A 90 -4.81 -6.09 -1.29
CA GLN A 90 -6.07 -5.80 -0.57
C GLN A 90 -5.84 -5.70 0.96
N GLN A 91 -5.00 -6.60 1.54
CA GLN A 91 -4.67 -6.58 3.00
C GLN A 91 -4.10 -5.21 3.44
N ILE A 92 -3.05 -4.76 2.74
CA ILE A 92 -2.36 -3.50 3.05
C ILE A 92 -3.27 -2.25 2.78
N ALA A 93 -4.28 -2.43 1.90
CA ALA A 93 -5.28 -1.38 1.56
C ALA A 93 -6.46 -1.32 2.59
N VAL A 94 -6.85 -2.47 3.18
CA VAL A 94 -8.02 -2.55 4.11
C VAL A 94 -7.62 -2.30 5.58
N MET A 95 -6.41 -2.76 6.00
CA MET A 95 -5.91 -2.55 7.38
C MET A 95 -5.65 -1.05 7.65
N THR A 96 -5.89 -0.62 8.89
CA THR A 96 -5.59 0.77 9.32
C THR A 96 -4.07 0.95 9.50
N SER A 97 -3.61 2.23 9.44
CA SER A 97 -2.19 2.58 9.66
C SER A 97 -1.67 2.10 11.04
N GLU A 98 -2.58 2.06 12.02
CA GLU A 98 -2.32 1.55 13.39
C GLU A 98 -1.97 0.02 13.38
N GLU A 99 -2.69 -0.75 12.55
CA GLU A 99 -2.47 -2.22 12.40
C GLU A 99 -1.22 -2.53 11.53
N MET A 100 -0.91 -1.62 10.58
CA MET A 100 0.28 -1.71 9.70
C MET A 100 1.59 -1.52 10.51
N ALA A 101 1.57 -0.54 11.44
CA ALA A 101 2.72 -0.25 12.33
C ALA A 101 2.75 -1.19 13.57
N SER A 102 1.54 -1.59 14.03
CA SER A 102 1.31 -2.50 15.19
C SER A 102 1.81 -1.92 16.56
N ASP A 103 0.91 -1.89 17.57
CA ASP A 103 1.18 -1.29 18.89
C ASP A 103 2.30 -2.06 19.68
N GLU A 104 2.36 -3.39 19.50
CA GLU A 104 3.45 -4.23 20.05
C GLU A 104 4.81 -3.88 19.39
N LEU A 105 4.78 -3.68 18.06
CA LEU A 105 5.94 -3.28 17.26
C LEU A 105 6.29 -1.76 17.41
N LYS A 106 5.51 -1.01 18.21
CA LYS A 106 5.91 0.36 18.65
C LYS A 106 7.04 0.31 19.70
N GLU A 107 7.07 -0.76 20.51
CA GLU A 107 8.08 -0.97 21.59
C GLU A 107 9.10 -2.07 21.22
N ILE A 108 8.64 -3.17 20.62
CA ILE A 108 9.51 -4.26 20.10
C ILE A 108 10.26 -3.78 18.83
N ARG A 109 9.50 -3.14 17.92
CA ARG A 109 10.00 -2.60 16.62
C ARG A 109 10.65 -3.71 15.76
N LYS A 110 11.98 -3.88 15.90
CA LYS A 110 12.76 -4.94 15.20
C LYS A 110 13.69 -5.63 16.21
N ALA A 111 13.20 -6.73 16.81
CA ALA A 111 13.99 -7.59 17.73
C ALA A 111 15.04 -8.44 16.98
N MET A 112 15.01 -8.37 15.63
CA MET A 112 16.05 -8.96 14.75
C MET A 112 17.41 -8.23 14.93
N THR A 113 18.38 -8.89 15.58
CA THR A 113 19.73 -8.32 15.86
C THR A 113 20.81 -9.45 15.93
N SER A 1 -14.22 -6.41 -1.65
CA SER A 1 -14.76 -7.66 -2.24
C SER A 1 -14.01 -8.05 -3.53
N HIS A 2 -14.27 -9.27 -4.06
CA HIS A 2 -13.63 -9.76 -5.30
C HIS A 2 -14.08 -8.96 -6.54
N MET A 3 -13.31 -7.92 -6.88
CA MET A 3 -13.51 -7.08 -8.08
C MET A 3 -12.26 -7.16 -8.98
N PRO A 4 -12.40 -7.46 -10.32
CA PRO A 4 -11.28 -7.34 -11.29
C PRO A 4 -10.77 -5.87 -11.36
N VAL A 5 -9.43 -5.69 -11.48
CA VAL A 5 -8.77 -4.36 -11.45
C VAL A 5 -9.39 -3.36 -12.49
N PRO A 6 -10.21 -2.35 -12.02
CA PRO A 6 -10.85 -1.34 -12.91
C PRO A 6 -9.90 -0.25 -13.46
N VAL A 7 -10.49 0.65 -14.27
CA VAL A 7 -9.76 1.71 -15.03
C VAL A 7 -9.69 3.05 -14.26
N THR A 8 -8.85 3.97 -14.77
CA THR A 8 -8.72 5.35 -14.26
C THR A 8 -10.05 6.14 -14.37
N CYS A 9 -10.59 6.53 -13.20
CA CYS A 9 -11.77 7.43 -13.10
C CYS A 9 -11.31 8.83 -12.63
N ASP A 10 -11.63 9.86 -13.45
CA ASP A 10 -11.43 11.30 -13.11
C ASP A 10 -9.95 11.73 -12.92
N ALA A 11 -8.98 10.84 -13.25
CA ALA A 11 -7.51 11.05 -13.10
C ALA A 11 -6.98 11.06 -11.63
N VAL A 12 -7.88 11.34 -10.66
CA VAL A 12 -7.53 11.48 -9.21
C VAL A 12 -6.95 10.17 -8.64
N ARG A 13 -7.64 9.05 -8.93
CA ARG A 13 -7.25 7.71 -8.44
C ARG A 13 -5.96 7.19 -9.12
N ASN A 14 -5.72 7.63 -10.38
CA ASN A 14 -4.48 7.30 -11.12
C ASN A 14 -3.26 7.93 -10.42
N LYS A 15 -3.45 9.17 -9.91
CA LYS A 15 -2.40 9.87 -9.14
C LYS A 15 -2.06 9.11 -7.83
N CYS A 16 -3.10 8.64 -7.12
CA CYS A 16 -2.92 7.81 -5.91
C CYS A 16 -2.10 6.53 -6.21
N ARG A 17 -2.50 5.82 -7.28
CA ARG A 17 -1.85 4.56 -7.72
C ARG A 17 -0.36 4.77 -8.08
N GLU A 18 -0.07 5.78 -8.93
CA GLU A 18 1.30 6.03 -9.45
C GLU A 18 2.28 6.49 -8.33
N MET A 19 1.76 7.24 -7.34
CA MET A 19 2.56 7.70 -6.16
C MET A 19 2.83 6.56 -5.13
N LEU A 20 1.82 5.68 -4.90
CA LEU A 20 2.00 4.44 -4.08
C LEU A 20 3.01 3.48 -4.76
N THR A 21 2.94 3.44 -6.11
CA THR A 21 3.89 2.70 -6.96
C THR A 21 5.31 3.31 -6.86
N ALA A 22 5.38 4.66 -6.85
CA ALA A 22 6.63 5.43 -6.72
C ALA A 22 7.32 5.17 -5.36
N ALA A 23 6.52 4.89 -4.31
CA ALA A 23 7.04 4.44 -3.00
C ALA A 23 7.73 3.06 -3.12
N LEU A 24 7.12 2.15 -3.91
CA LEU A 24 7.67 0.80 -4.20
C LEU A 24 8.83 0.86 -5.24
N GLN A 25 9.06 2.03 -5.87
CA GLN A 25 10.13 2.26 -6.88
C GLN A 25 11.20 3.27 -6.40
N THR A 26 10.98 3.92 -5.24
CA THR A 26 11.83 5.07 -4.79
C THR A 26 13.28 4.66 -4.49
N ASP A 27 13.47 3.40 -4.08
CA ASP A 27 14.78 2.81 -3.75
C ASP A 27 15.19 1.77 -4.84
N HIS A 28 14.29 1.54 -5.83
CA HIS A 28 14.34 0.36 -6.75
C HIS A 28 14.18 -0.96 -5.95
N ASP A 29 13.54 -0.83 -4.78
CA ASP A 29 13.31 -1.89 -3.79
C ASP A 29 12.51 -3.09 -4.37
N HIS A 30 11.50 -2.81 -5.21
CA HIS A 30 10.71 -3.88 -5.89
C HIS A 30 11.57 -4.66 -6.93
N VAL A 31 12.53 -3.96 -7.57
CA VAL A 31 13.41 -4.56 -8.62
C VAL A 31 14.38 -5.60 -8.00
N ALA A 32 14.95 -5.23 -6.84
CA ALA A 32 15.89 -6.08 -6.07
C ALA A 32 15.19 -7.32 -5.45
N ILE A 33 13.89 -7.17 -5.10
CA ILE A 33 13.06 -8.27 -4.56
C ILE A 33 12.42 -9.12 -5.70
N GLY A 34 12.17 -8.50 -6.87
CA GLY A 34 11.47 -9.16 -7.99
C GLY A 34 9.94 -9.16 -7.82
N ALA A 35 9.36 -7.96 -7.66
CA ALA A 35 7.91 -7.76 -7.42
C ALA A 35 7.30 -6.73 -8.40
N ASP A 36 6.10 -7.05 -8.96
CA ASP A 36 5.40 -6.16 -9.91
C ASP A 36 4.76 -4.95 -9.17
N CYS A 37 5.50 -3.84 -9.08
CA CYS A 37 5.17 -2.70 -8.15
C CYS A 37 3.83 -2.02 -8.46
N GLU A 38 3.60 -1.61 -9.73
CA GLU A 38 2.35 -0.91 -10.13
C GLU A 38 1.11 -1.85 -10.02
N ARG A 39 1.38 -3.16 -10.14
CA ARG A 39 0.37 -4.24 -9.96
C ARG A 39 0.00 -4.43 -8.47
N LEU A 40 1.01 -4.44 -7.57
CA LEU A 40 0.78 -4.55 -6.10
C LEU A 40 0.05 -3.30 -5.59
N SER A 41 0.61 -2.14 -5.95
CA SER A 41 0.04 -0.80 -5.69
C SER A 41 -1.37 -0.63 -6.30
N ALA A 42 -1.63 -1.31 -7.44
CA ALA A 42 -2.99 -1.38 -8.02
C ALA A 42 -3.93 -2.13 -7.07
N GLN A 43 -3.57 -3.37 -6.73
CA GLN A 43 -4.36 -4.25 -5.85
C GLN A 43 -4.62 -3.61 -4.44
N ILE A 44 -3.71 -2.70 -4.02
CA ILE A 44 -3.90 -1.81 -2.85
C ILE A 44 -4.90 -0.67 -3.17
N GLU A 45 -4.70 0.02 -4.31
CA GLU A 45 -5.43 1.24 -4.69
C GLU A 45 -6.93 0.95 -4.96
N GLU A 46 -7.23 -0.10 -5.76
CA GLU A 46 -8.63 -0.49 -6.13
C GLU A 46 -9.52 -0.65 -4.85
N CYS A 47 -8.90 -1.15 -3.76
CA CYS A 47 -9.57 -1.36 -2.45
C CYS A 47 -9.76 -0.03 -1.65
N ILE A 48 -8.67 0.78 -1.49
CA ILE A 48 -8.74 2.07 -0.74
C ILE A 48 -9.63 3.11 -1.49
N PHE A 49 -9.73 2.95 -2.83
CA PHE A 49 -10.60 3.77 -3.68
C PHE A 49 -12.11 3.47 -3.44
N ARG A 50 -12.41 2.24 -3.01
CA ARG A 50 -13.79 1.86 -2.60
C ARG A 50 -14.17 2.53 -1.26
N ASP A 51 -13.33 2.30 -0.22
CA ASP A 51 -13.62 2.75 1.17
C ASP A 51 -13.46 4.29 1.35
N VAL A 52 -12.27 4.80 1.03
CA VAL A 52 -11.91 6.23 1.27
C VAL A 52 -11.96 7.06 -0.03
N GLY A 53 -11.86 6.37 -1.19
CA GLY A 53 -11.65 7.00 -2.51
C GLY A 53 -12.87 7.65 -3.15
N ASN A 54 -13.76 8.21 -2.32
CA ASN A 54 -14.87 9.07 -2.79
C ASN A 54 -14.36 10.49 -3.24
N THR A 55 -13.02 10.69 -3.20
CA THR A 55 -12.29 11.89 -3.74
C THR A 55 -12.75 13.22 -3.10
N ASP A 56 -13.30 13.12 -1.88
CA ASP A 56 -13.85 14.26 -1.12
C ASP A 56 -12.72 15.18 -0.52
N MET A 57 -11.83 14.60 0.31
CA MET A 57 -10.76 15.34 1.03
C MET A 57 -9.80 14.36 1.75
N LYS A 58 -10.37 13.58 2.71
CA LYS A 58 -9.60 12.62 3.57
C LYS A 58 -8.79 11.60 2.75
N TYR A 59 -9.33 11.21 1.58
CA TYR A 59 -8.68 10.30 0.61
C TYR A 59 -7.25 10.78 0.23
N LYS A 60 -7.16 12.02 -0.23
CA LYS A 60 -5.90 12.60 -0.71
C LYS A 60 -4.83 12.71 0.41
N ASN A 61 -5.28 13.02 1.65
CA ASN A 61 -4.39 13.11 2.84
C ASN A 61 -3.96 11.71 3.34
N ARG A 62 -4.86 10.71 3.21
CA ARG A 62 -4.56 9.29 3.53
C ARG A 62 -3.42 8.76 2.66
N VAL A 63 -3.51 9.04 1.35
CA VAL A 63 -2.48 8.64 0.37
C VAL A 63 -1.13 9.33 0.67
N ARG A 64 -1.14 10.67 0.87
CA ARG A 64 0.07 11.47 1.23
C ARG A 64 0.84 10.88 2.44
N SER A 65 0.10 10.59 3.53
CA SER A 65 0.67 10.00 4.76
C SER A 65 1.11 8.53 4.55
N ARG A 66 0.35 7.79 3.72
CA ARG A 66 0.57 6.34 3.48
C ARG A 66 1.94 6.10 2.79
N ILE A 67 2.17 6.88 1.72
CA ILE A 67 3.43 6.89 0.94
C ILE A 67 4.63 7.25 1.84
N SER A 68 4.43 8.24 2.73
CA SER A 68 5.46 8.70 3.70
C SER A 68 5.84 7.58 4.70
N ASN A 69 4.83 6.76 5.09
CA ASN A 69 5.01 5.58 5.98
C ASN A 69 5.66 4.39 5.23
N LEU A 70 5.40 4.30 3.91
CA LEU A 70 6.01 3.28 3.03
C LEU A 70 7.54 3.52 2.87
N LYS A 71 7.91 4.74 2.45
CA LYS A 71 9.32 5.14 2.21
C LYS A 71 10.07 5.50 3.52
N ASP A 72 9.41 5.32 4.68
CA ASP A 72 9.96 5.65 6.00
C ASP A 72 11.19 4.78 6.35
N ALA A 73 12.29 5.44 6.77
CA ALA A 73 13.55 4.77 7.15
C ALA A 73 13.44 4.05 8.52
N LYS A 74 12.49 4.50 9.37
CA LYS A 74 12.23 3.89 10.69
C LYS A 74 11.43 2.56 10.54
N ASN A 75 10.58 2.48 9.51
CA ASN A 75 9.84 1.24 9.15
C ASN A 75 9.79 1.05 7.60
N PRO A 76 10.90 0.58 6.95
CA PRO A 76 10.90 0.23 5.50
C PRO A 76 10.37 -1.20 5.22
N ASP A 77 10.26 -2.02 6.30
CA ASP A 77 9.68 -3.37 6.26
C ASP A 77 8.20 -3.36 5.81
N LEU A 78 7.52 -2.23 6.01
CA LEU A 78 6.14 -2.02 5.54
C LEU A 78 5.99 -2.31 4.01
N ARG A 79 6.98 -1.85 3.23
CA ARG A 79 7.10 -2.20 1.80
C ARG A 79 7.58 -3.66 1.61
N ARG A 80 8.68 -4.04 2.31
CA ARG A 80 9.38 -5.34 2.09
C ARG A 80 8.45 -6.57 2.25
N ASN A 81 7.54 -6.54 3.25
CA ASN A 81 6.56 -7.63 3.49
C ASN A 81 5.50 -7.74 2.35
N VAL A 82 5.13 -6.61 1.75
CA VAL A 82 4.14 -6.59 0.63
C VAL A 82 4.81 -7.06 -0.69
N LEU A 83 6.05 -6.61 -0.91
CA LEU A 83 6.87 -6.97 -2.10
C LEU A 83 7.26 -8.47 -2.11
N CYS A 84 7.50 -9.04 -0.90
CA CYS A 84 7.83 -10.48 -0.72
C CYS A 84 6.55 -11.37 -0.71
N GLY A 85 5.36 -10.74 -0.73
CA GLY A 85 4.08 -11.47 -0.77
C GLY A 85 3.63 -12.04 0.59
N ALA A 86 4.15 -11.48 1.69
CA ALA A 86 3.74 -11.84 3.07
C ALA A 86 2.36 -11.24 3.42
N ILE A 87 2.26 -9.89 3.40
CA ILE A 87 0.98 -9.18 3.62
C ILE A 87 0.21 -9.11 2.28
N THR A 88 -1.01 -9.69 2.24
CA THR A 88 -1.82 -9.75 1.00
C THR A 88 -2.46 -8.37 0.66
N PRO A 89 -2.62 -8.03 -0.66
CA PRO A 89 -3.19 -6.73 -1.16
C PRO A 89 -4.40 -6.14 -0.37
N GLN A 90 -5.35 -7.01 0.01
CA GLN A 90 -6.57 -6.60 0.75
C GLN A 90 -6.20 -6.11 2.17
N GLN A 91 -5.34 -6.90 2.86
CA GLN A 91 -4.90 -6.63 4.24
C GLN A 91 -4.12 -5.29 4.35
N ILE A 92 -3.08 -5.12 3.51
CA ILE A 92 -2.23 -3.90 3.48
C ILE A 92 -3.07 -2.64 3.13
N ALA A 93 -3.97 -2.73 2.14
CA ALA A 93 -4.78 -1.58 1.64
C ALA A 93 -5.58 -0.89 2.76
N VAL A 94 -6.23 -1.70 3.61
CA VAL A 94 -7.12 -1.23 4.70
C VAL A 94 -6.41 -1.16 6.08
N MET A 95 -5.13 -1.61 6.15
CA MET A 95 -4.36 -1.64 7.42
C MET A 95 -4.03 -0.21 7.93
N THR A 96 -4.33 0.04 9.23
CA THR A 96 -4.16 1.37 9.87
C THR A 96 -2.69 1.66 10.26
N SER A 97 -2.38 2.94 10.53
CA SER A 97 -1.02 3.39 10.97
C SER A 97 -0.58 2.72 12.29
N GLU A 98 -1.57 2.37 13.12
CA GLU A 98 -1.38 1.63 14.39
C GLU A 98 -0.81 0.22 14.12
N GLU A 99 -1.46 -0.49 13.19
CA GLU A 99 -1.11 -1.87 12.80
C GLU A 99 0.19 -1.94 11.96
N MET A 100 0.45 -0.88 11.15
CA MET A 100 1.68 -0.79 10.33
C MET A 100 2.93 -0.58 11.21
N ALA A 101 2.75 0.09 12.36
CA ALA A 101 3.83 0.33 13.35
C ALA A 101 3.85 -0.75 14.46
N SER A 102 2.89 -1.71 14.43
CA SER A 102 2.81 -2.82 15.41
C SER A 102 2.27 -4.12 14.76
N ASP A 103 3.22 -4.98 14.32
CA ASP A 103 2.93 -6.35 13.83
C ASP A 103 2.45 -7.28 14.99
N GLU A 104 2.70 -6.87 16.24
CA GLU A 104 2.25 -7.55 17.46
C GLU A 104 0.70 -7.61 17.53
N LEU A 105 0.07 -6.42 17.50
CA LEU A 105 -1.41 -6.25 17.68
C LEU A 105 -2.26 -6.90 16.55
N LYS A 106 -1.58 -7.29 15.46
CA LYS A 106 -2.21 -7.93 14.29
C LYS A 106 -2.94 -9.24 14.63
N GLU A 107 -2.26 -10.14 15.39
CA GLU A 107 -2.82 -11.46 15.76
C GLU A 107 -3.19 -11.53 17.26
N ILE A 108 -3.02 -10.43 18.00
CA ILE A 108 -3.57 -10.28 19.37
C ILE A 108 -5.04 -9.81 19.28
N ARG A 109 -5.95 -10.79 19.10
CA ARG A 109 -7.39 -10.56 18.80
C ARG A 109 -8.30 -11.42 19.69
N LYS A 110 -8.04 -12.75 19.72
CA LYS A 110 -8.75 -13.70 20.61
C LYS A 110 -8.47 -13.36 22.09
N ALA A 111 -7.17 -13.21 22.42
CA ALA A 111 -6.71 -12.74 23.74
C ALA A 111 -6.33 -11.25 23.65
N MET A 112 -7.32 -10.35 23.85
CA MET A 112 -7.10 -8.89 23.73
C MET A 112 -8.02 -8.10 24.70
N THR A 113 -7.42 -7.36 25.66
CA THR A 113 -8.14 -6.49 26.62
C THR A 113 -7.65 -5.01 26.49
N SER A 1 -19.22 -15.00 -6.15
CA SER A 1 -17.82 -14.63 -6.52
C SER A 1 -17.41 -13.26 -5.92
N HIS A 2 -16.14 -12.87 -6.14
CA HIS A 2 -15.58 -11.58 -5.65
C HIS A 2 -15.79 -10.45 -6.69
N MET A 3 -15.88 -9.19 -6.20
CA MET A 3 -15.92 -7.99 -7.06
C MET A 3 -14.50 -7.71 -7.61
N PRO A 4 -14.24 -7.92 -8.96
CA PRO A 4 -12.87 -7.82 -9.54
C PRO A 4 -12.31 -6.37 -9.52
N VAL A 5 -11.06 -6.23 -10.01
CA VAL A 5 -10.28 -4.96 -9.94
C VAL A 5 -10.93 -3.87 -10.86
N PRO A 6 -11.47 -2.73 -10.27
CA PRO A 6 -12.09 -1.62 -11.04
C PRO A 6 -11.13 -0.90 -12.05
N VAL A 7 -11.70 0.04 -12.80
CA VAL A 7 -10.97 0.87 -13.80
C VAL A 7 -10.71 2.30 -13.26
N THR A 8 -9.81 3.05 -13.92
CA THR A 8 -9.47 4.44 -13.54
C THR A 8 -10.59 5.43 -13.93
N CYS A 9 -10.89 6.39 -13.02
CA CYS A 9 -11.95 7.41 -13.24
C CYS A 9 -11.38 8.67 -13.92
N ASP A 10 -10.49 9.37 -13.20
CA ASP A 10 -9.94 10.68 -13.63
C ASP A 10 -8.45 10.81 -13.19
N ALA A 11 -7.75 11.83 -13.73
CA ALA A 11 -6.31 12.09 -13.46
C ALA A 11 -5.98 12.34 -11.97
N VAL A 12 -7.01 12.67 -11.15
CA VAL A 12 -6.87 12.82 -9.68
C VAL A 12 -6.34 11.50 -9.06
N ARG A 13 -7.11 10.41 -9.20
CA ARG A 13 -6.74 9.09 -8.65
C ARG A 13 -5.57 8.46 -9.45
N ASN A 14 -5.53 8.70 -10.78
CA ASN A 14 -4.47 8.15 -11.66
C ASN A 14 -3.06 8.56 -11.16
N LYS A 15 -2.86 9.86 -10.91
CA LYS A 15 -1.58 10.40 -10.40
C LYS A 15 -1.26 9.88 -8.98
N CYS A 16 -2.32 9.67 -8.17
CA CYS A 16 -2.18 9.11 -6.80
C CYS A 16 -1.63 7.65 -6.84
N ARG A 17 -2.12 6.83 -7.80
CA ARG A 17 -1.58 5.48 -8.08
C ARG A 17 -0.09 5.55 -8.47
N GLU A 18 0.25 6.50 -9.35
CA GLU A 18 1.65 6.73 -9.80
C GLU A 18 2.58 7.10 -8.61
N MET A 19 2.04 7.85 -7.62
CA MET A 19 2.78 8.22 -6.39
C MET A 19 2.90 7.03 -5.40
N LEU A 20 1.89 6.11 -5.38
CA LEU A 20 1.97 4.84 -4.62
C LEU A 20 3.05 3.90 -5.23
N THR A 21 3.14 3.92 -6.58
CA THR A 21 4.20 3.22 -7.34
C THR A 21 5.58 3.84 -7.02
N ALA A 22 5.62 5.19 -6.94
CA ALA A 22 6.85 5.96 -6.59
C ALA A 22 7.37 5.61 -5.18
N ALA A 23 6.43 5.27 -4.26
CA ALA A 23 6.75 4.74 -2.92
C ALA A 23 7.32 3.30 -3.01
N LEU A 24 6.69 2.46 -3.86
CA LEU A 24 7.10 1.04 -4.06
C LEU A 24 8.37 0.87 -4.95
N GLN A 25 8.84 1.97 -5.58
CA GLN A 25 10.10 1.98 -6.37
C GLN A 25 11.09 3.05 -5.83
N THR A 26 10.86 3.51 -4.58
CA THR A 26 11.67 4.61 -3.94
C THR A 26 13.18 4.30 -3.87
N ASP A 27 13.52 3.00 -3.85
CA ASP A 27 14.92 2.53 -3.82
C ASP A 27 15.18 1.50 -4.95
N HIS A 28 14.19 1.36 -5.87
CA HIS A 28 14.12 0.25 -6.87
C HIS A 28 14.11 -1.14 -6.14
N ASP A 29 13.68 -1.11 -4.88
CA ASP A 29 13.76 -2.21 -3.90
C ASP A 29 12.98 -3.49 -4.32
N HIS A 30 11.94 -3.31 -5.16
CA HIS A 30 11.17 -4.44 -5.75
C HIS A 30 12.07 -5.42 -6.55
N VAL A 31 13.19 -4.92 -7.10
CA VAL A 31 14.17 -5.73 -7.89
C VAL A 31 14.90 -6.78 -7.00
N ALA A 32 15.22 -6.38 -5.75
CA ALA A 32 15.88 -7.25 -4.74
C ALA A 32 15.07 -8.53 -4.41
N ILE A 33 13.73 -8.41 -4.50
CA ILE A 33 12.78 -9.53 -4.26
C ILE A 33 12.27 -10.13 -5.62
N GLY A 34 12.32 -9.31 -6.68
CA GLY A 34 11.81 -9.69 -8.01
C GLY A 34 10.30 -9.50 -8.17
N ALA A 35 9.72 -8.54 -7.42
CA ALA A 35 8.27 -8.26 -7.41
C ALA A 35 7.86 -7.19 -8.45
N ASP A 36 6.61 -7.28 -8.94
CA ASP A 36 6.00 -6.29 -9.85
C ASP A 36 5.27 -5.19 -9.02
N CYS A 37 6.03 -4.14 -8.65
CA CYS A 37 5.59 -3.10 -7.70
C CYS A 37 4.46 -2.20 -8.25
N GLU A 38 4.52 -1.84 -9.54
CA GLU A 38 3.47 -1.00 -10.19
C GLU A 38 2.11 -1.76 -10.30
N ARG A 39 2.19 -3.09 -10.48
CA ARG A 39 1.01 -3.98 -10.50
C ARG A 39 0.40 -4.05 -9.08
N LEU A 40 1.27 -4.16 -8.04
CA LEU A 40 0.84 -4.12 -6.62
C LEU A 40 0.12 -2.79 -6.30
N SER A 41 0.70 -1.67 -6.76
CA SER A 41 0.15 -0.30 -6.54
C SER A 41 -1.30 -0.15 -7.07
N ALA A 42 -1.55 -0.75 -8.25
CA ALA A 42 -2.89 -0.79 -8.86
C ALA A 42 -3.90 -1.55 -7.95
N GLN A 43 -3.48 -2.73 -7.46
CA GLN A 43 -4.29 -3.60 -6.57
C GLN A 43 -4.61 -2.90 -5.21
N ILE A 44 -3.58 -2.28 -4.59
CA ILE A 44 -3.69 -1.57 -3.29
C ILE A 44 -4.70 -0.41 -3.39
N GLU A 45 -4.53 0.44 -4.42
CA GLU A 45 -5.40 1.61 -4.64
C GLU A 45 -6.86 1.19 -4.90
N GLU A 46 -7.07 0.22 -5.80
CA GLU A 46 -8.42 -0.23 -6.21
C GLU A 46 -9.24 -0.85 -5.04
N CYS A 47 -8.55 -1.51 -4.08
CA CYS A 47 -9.18 -2.00 -2.83
C CYS A 47 -9.78 -0.85 -1.97
N ILE A 48 -8.95 0.19 -1.72
CA ILE A 48 -9.37 1.38 -0.90
C ILE A 48 -10.29 2.35 -1.71
N PHE A 49 -10.15 2.32 -3.05
CA PHE A 49 -10.86 3.25 -3.99
C PHE A 49 -12.40 3.10 -3.93
N ARG A 50 -12.87 1.88 -3.62
CA ARG A 50 -14.30 1.53 -3.65
C ARG A 50 -15.14 2.44 -2.70
N ASP A 51 -14.69 2.58 -1.44
CA ASP A 51 -15.31 3.53 -0.46
C ASP A 51 -14.67 4.94 -0.51
N VAL A 52 -13.34 4.97 -0.33
CA VAL A 52 -12.56 6.21 -0.07
C VAL A 52 -12.27 7.02 -1.37
N GLY A 53 -12.26 6.34 -2.53
CA GLY A 53 -11.90 6.97 -3.82
C GLY A 53 -12.97 7.90 -4.44
N ASN A 54 -13.85 8.44 -3.58
CA ASN A 54 -14.76 9.58 -3.89
C ASN A 54 -13.99 10.90 -4.18
N THR A 55 -12.70 10.94 -3.76
CA THR A 55 -11.71 12.03 -4.03
C THR A 55 -12.13 13.42 -3.48
N ASP A 56 -13.06 13.46 -2.50
CA ASP A 56 -13.49 14.71 -1.84
C ASP A 56 -12.33 15.36 -1.03
N MET A 57 -11.90 14.68 0.05
CA MET A 57 -10.76 15.15 0.90
C MET A 57 -10.06 13.96 1.62
N LYS A 58 -10.88 13.03 2.14
CA LYS A 58 -10.38 11.84 2.86
C LYS A 58 -9.33 11.04 2.05
N TYR A 59 -9.64 10.80 0.75
CA TYR A 59 -8.77 10.06 -0.19
C TYR A 59 -7.35 10.68 -0.29
N LYS A 60 -7.30 12.01 -0.43
CA LYS A 60 -6.03 12.78 -0.53
C LYS A 60 -5.10 12.50 0.67
N ASN A 61 -5.70 12.51 1.88
CA ASN A 61 -4.96 12.26 3.14
C ASN A 61 -4.51 10.78 3.25
N ARG A 62 -5.37 9.84 2.82
CA ARG A 62 -5.08 8.37 2.89
C ARG A 62 -3.92 7.97 1.95
N VAL A 63 -3.82 8.66 0.79
CA VAL A 63 -2.70 8.47 -0.17
C VAL A 63 -1.36 8.90 0.46
N ARG A 64 -1.32 10.10 1.08
CA ARG A 64 -0.12 10.62 1.79
C ARG A 64 0.31 9.66 2.92
N SER A 65 -0.68 9.20 3.71
CA SER A 65 -0.48 8.25 4.83
C SER A 65 0.06 6.89 4.35
N ARG A 66 -0.44 6.42 3.18
CA ARG A 66 -0.04 5.12 2.60
C ARG A 66 1.43 5.16 2.14
N ILE A 67 1.76 6.17 1.31
CA ILE A 67 3.14 6.45 0.84
C ILE A 67 4.13 6.61 2.02
N SER A 68 3.67 7.34 3.07
CA SER A 68 4.45 7.57 4.32
C SER A 68 4.83 6.25 5.00
N ASN A 69 3.84 5.36 5.19
CA ASN A 69 4.04 4.04 5.84
C ASN A 69 4.91 3.09 4.99
N LEU A 70 4.83 3.22 3.64
CA LEU A 70 5.64 2.44 2.70
C LEU A 70 7.15 2.79 2.81
N LYS A 71 7.46 4.09 2.97
CA LYS A 71 8.86 4.59 3.11
C LYS A 71 9.21 4.93 4.59
N ASP A 72 8.38 4.47 5.55
CA ASP A 72 8.49 4.82 6.99
C ASP A 72 9.81 4.30 7.64
N ALA A 73 10.41 5.12 8.51
CA ALA A 73 11.70 4.80 9.18
C ALA A 73 11.48 4.00 10.50
N LYS A 74 10.25 4.05 11.07
CA LYS A 74 9.91 3.32 12.31
C LYS A 74 9.41 1.89 12.02
N ASN A 75 8.90 1.67 10.79
CA ASN A 75 8.48 0.32 10.31
C ASN A 75 8.82 0.18 8.79
N PRO A 76 10.14 0.02 8.43
CA PRO A 76 10.63 0.01 7.01
C PRO A 76 10.34 -1.30 6.25
N ASP A 77 10.23 -2.40 7.01
CA ASP A 77 10.01 -3.76 6.45
C ASP A 77 8.63 -3.92 5.77
N LEU A 78 7.68 -3.01 6.07
CA LEU A 78 6.28 -3.06 5.57
C LEU A 78 6.20 -3.22 4.05
N ARG A 79 6.91 -2.32 3.34
CA ARG A 79 6.95 -2.26 1.86
C ARG A 79 7.47 -3.59 1.26
N ARG A 80 8.49 -4.14 1.91
CA ARG A 80 9.16 -5.41 1.51
C ARG A 80 8.23 -6.64 1.72
N ASN A 81 7.37 -6.59 2.75
CA ASN A 81 6.38 -7.66 3.03
C ASN A 81 5.24 -7.69 1.98
N VAL A 82 4.87 -6.50 1.47
CA VAL A 82 3.89 -6.36 0.36
C VAL A 82 4.49 -6.94 -0.96
N LEU A 83 5.79 -6.66 -1.19
CA LEU A 83 6.57 -7.21 -2.33
C LEU A 83 6.70 -8.76 -2.25
N CYS A 84 6.83 -9.29 -1.03
CA CYS A 84 6.93 -10.75 -0.77
C CYS A 84 5.53 -11.44 -0.77
N GLY A 85 4.46 -10.64 -0.70
CA GLY A 85 3.08 -11.16 -0.70
C GLY A 85 2.61 -11.67 0.66
N ALA A 86 3.33 -11.28 1.74
CA ALA A 86 2.93 -11.56 3.14
C ALA A 86 1.67 -10.75 3.52
N ILE A 87 1.62 -9.49 3.04
CA ILE A 87 0.46 -8.59 3.23
C ILE A 87 -0.35 -8.51 1.92
N THR A 88 -1.68 -8.72 2.01
CA THR A 88 -2.59 -8.64 0.84
C THR A 88 -2.91 -7.16 0.48
N PRO A 89 -3.21 -6.84 -0.84
CA PRO A 89 -3.65 -5.49 -1.28
C PRO A 89 -4.80 -4.88 -0.45
N GLN A 90 -5.72 -5.76 0.01
CA GLN A 90 -6.88 -5.38 0.85
C GLN A 90 -6.43 -4.89 2.26
N GLN A 91 -5.50 -5.64 2.87
CA GLN A 91 -4.94 -5.33 4.22
C GLN A 91 -4.17 -3.99 4.22
N ILE A 92 -3.16 -3.88 3.33
CA ILE A 92 -2.28 -2.69 3.25
C ILE A 92 -3.06 -1.40 2.85
N ALA A 93 -4.08 -1.53 1.99
CA ALA A 93 -4.88 -0.37 1.50
C ALA A 93 -5.58 0.40 2.66
N VAL A 94 -6.24 -0.35 3.56
CA VAL A 94 -7.01 0.21 4.68
C VAL A 94 -6.21 0.17 6.01
N MET A 95 -4.91 -0.20 5.94
CA MET A 95 -4.03 -0.32 7.12
C MET A 95 -3.83 1.03 7.84
N THR A 96 -4.07 1.05 9.17
CA THR A 96 -3.92 2.25 10.01
C THR A 96 -2.48 2.35 10.57
N SER A 97 -2.08 3.56 11.00
CA SER A 97 -0.73 3.83 11.59
C SER A 97 -0.47 2.98 12.86
N GLU A 98 -1.53 2.76 13.66
CA GLU A 98 -1.49 1.97 14.90
C GLU A 98 -1.20 0.47 14.61
N GLU A 99 -1.98 -0.08 13.67
CA GLU A 99 -1.88 -1.48 13.20
C GLU A 99 -0.53 -1.77 12.49
N MET A 100 -0.10 -0.79 11.67
CA MET A 100 1.13 -0.87 10.84
C MET A 100 2.41 -0.89 11.71
N ALA A 101 2.52 0.10 12.60
CA ALA A 101 3.72 0.33 13.44
C ALA A 101 3.73 -0.54 14.73
N SER A 102 2.77 -1.46 14.87
CA SER A 102 2.68 -2.34 16.06
C SER A 102 3.82 -3.38 16.10
N ASP A 103 4.77 -3.19 17.04
CA ASP A 103 5.91 -4.11 17.25
C ASP A 103 5.44 -5.50 17.78
N GLU A 104 4.24 -5.55 18.39
CA GLU A 104 3.66 -6.80 18.93
C GLU A 104 3.03 -7.65 17.81
N LEU A 105 2.16 -7.02 16.98
CA LEU A 105 1.31 -7.74 15.98
C LEU A 105 2.11 -8.36 14.78
N LYS A 106 3.44 -8.12 14.73
CA LYS A 106 4.34 -8.66 13.68
C LYS A 106 4.25 -10.21 13.55
N GLU A 107 4.06 -10.91 14.68
CA GLU A 107 3.97 -12.39 14.74
C GLU A 107 2.70 -12.89 15.49
N ILE A 108 1.71 -12.00 15.70
CA ILE A 108 0.43 -12.38 16.34
C ILE A 108 -0.60 -12.83 15.26
N ARG A 109 -1.01 -14.11 15.32
CA ARG A 109 -1.97 -14.72 14.36
C ARG A 109 -3.41 -14.21 14.65
N LYS A 110 -4.01 -13.53 13.65
CA LYS A 110 -5.36 -12.91 13.68
C LYS A 110 -5.38 -11.64 14.57
N ALA A 111 -5.09 -11.82 15.89
CA ALA A 111 -4.93 -10.74 16.90
C ALA A 111 -6.28 -10.17 17.42
N MET A 112 -7.18 -9.81 16.51
CA MET A 112 -8.49 -9.18 16.84
C MET A 112 -9.45 -10.18 17.54
N THR A 113 -9.94 -11.18 16.78
CA THR A 113 -10.93 -12.18 17.25
C THR A 113 -10.42 -13.64 17.02
N SER A 1 -3.66 -16.29 -14.78
CA SER A 1 -4.11 -14.88 -14.59
C SER A 1 -5.59 -14.84 -14.19
N HIS A 2 -5.93 -14.05 -13.15
CA HIS A 2 -7.32 -13.84 -12.69
C HIS A 2 -7.43 -12.51 -11.93
N MET A 3 -8.52 -11.75 -12.17
CA MET A 3 -8.73 -10.37 -11.69
C MET A 3 -7.66 -9.40 -12.26
N PRO A 4 -7.94 -8.74 -13.44
CA PRO A 4 -7.01 -7.74 -14.04
C PRO A 4 -6.95 -6.42 -13.22
N VAL A 5 -5.83 -5.68 -13.36
CA VAL A 5 -5.67 -4.36 -12.70
C VAL A 5 -6.47 -3.25 -13.44
N PRO A 6 -6.91 -2.16 -12.73
CA PRO A 6 -7.68 -1.06 -13.35
C PRO A 6 -6.81 -0.13 -14.24
N VAL A 7 -7.48 0.53 -15.18
CA VAL A 7 -6.90 1.62 -15.97
C VAL A 7 -6.99 2.95 -15.19
N THR A 8 -6.27 3.99 -15.66
CA THR A 8 -6.33 5.34 -15.08
C THR A 8 -7.77 5.92 -15.21
N CYS A 9 -8.52 5.84 -14.09
CA CYS A 9 -9.94 6.29 -14.00
C CYS A 9 -10.08 7.78 -14.31
N ASP A 10 -9.28 8.59 -13.59
CA ASP A 10 -9.38 10.06 -13.63
C ASP A 10 -8.05 10.71 -13.17
N ALA A 11 -8.04 12.06 -13.04
CA ALA A 11 -6.86 12.84 -12.64
C ALA A 11 -6.34 12.47 -11.23
N VAL A 12 -7.26 12.20 -10.29
CA VAL A 12 -6.92 11.83 -8.90
C VAL A 12 -6.32 10.41 -8.86
N ARG A 13 -7.01 9.47 -9.56
CA ARG A 13 -6.61 8.04 -9.59
C ARG A 13 -5.20 7.84 -10.19
N ASN A 14 -4.85 8.71 -11.17
CA ASN A 14 -3.52 8.74 -11.80
C ASN A 14 -2.42 8.99 -10.75
N LYS A 15 -2.59 10.09 -10.02
CA LYS A 15 -1.60 10.56 -9.03
C LYS A 15 -1.53 9.63 -7.80
N CYS A 16 -2.69 9.19 -7.29
CA CYS A 16 -2.75 8.29 -6.12
C CYS A 16 -2.06 6.93 -6.40
N ARG A 17 -2.30 6.37 -7.61
CA ARG A 17 -1.64 5.11 -8.05
C ARG A 17 -0.11 5.26 -8.19
N GLU A 18 0.34 6.30 -8.93
CA GLU A 18 1.79 6.50 -9.23
C GLU A 18 2.61 6.87 -7.96
N MET A 19 2.00 7.60 -7.01
CA MET A 19 2.67 8.01 -5.75
C MET A 19 2.80 6.85 -4.73
N LEU A 20 1.83 5.91 -4.73
CA LEU A 20 1.92 4.65 -3.94
C LEU A 20 2.98 3.71 -4.57
N THR A 21 3.02 3.68 -5.91
CA THR A 21 4.09 2.98 -6.68
C THR A 21 5.48 3.62 -6.38
N ALA A 22 5.50 4.96 -6.21
CA ALA A 22 6.71 5.74 -5.85
C ALA A 22 7.22 5.40 -4.43
N ALA A 23 6.26 5.15 -3.51
CA ALA A 23 6.56 4.67 -2.13
C ALA A 23 7.14 3.24 -2.13
N LEU A 24 6.79 2.45 -3.16
CA LEU A 24 7.31 1.07 -3.36
C LEU A 24 8.70 1.07 -4.06
N GLN A 25 8.97 2.09 -4.90
CA GLN A 25 10.28 2.23 -5.65
C GLN A 25 11.20 3.31 -5.02
N THR A 26 10.86 3.75 -3.79
CA THR A 26 11.63 4.77 -3.03
C THR A 26 13.12 4.37 -2.83
N ASP A 27 13.36 3.06 -2.61
CA ASP A 27 14.72 2.47 -2.61
C ASP A 27 14.92 1.64 -3.92
N HIS A 28 14.54 0.34 -3.92
CA HIS A 28 14.65 -0.52 -5.14
C HIS A 28 14.02 -1.94 -4.92
N ASP A 29 13.18 -2.04 -3.89
CA ASP A 29 12.73 -3.32 -3.26
C ASP A 29 12.07 -4.33 -4.23
N HIS A 30 11.23 -3.82 -5.15
CA HIS A 30 10.41 -4.67 -6.07
C HIS A 30 11.30 -5.50 -7.03
N VAL A 31 12.52 -5.01 -7.31
CA VAL A 31 13.50 -5.68 -8.21
C VAL A 31 14.12 -6.93 -7.53
N ALA A 32 14.57 -6.76 -6.26
CA ALA A 32 15.16 -7.87 -5.44
C ALA A 32 14.15 -9.00 -5.18
N ILE A 33 12.86 -8.66 -5.13
CA ILE A 33 11.75 -9.63 -4.98
C ILE A 33 11.28 -10.18 -6.35
N GLY A 34 11.40 -9.35 -7.41
CA GLY A 34 10.98 -9.73 -8.77
C GLY A 34 9.47 -9.64 -9.00
N ALA A 35 8.86 -8.52 -8.54
CA ALA A 35 7.41 -8.27 -8.68
C ALA A 35 7.15 -6.80 -9.08
N ASP A 36 6.35 -6.57 -10.13
CA ASP A 36 6.03 -5.21 -10.62
C ASP A 36 5.17 -4.42 -9.59
N CYS A 37 5.72 -3.31 -9.09
CA CYS A 37 5.09 -2.49 -8.03
C CYS A 37 3.87 -1.68 -8.54
N GLU A 38 3.81 -1.41 -9.87
CA GLU A 38 2.71 -0.63 -10.49
C GLU A 38 1.35 -1.37 -10.41
N ARG A 39 1.34 -2.66 -10.79
CA ARG A 39 0.13 -3.51 -10.78
C ARG A 39 -0.38 -3.78 -9.35
N LEU A 40 0.57 -3.93 -8.40
CA LEU A 40 0.25 -4.12 -6.97
C LEU A 40 -0.43 -2.87 -6.39
N SER A 41 0.16 -1.69 -6.70
CA SER A 41 -0.40 -0.37 -6.32
C SER A 41 -1.77 -0.09 -6.99
N ALA A 42 -1.96 -0.64 -8.21
CA ALA A 42 -3.24 -0.55 -8.95
C ALA A 42 -4.36 -1.35 -8.23
N GLN A 43 -4.01 -2.53 -7.71
CA GLN A 43 -4.95 -3.35 -6.91
C GLN A 43 -5.24 -2.71 -5.52
N ILE A 44 -4.24 -1.97 -4.96
CA ILE A 44 -4.44 -1.15 -3.73
C ILE A 44 -5.51 -0.06 -3.98
N GLU A 45 -5.43 0.58 -5.16
CA GLU A 45 -6.41 1.62 -5.61
C GLU A 45 -7.86 1.09 -5.66
N GLU A 46 -8.05 -0.15 -6.14
CA GLU A 46 -9.38 -0.83 -6.14
C GLU A 46 -9.89 -1.08 -4.71
N CYS A 47 -9.02 -1.70 -3.88
CA CYS A 47 -9.36 -2.11 -2.51
C CYS A 47 -9.65 -0.91 -1.58
N ILE A 48 -8.94 0.22 -1.79
CA ILE A 48 -9.17 1.46 -1.02
C ILE A 48 -10.43 2.19 -1.55
N PHE A 49 -10.67 2.12 -2.89
CA PHE A 49 -11.82 2.80 -3.55
C PHE A 49 -13.20 2.26 -3.07
N ARG A 50 -13.27 1.00 -2.63
CA ARG A 50 -14.55 0.40 -2.18
C ARG A 50 -15.03 1.02 -0.83
N ASP A 51 -14.10 1.28 0.09
CA ASP A 51 -14.39 1.92 1.40
C ASP A 51 -14.37 3.47 1.30
N VAL A 52 -13.43 3.98 0.51
CA VAL A 52 -13.00 5.41 0.53
C VAL A 52 -13.43 6.20 -0.75
N GLY A 53 -13.94 5.47 -1.77
CA GLY A 53 -14.24 6.02 -3.12
C GLY A 53 -15.27 7.16 -3.22
N ASN A 54 -15.77 7.65 -2.07
CA ASN A 54 -16.52 8.93 -1.97
C ASN A 54 -15.58 10.17 -2.10
N THR A 55 -14.26 9.91 -2.32
CA THR A 55 -13.17 10.89 -2.38
C THR A 55 -13.03 11.65 -1.03
N ASP A 56 -13.45 12.95 -0.96
CA ASP A 56 -13.33 13.78 0.26
C ASP A 56 -11.83 13.95 0.71
N MET A 57 -11.57 14.68 1.82
CA MET A 57 -10.24 14.73 2.48
C MET A 57 -9.78 13.32 2.95
N LYS A 58 -10.75 12.40 3.16
CA LYS A 58 -10.47 11.01 3.61
C LYS A 58 -9.50 10.30 2.61
N TYR A 59 -9.82 10.34 1.32
CA TYR A 59 -9.00 9.71 0.25
C TYR A 59 -7.64 10.41 0.09
N LYS A 60 -7.69 11.73 -0.06
CA LYS A 60 -6.52 12.59 -0.37
C LYS A 60 -5.42 12.53 0.72
N ASN A 61 -5.85 12.58 2.00
CA ASN A 61 -4.93 12.58 3.16
C ASN A 61 -4.37 11.17 3.47
N ARG A 62 -5.21 10.11 3.36
CA ARG A 62 -4.78 8.71 3.65
C ARG A 62 -3.72 8.21 2.65
N VAL A 63 -3.86 8.60 1.36
CA VAL A 63 -2.87 8.25 0.30
C VAL A 63 -1.50 8.91 0.59
N ARG A 64 -1.47 10.26 0.76
CA ARG A 64 -0.20 11.03 0.99
C ARG A 64 0.51 10.59 2.31
N SER A 65 -0.27 10.20 3.32
CA SER A 65 0.24 9.73 4.63
C SER A 65 0.95 8.37 4.52
N ARG A 66 0.28 7.39 3.86
CA ARG A 66 0.81 6.02 3.69
C ARG A 66 2.15 5.98 2.93
N ILE A 67 2.38 6.93 2.00
CA ILE A 67 3.66 7.08 1.27
C ILE A 67 4.87 7.16 2.25
N SER A 68 4.76 8.04 3.28
CA SER A 68 5.83 8.26 4.28
C SER A 68 6.04 7.01 5.18
N ASN A 69 4.93 6.32 5.50
CA ASN A 69 4.94 5.06 6.30
C ASN A 69 5.63 3.89 5.54
N LEU A 70 5.36 3.81 4.23
CA LEU A 70 5.94 2.77 3.35
C LEU A 70 7.47 2.95 3.18
N LYS A 71 7.90 4.21 2.98
CA LYS A 71 9.34 4.55 2.78
C LYS A 71 10.10 4.75 4.11
N ASP A 72 9.41 4.64 5.26
CA ASP A 72 10.01 4.91 6.58
C ASP A 72 10.99 3.77 7.00
N ALA A 73 12.10 4.16 7.67
CA ALA A 73 13.21 3.24 8.03
C ALA A 73 12.84 2.25 9.16
N LYS A 74 11.76 2.54 9.91
CA LYS A 74 11.28 1.65 11.00
C LYS A 74 10.62 0.38 10.41
N ASN A 75 9.75 0.58 9.40
CA ASN A 75 9.05 -0.53 8.68
C ASN A 75 9.30 -0.48 7.14
N PRO A 76 10.52 -0.90 6.64
CA PRO A 76 10.74 -1.16 5.20
C PRO A 76 10.12 -2.53 4.76
N ASP A 77 10.02 -3.46 5.74
CA ASP A 77 9.36 -4.78 5.55
C ASP A 77 7.84 -4.65 5.33
N LEU A 78 7.27 -3.49 5.71
CA LEU A 78 5.84 -3.18 5.46
C LEU A 78 5.52 -3.21 3.95
N ARG A 79 6.26 -2.41 3.16
CA ARG A 79 6.09 -2.35 1.69
C ARG A 79 6.67 -3.62 1.01
N ARG A 80 7.77 -4.16 1.58
CA ARG A 80 8.45 -5.40 1.10
C ARG A 80 7.49 -6.61 1.11
N ASN A 81 6.67 -6.74 2.18
CA ASN A 81 5.67 -7.84 2.30
C ASN A 81 4.51 -7.67 1.29
N VAL A 82 4.16 -6.41 0.95
CA VAL A 82 3.15 -6.12 -0.11
C VAL A 82 3.69 -6.57 -1.50
N LEU A 83 4.99 -6.26 -1.74
CA LEU A 83 5.71 -6.63 -2.98
C LEU A 83 5.95 -8.16 -3.07
N CYS A 84 6.12 -8.82 -1.91
CA CYS A 84 6.34 -10.28 -1.81
C CYS A 84 5.02 -11.06 -1.80
N GLY A 85 3.89 -10.35 -1.56
CA GLY A 85 2.54 -10.96 -1.53
C GLY A 85 2.15 -11.54 -0.16
N ALA A 86 2.96 -11.28 0.87
CA ALA A 86 2.64 -11.64 2.27
C ALA A 86 1.47 -10.78 2.80
N ILE A 87 1.62 -9.45 2.71
CA ILE A 87 0.52 -8.49 2.91
C ILE A 87 -0.17 -8.23 1.54
N THR A 88 -1.49 -8.48 1.46
CA THR A 88 -2.25 -8.28 0.21
C THR A 88 -2.50 -6.75 -0.05
N PRO A 89 -2.68 -6.33 -1.34
CA PRO A 89 -3.12 -4.96 -1.69
C PRO A 89 -4.43 -4.50 -0.97
N GLN A 90 -5.25 -5.49 -0.52
CA GLN A 90 -6.43 -5.22 0.31
C GLN A 90 -6.03 -4.83 1.74
N GLN A 91 -5.11 -5.62 2.35
CA GLN A 91 -4.66 -5.42 3.74
C GLN A 91 -4.04 -4.05 3.95
N ILE A 92 -3.06 -3.68 3.11
CA ILE A 92 -2.37 -2.37 3.21
C ILE A 92 -3.35 -1.16 2.95
N ALA A 93 -4.46 -1.45 2.24
CA ALA A 93 -5.53 -0.44 1.95
C ALA A 93 -6.54 -0.29 3.14
N VAL A 94 -6.80 -1.38 3.89
CA VAL A 94 -7.78 -1.38 5.00
C VAL A 94 -7.12 -1.13 6.40
N MET A 95 -5.82 -1.48 6.55
CA MET A 95 -5.08 -1.33 7.83
C MET A 95 -4.66 0.14 8.07
N THR A 96 -4.88 0.64 9.29
CA THR A 96 -4.35 1.94 9.76
C THR A 96 -2.85 1.82 10.08
N SER A 97 -2.16 2.97 10.23
CA SER A 97 -0.70 3.06 10.51
C SER A 97 -0.27 2.29 11.80
N GLU A 98 -1.21 2.08 12.74
CA GLU A 98 -0.98 1.29 13.98
C GLU A 98 -0.84 -0.23 13.66
N GLU A 99 -1.73 -0.73 12.77
CA GLU A 99 -1.69 -2.14 12.25
C GLU A 99 -0.50 -2.33 11.27
N MET A 100 -0.20 -1.27 10.50
CA MET A 100 0.95 -1.23 9.57
C MET A 100 2.30 -1.23 10.34
N ALA A 101 2.28 -0.69 11.58
CA ALA A 101 3.42 -0.79 12.53
C ALA A 101 3.40 -2.14 13.29
N SER A 102 2.18 -2.71 13.46
CA SER A 102 1.92 -3.97 14.23
C SER A 102 2.23 -3.80 15.73
N ASP A 103 1.48 -2.87 16.35
CA ASP A 103 1.69 -2.38 17.75
C ASP A 103 1.77 -3.54 18.81
N GLU A 104 0.93 -4.56 18.64
CA GLU A 104 0.87 -5.73 19.54
C GLU A 104 2.11 -6.64 19.37
N LEU A 105 2.54 -6.83 18.11
CA LEU A 105 3.71 -7.66 17.73
C LEU A 105 5.04 -7.02 18.18
N LYS A 106 5.03 -5.73 18.58
CA LYS A 106 6.24 -5.01 19.07
C LYS A 106 6.68 -5.48 20.48
N GLU A 107 5.92 -6.42 21.08
CA GLU A 107 6.32 -7.12 22.32
C GLU A 107 6.25 -8.67 22.16
N ILE A 108 5.78 -9.14 20.99
CA ILE A 108 5.54 -10.60 20.72
C ILE A 108 6.68 -11.21 19.85
N ARG A 109 7.70 -11.80 20.52
CA ARG A 109 8.75 -12.64 19.88
C ARG A 109 8.70 -14.07 20.47
N LYS A 110 8.69 -14.16 21.81
CA LYS A 110 8.58 -15.44 22.56
C LYS A 110 7.27 -16.19 22.20
N ALA A 111 6.16 -15.43 22.14
CA ALA A 111 4.86 -15.94 21.64
C ALA A 111 4.78 -15.85 20.10
N MET A 112 3.72 -16.45 19.54
CA MET A 112 3.41 -16.40 18.10
C MET A 112 1.89 -16.62 17.87
N THR A 113 1.49 -16.78 16.60
CA THR A 113 0.10 -17.13 16.18
C THR A 113 -0.40 -18.42 16.89
N SER A 1 -15.46 -9.16 -15.08
CA SER A 1 -15.95 -9.70 -13.79
C SER A 1 -14.78 -10.11 -12.87
N HIS A 2 -14.05 -11.17 -13.26
CA HIS A 2 -12.94 -11.74 -12.45
C HIS A 2 -11.56 -11.12 -12.83
N MET A 3 -11.52 -10.31 -13.90
CA MET A 3 -10.29 -9.69 -14.42
C MET A 3 -9.81 -8.51 -13.52
N PRO A 4 -8.44 -8.31 -13.36
CA PRO A 4 -7.87 -7.24 -12.49
C PRO A 4 -8.15 -5.80 -13.02
N VAL A 5 -8.06 -4.80 -12.11
CA VAL A 5 -8.40 -3.40 -12.43
C VAL A 5 -7.37 -2.75 -13.41
N PRO A 6 -7.85 -2.02 -14.47
CA PRO A 6 -6.96 -1.37 -15.47
C PRO A 6 -6.31 -0.07 -14.92
N VAL A 7 -5.11 0.26 -15.41
CA VAL A 7 -4.33 1.44 -14.97
C VAL A 7 -4.80 2.74 -15.70
N THR A 8 -4.38 3.92 -15.15
CA THR A 8 -4.67 5.28 -15.70
C THR A 8 -6.15 5.73 -15.43
N CYS A 9 -6.38 7.05 -15.36
CA CYS A 9 -7.73 7.64 -15.17
C CYS A 9 -7.77 9.07 -15.76
N ASP A 10 -8.85 9.82 -15.45
CA ASP A 10 -9.01 11.23 -15.82
C ASP A 10 -7.81 12.12 -15.36
N ALA A 11 -7.57 12.16 -14.04
CA ALA A 11 -6.51 13.02 -13.44
C ALA A 11 -6.05 12.50 -12.06
N VAL A 12 -6.99 12.53 -11.09
CA VAL A 12 -6.70 12.28 -9.65
C VAL A 12 -6.21 10.83 -9.39
N ARG A 13 -7.05 9.84 -9.74
CA ARG A 13 -6.74 8.39 -9.56
C ARG A 13 -5.51 7.97 -10.40
N ASN A 14 -5.27 8.64 -11.55
CA ASN A 14 -4.09 8.39 -12.41
C ASN A 14 -2.78 8.72 -11.66
N LYS A 15 -2.74 9.93 -11.06
CA LYS A 15 -1.57 10.42 -10.31
C LYS A 15 -1.39 9.67 -8.97
N CYS A 16 -2.52 9.27 -8.32
CA CYS A 16 -2.51 8.44 -7.10
C CYS A 16 -1.84 7.08 -7.36
N ARG A 17 -2.23 6.43 -8.47
CA ARG A 17 -1.61 5.18 -8.98
C ARG A 17 -0.09 5.37 -9.18
N GLU A 18 0.31 6.50 -9.81
CA GLU A 18 1.73 6.86 -10.04
C GLU A 18 2.53 6.98 -8.72
N MET A 19 1.98 7.72 -7.74
CA MET A 19 2.68 8.07 -6.48
C MET A 19 2.77 6.87 -5.49
N LEU A 20 1.75 6.00 -5.49
CA LEU A 20 1.76 4.75 -4.68
C LEU A 20 2.79 3.74 -5.24
N THR A 21 2.84 3.62 -6.58
CA THR A 21 3.89 2.80 -7.28
C THR A 21 5.31 3.40 -7.05
N ALA A 22 5.38 4.75 -7.01
CA ALA A 22 6.63 5.49 -6.74
C ALA A 22 7.17 5.23 -5.31
N ALA A 23 6.25 5.06 -4.35
CA ALA A 23 6.57 4.68 -2.96
C ALA A 23 7.20 3.27 -2.88
N LEU A 24 6.69 2.37 -3.73
CA LEU A 24 7.15 0.96 -3.80
C LEU A 24 8.50 0.81 -4.58
N GLN A 25 8.98 1.91 -5.19
CA GLN A 25 10.27 1.93 -5.94
C GLN A 25 11.22 3.04 -5.42
N THR A 26 10.87 3.66 -4.27
CA THR A 26 11.54 4.91 -3.77
C THR A 26 13.06 4.74 -3.55
N ASP A 27 13.50 3.51 -3.27
CA ASP A 27 14.92 3.13 -3.18
C ASP A 27 15.06 1.61 -3.49
N HIS A 28 14.52 1.20 -4.66
CA HIS A 28 14.61 -0.19 -5.19
C HIS A 28 13.95 -1.25 -4.26
N ASP A 29 12.85 -0.85 -3.58
CA ASP A 29 12.14 -1.70 -2.58
C ASP A 29 11.59 -3.00 -3.21
N HIS A 30 10.83 -2.85 -4.32
CA HIS A 30 10.24 -3.99 -5.07
C HIS A 30 11.31 -4.79 -5.84
N VAL A 31 12.42 -4.12 -6.20
CA VAL A 31 13.53 -4.71 -7.01
C VAL A 31 14.29 -5.79 -6.21
N ALA A 32 14.40 -5.59 -4.88
CA ALA A 32 15.00 -6.56 -3.93
C ALA A 32 14.27 -7.93 -3.96
N ILE A 33 12.95 -7.87 -4.15
CA ILE A 33 12.05 -9.06 -4.18
C ILE A 33 11.72 -9.48 -5.64
N GLY A 34 11.97 -8.58 -6.61
CA GLY A 34 11.61 -8.79 -8.02
C GLY A 34 10.10 -8.61 -8.30
N ALA A 35 9.38 -8.01 -7.34
CA ALA A 35 7.90 -7.84 -7.38
C ALA A 35 7.47 -6.70 -8.32
N ASP A 36 6.39 -6.92 -9.10
CA ASP A 36 5.84 -5.89 -10.01
C ASP A 36 4.98 -4.87 -9.24
N CYS A 37 5.62 -3.76 -8.84
CA CYS A 37 4.98 -2.70 -8.01
C CYS A 37 3.79 -2.01 -8.72
N GLU A 38 3.78 -2.08 -10.06
CA GLU A 38 2.70 -1.51 -10.91
C GLU A 38 1.30 -2.12 -10.59
N ARG A 39 1.20 -3.47 -10.59
CA ARG A 39 -0.06 -4.19 -10.27
C ARG A 39 -0.36 -4.16 -8.75
N LEU A 40 0.70 -4.24 -7.92
CA LEU A 40 0.57 -4.23 -6.44
C LEU A 40 -0.10 -2.92 -5.94
N SER A 41 0.37 -1.77 -6.47
CA SER A 41 -0.20 -0.43 -6.20
C SER A 41 -1.71 -0.36 -6.55
N ALA A 42 -2.06 -0.87 -7.75
CA ALA A 42 -3.45 -0.90 -8.26
C ALA A 42 -4.39 -1.77 -7.38
N GLN A 43 -3.83 -2.84 -6.78
CA GLN A 43 -4.56 -3.75 -5.89
C GLN A 43 -4.78 -3.15 -4.46
N ILE A 44 -3.78 -2.44 -3.93
CA ILE A 44 -3.92 -1.67 -2.66
C ILE A 44 -5.02 -0.58 -2.84
N GLU A 45 -4.94 0.08 -4.00
CA GLU A 45 -5.85 1.14 -4.43
C GLU A 45 -7.31 0.65 -4.54
N GLU A 46 -7.54 -0.50 -5.22
CA GLU A 46 -8.91 -1.02 -5.51
C GLU A 46 -9.68 -1.38 -4.20
N CYS A 47 -8.94 -1.87 -3.18
CA CYS A 47 -9.52 -2.25 -1.87
C CYS A 47 -10.01 -1.01 -1.09
N ILE A 48 -9.14 0.02 -0.99
CA ILE A 48 -9.46 1.28 -0.28
C ILE A 48 -10.46 2.16 -1.10
N PHE A 49 -10.50 1.95 -2.44
CA PHE A 49 -11.36 2.71 -3.39
C PHE A 49 -12.88 2.52 -3.11
N ARG A 50 -13.25 1.40 -2.49
CA ARG A 50 -14.66 1.07 -2.15
C ARG A 50 -15.34 2.18 -1.32
N ASP A 51 -14.79 2.47 -0.13
CA ASP A 51 -15.31 3.52 0.78
C ASP A 51 -14.66 4.89 0.50
N VAL A 52 -13.33 4.91 0.51
CA VAL A 52 -12.50 6.13 0.49
C VAL A 52 -12.24 6.68 -0.94
N GLY A 53 -12.51 5.87 -1.98
CA GLY A 53 -12.26 6.26 -3.40
C GLY A 53 -13.26 7.26 -4.01
N ASN A 54 -13.80 8.14 -3.17
CA ASN A 54 -14.79 9.18 -3.53
C ASN A 54 -14.11 10.56 -3.80
N THR A 55 -12.77 10.56 -3.97
CA THR A 55 -11.91 11.76 -4.26
C THR A 55 -12.06 12.91 -3.22
N ASP A 56 -12.56 12.57 -2.02
CA ASP A 56 -12.74 13.54 -0.91
C ASP A 56 -11.37 13.85 -0.23
N MET A 57 -11.34 14.83 0.70
CA MET A 57 -10.15 15.12 1.53
C MET A 57 -9.66 13.88 2.33
N LYS A 58 -10.60 12.95 2.66
CA LYS A 58 -10.27 11.66 3.30
C LYS A 58 -9.36 10.80 2.37
N TYR A 59 -9.64 10.84 1.06
CA TYR A 59 -8.90 10.10 0.02
C TYR A 59 -7.50 10.69 -0.18
N LYS A 60 -7.45 12.02 -0.34
CA LYS A 60 -6.20 12.78 -0.53
C LYS A 60 -5.24 12.61 0.69
N ASN A 61 -5.82 12.57 1.90
CA ASN A 61 -5.08 12.32 3.16
C ASN A 61 -4.58 10.85 3.20
N ARG A 62 -5.47 9.88 2.88
CA ARG A 62 -5.15 8.43 2.90
C ARG A 62 -4.01 8.08 1.90
N VAL A 63 -4.02 8.70 0.70
CA VAL A 63 -3.00 8.45 -0.34
C VAL A 63 -1.61 8.96 0.11
N ARG A 64 -1.51 10.27 0.47
CA ARG A 64 -0.21 10.91 0.88
C ARG A 64 0.41 10.23 2.13
N SER A 65 -0.46 9.81 3.07
CA SER A 65 -0.03 9.08 4.29
C SER A 65 0.43 7.65 3.92
N ARG A 66 -0.30 6.99 3.00
CA ARG A 66 0.01 5.61 2.54
C ARG A 66 1.40 5.55 1.87
N ILE A 67 1.71 6.57 1.04
CA ILE A 67 3.02 6.73 0.36
C ILE A 67 4.18 6.75 1.39
N SER A 68 4.01 7.56 2.45
CA SER A 68 4.98 7.66 3.57
C SER A 68 5.14 6.32 4.32
N ASN A 69 4.02 5.56 4.45
CA ASN A 69 4.00 4.24 5.12
C ASN A 69 4.67 3.14 4.24
N LEU A 70 4.53 3.28 2.91
CA LEU A 70 5.14 2.36 1.91
C LEU A 70 6.67 2.57 1.78
N LYS A 71 7.19 3.65 2.40
CA LYS A 71 8.65 3.92 2.51
C LYS A 71 9.12 4.10 3.98
N ASP A 72 8.27 3.72 4.96
CA ASP A 72 8.50 4.02 6.40
C ASP A 72 9.74 3.30 6.99
N ALA A 73 10.44 4.02 7.89
CA ALA A 73 11.65 3.53 8.61
C ALA A 73 11.28 2.77 9.90
N LYS A 74 10.15 3.17 10.53
CA LYS A 74 9.62 2.51 11.75
C LYS A 74 8.97 1.15 11.40
N ASN A 75 8.39 1.09 10.19
CA ASN A 75 7.85 -0.15 9.59
C ASN A 75 8.54 -0.46 8.22
N PRO A 76 9.80 -1.03 8.23
CA PRO A 76 10.46 -1.53 7.00
C PRO A 76 9.80 -2.85 6.51
N ASP A 77 9.26 -3.61 7.49
CA ASP A 77 8.58 -4.89 7.26
C ASP A 77 7.21 -4.69 6.56
N LEU A 78 6.62 -3.48 6.71
CA LEU A 78 5.30 -3.16 6.11
C LEU A 78 5.37 -3.23 4.57
N ARG A 79 6.29 -2.42 3.99
CA ARG A 79 6.56 -2.40 2.53
C ARG A 79 7.16 -3.74 2.05
N ARG A 80 8.09 -4.31 2.84
CA ARG A 80 8.76 -5.60 2.55
C ARG A 80 7.72 -6.74 2.32
N ASN A 81 6.77 -6.87 3.26
CA ASN A 81 5.77 -7.96 3.26
C ASN A 81 4.65 -7.73 2.20
N VAL A 82 4.28 -6.46 1.91
CA VAL A 82 3.29 -6.13 0.83
C VAL A 82 3.85 -6.58 -0.56
N LEU A 83 5.10 -6.18 -0.81
CA LEU A 83 5.82 -6.52 -2.07
C LEU A 83 6.16 -8.04 -2.15
N CYS A 84 6.38 -8.68 -0.98
CA CYS A 84 6.63 -10.15 -0.89
C CYS A 84 5.32 -10.97 -0.92
N GLY A 85 4.16 -10.29 -0.77
CA GLY A 85 2.84 -10.95 -0.81
C GLY A 85 2.38 -11.55 0.53
N ALA A 86 3.15 -11.31 1.61
CA ALA A 86 2.80 -11.75 3.00
C ALA A 86 1.64 -10.90 3.57
N ILE A 87 1.74 -9.55 3.46
CA ILE A 87 0.63 -8.63 3.75
C ILE A 87 -0.22 -8.44 2.48
N THR A 88 -1.52 -8.74 2.57
CA THR A 88 -2.46 -8.65 1.43
C THR A 88 -2.83 -7.17 1.09
N PRO A 89 -3.13 -6.86 -0.21
CA PRO A 89 -3.61 -5.51 -0.67
C PRO A 89 -4.72 -4.87 0.21
N GLN A 90 -5.66 -5.70 0.73
CA GLN A 90 -6.79 -5.22 1.56
C GLN A 90 -6.34 -4.84 3.00
N GLN A 91 -5.28 -5.50 3.51
CA GLN A 91 -4.69 -5.17 4.84
C GLN A 91 -4.03 -3.78 4.80
N ILE A 92 -3.02 -3.62 3.93
CA ILE A 92 -2.26 -2.34 3.78
C ILE A 92 -3.20 -1.16 3.39
N ALA A 93 -4.33 -1.46 2.73
CA ALA A 93 -5.37 -0.45 2.40
C ALA A 93 -6.06 0.13 3.67
N VAL A 94 -6.41 -0.75 4.64
CA VAL A 94 -7.20 -0.37 5.85
C VAL A 94 -6.31 -0.05 7.09
N MET A 95 -5.03 -0.49 7.08
CA MET A 95 -4.12 -0.32 8.25
C MET A 95 -3.70 1.15 8.46
N THR A 96 -3.91 1.65 9.69
CA THR A 96 -3.50 3.00 10.12
C THR A 96 -2.10 2.98 10.76
N SER A 97 -1.58 4.17 11.14
CA SER A 97 -0.32 4.30 11.92
C SER A 97 -0.41 3.59 13.30
N GLU A 98 -1.64 3.58 13.84
CA GLU A 98 -1.98 2.85 15.08
C GLU A 98 -1.76 1.32 14.92
N GLU A 99 -2.23 0.77 13.78
CA GLU A 99 -2.05 -0.67 13.43
C GLU A 99 -0.58 -1.01 13.08
N MET A 100 0.11 -0.04 12.45
CA MET A 100 1.55 -0.13 12.11
C MET A 100 2.45 -0.10 13.39
N ALA A 101 1.96 0.56 14.45
CA ALA A 101 2.68 0.66 15.74
C ALA A 101 2.84 -0.73 16.43
N SER A 102 2.01 -1.71 16.01
CA SER A 102 2.15 -3.13 16.43
C SER A 102 3.34 -3.80 15.68
N ASP A 103 4.56 -3.48 16.17
CA ASP A 103 5.83 -3.95 15.59
C ASP A 103 6.00 -5.49 15.72
N GLU A 104 5.52 -6.03 16.85
CA GLU A 104 5.61 -7.47 17.22
C GLU A 104 4.91 -8.40 16.19
N LEU A 105 3.72 -8.00 15.71
CA LEU A 105 2.85 -8.86 14.86
C LEU A 105 3.26 -8.88 13.36
N LYS A 106 4.27 -8.09 12.98
CA LYS A 106 4.74 -8.00 11.57
C LYS A 106 5.40 -9.31 11.06
N GLU A 107 6.04 -10.07 11.97
CA GLU A 107 6.61 -11.42 11.68
C GLU A 107 5.86 -12.55 12.44
N ILE A 108 5.43 -12.27 13.69
CA ILE A 108 4.78 -13.29 14.56
C ILE A 108 3.35 -13.65 14.05
N ARG A 109 3.25 -14.79 13.33
CA ARG A 109 1.98 -15.34 12.80
C ARG A 109 1.75 -16.78 13.31
N LYS A 110 2.80 -17.62 13.19
CA LYS A 110 2.74 -19.06 13.58
C LYS A 110 2.85 -19.22 15.12
N ALA A 111 4.10 -19.10 15.66
CA ALA A 111 4.42 -19.14 17.12
C ALA A 111 4.10 -20.51 17.79
N MET A 112 2.80 -20.79 18.01
CA MET A 112 2.32 -22.04 18.62
C MET A 112 2.45 -23.24 17.64
N THR A 113 3.45 -24.10 17.90
CA THR A 113 3.71 -25.33 17.10
C THR A 113 4.10 -26.53 18.01
N SER A 1 -6.16 -11.89 -3.93
CA SER A 1 -4.99 -11.61 -4.82
C SER A 1 -5.16 -12.27 -6.21
N HIS A 2 -4.19 -11.98 -7.12
CA HIS A 2 -4.17 -12.49 -8.51
C HIS A 2 -5.37 -11.95 -9.35
N MET A 3 -5.96 -10.84 -8.89
CA MET A 3 -7.07 -10.15 -9.58
C MET A 3 -6.57 -9.42 -10.85
N PRO A 4 -7.28 -9.55 -12.03
CA PRO A 4 -6.96 -8.74 -13.23
C PRO A 4 -7.04 -7.23 -12.91
N VAL A 5 -5.85 -6.58 -12.90
CA VAL A 5 -5.65 -5.18 -12.47
C VAL A 5 -6.61 -4.18 -13.19
N PRO A 6 -7.53 -3.49 -12.42
CA PRO A 6 -8.55 -2.56 -13.00
C PRO A 6 -7.96 -1.36 -13.78
N VAL A 7 -8.76 -0.83 -14.70
CA VAL A 7 -8.41 0.37 -15.51
C VAL A 7 -8.46 1.67 -14.66
N THR A 8 -7.55 2.60 -14.97
CA THR A 8 -7.57 3.96 -14.37
C THR A 8 -8.41 4.90 -15.26
N CYS A 9 -9.33 5.67 -14.63
CA CYS A 9 -10.25 6.56 -15.35
C CYS A 9 -9.50 7.71 -16.07
N ASP A 10 -8.94 8.65 -15.29
CA ASP A 10 -8.19 9.81 -15.83
C ASP A 10 -7.12 10.28 -14.80
N ALA A 11 -6.79 11.59 -14.81
CA ALA A 11 -5.66 12.20 -14.07
C ALA A 11 -5.57 11.79 -12.57
N VAL A 12 -6.70 11.78 -11.85
CA VAL A 12 -6.72 11.45 -10.38
C VAL A 12 -6.39 9.94 -10.14
N ARG A 13 -7.11 9.06 -10.85
CA ARG A 13 -6.97 7.59 -10.71
C ARG A 13 -5.59 7.08 -11.21
N ASN A 14 -4.97 7.81 -12.14
CA ASN A 14 -3.60 7.53 -12.60
C ASN A 14 -2.55 8.01 -11.55
N LYS A 15 -2.60 9.31 -11.23
CA LYS A 15 -1.62 9.99 -10.36
C LYS A 15 -1.52 9.39 -8.94
N CYS A 16 -2.67 8.99 -8.38
CA CYS A 16 -2.75 8.41 -7.03
C CYS A 16 -2.00 7.07 -6.93
N ARG A 17 -2.29 6.10 -7.82
CA ARG A 17 -1.56 4.80 -7.85
C ARG A 17 -0.07 4.98 -8.23
N GLU A 18 0.25 6.03 -9.02
CA GLU A 18 1.67 6.37 -9.38
C GLU A 18 2.48 6.86 -8.15
N MET A 19 1.86 7.67 -7.27
CA MET A 19 2.51 8.14 -6.03
C MET A 19 2.56 7.00 -4.96
N LEU A 20 1.58 6.06 -5.05
CA LEU A 20 1.61 4.81 -4.24
C LEU A 20 2.73 3.86 -4.72
N THR A 21 3.00 3.84 -6.04
CA THR A 21 4.15 3.11 -6.63
C THR A 21 5.47 3.72 -6.11
N ALA A 22 5.52 5.06 -6.10
CA ALA A 22 6.66 5.84 -5.56
C ALA A 22 6.85 5.57 -4.04
N ALA A 23 5.74 5.33 -3.32
CA ALA A 23 5.77 4.92 -1.90
C ALA A 23 6.34 3.50 -1.72
N LEU A 24 6.13 2.64 -2.74
CA LEU A 24 6.69 1.25 -2.77
C LEU A 24 8.14 1.21 -3.35
N GLN A 25 8.65 2.37 -3.82
CA GLN A 25 10.07 2.53 -4.24
C GLN A 25 11.01 2.74 -3.03
N THR A 26 10.42 2.95 -1.83
CA THR A 26 11.17 3.15 -0.56
C THR A 26 12.09 1.94 -0.22
N ASP A 27 11.65 0.74 -0.64
CA ASP A 27 12.42 -0.52 -0.54
C ASP A 27 12.68 -1.10 -1.94
N HIS A 28 13.92 -1.54 -2.19
CA HIS A 28 14.31 -2.19 -3.46
C HIS A 28 13.89 -3.69 -3.50
N ASP A 29 13.20 -4.16 -2.43
CA ASP A 29 12.68 -5.55 -2.34
C ASP A 29 11.73 -5.92 -3.50
N HIS A 30 10.97 -4.94 -4.05
CA HIS A 30 10.10 -5.20 -5.22
C HIS A 30 10.90 -5.64 -6.48
N VAL A 31 12.13 -5.10 -6.61
CA VAL A 31 13.06 -5.50 -7.69
C VAL A 31 13.68 -6.90 -7.40
N ALA A 32 14.25 -7.06 -6.18
CA ALA A 32 14.97 -8.28 -5.75
C ALA A 32 14.08 -9.55 -5.78
N ILE A 33 12.85 -9.41 -5.25
CA ILE A 33 11.83 -10.49 -5.24
C ILE A 33 11.24 -10.71 -6.67
N GLY A 34 11.19 -9.62 -7.46
CA GLY A 34 10.67 -9.67 -8.84
C GLY A 34 9.15 -9.42 -8.91
N ALA A 35 8.65 -8.59 -7.98
CA ALA A 35 7.24 -8.15 -7.97
C ALA A 35 7.15 -6.67 -8.39
N ASP A 36 6.59 -6.38 -9.57
CA ASP A 36 6.42 -4.99 -10.04
C ASP A 36 5.33 -4.27 -9.21
N CYS A 37 5.77 -3.32 -8.38
CA CYS A 37 4.92 -2.62 -7.39
C CYS A 37 3.85 -1.69 -8.02
N GLU A 38 3.88 -1.53 -9.35
CA GLU A 38 2.83 -0.80 -10.11
C GLU A 38 1.47 -1.58 -10.13
N ARG A 39 1.52 -2.92 -10.22
CA ARG A 39 0.31 -3.78 -10.18
C ARG A 39 -0.26 -3.84 -8.74
N LEU A 40 0.67 -3.81 -7.75
CA LEU A 40 0.31 -3.81 -6.32
C LEU A 40 -0.43 -2.51 -5.95
N SER A 41 0.17 -1.36 -6.32
CA SER A 41 -0.38 -0.01 -6.05
C SER A 41 -1.74 0.23 -6.75
N ALA A 42 -1.90 -0.33 -7.96
CA ALA A 42 -3.13 -0.25 -8.76
C ALA A 42 -4.29 -1.09 -8.15
N GLN A 43 -3.96 -2.21 -7.49
CA GLN A 43 -4.95 -3.00 -6.71
C GLN A 43 -5.29 -2.34 -5.34
N ILE A 44 -4.31 -1.59 -4.75
CA ILE A 44 -4.57 -0.70 -3.58
C ILE A 44 -5.55 0.43 -3.99
N GLU A 45 -5.35 0.92 -5.23
CA GLU A 45 -6.10 2.03 -5.84
C GLU A 45 -7.63 1.74 -5.96
N GLU A 46 -7.96 0.50 -6.35
CA GLU A 46 -9.38 0.09 -6.51
C GLU A 46 -10.04 -0.17 -5.12
N CYS A 47 -9.23 -0.64 -4.14
CA CYS A 47 -9.67 -0.86 -2.74
C CYS A 47 -10.01 0.47 -2.02
N ILE A 48 -9.09 1.45 -2.12
CA ILE A 48 -9.23 2.76 -1.43
C ILE A 48 -10.42 3.59 -2.01
N PHE A 49 -10.69 3.45 -3.32
CA PHE A 49 -11.71 4.25 -4.05
C PHE A 49 -13.17 3.96 -3.59
N ARG A 50 -13.43 2.75 -3.06
CA ARG A 50 -14.79 2.36 -2.64
C ARG A 50 -15.30 3.18 -1.42
N ASP A 51 -14.49 3.27 -0.36
CA ASP A 51 -14.83 4.00 0.88
C ASP A 51 -14.41 5.50 0.82
N VAL A 52 -13.22 5.75 0.28
CA VAL A 52 -12.56 7.09 0.30
C VAL A 52 -12.85 7.90 -1.00
N GLY A 53 -13.43 7.23 -2.02
CA GLY A 53 -13.65 7.82 -3.36
C GLY A 53 -14.72 8.92 -3.48
N ASN A 54 -14.97 9.68 -2.39
CA ASN A 54 -15.65 11.00 -2.47
C ASN A 54 -14.78 12.02 -3.26
N THR A 55 -13.45 11.72 -3.32
CA THR A 55 -12.40 12.45 -4.09
C THR A 55 -12.40 13.99 -3.88
N ASP A 56 -12.81 14.41 -2.67
CA ASP A 56 -12.85 15.83 -2.27
C ASP A 56 -11.54 16.22 -1.52
N MET A 57 -11.50 15.93 -0.20
CA MET A 57 -10.34 16.26 0.68
C MET A 57 -9.76 14.97 1.28
N LYS A 58 -10.66 14.09 1.73
CA LYS A 58 -10.37 12.79 2.38
C LYS A 58 -9.39 11.93 1.54
N TYR A 59 -9.70 11.84 0.23
CA TYR A 59 -8.94 11.02 -0.73
C TYR A 59 -7.45 11.45 -0.81
N LYS A 60 -7.21 12.76 -0.99
CA LYS A 60 -5.85 13.34 -1.08
C LYS A 60 -4.97 12.98 0.15
N ASN A 61 -5.53 13.23 1.35
CA ASN A 61 -4.82 13.05 2.64
C ASN A 61 -4.64 11.56 3.00
N ARG A 62 -5.63 10.71 2.65
CA ARG A 62 -5.60 9.26 2.92
C ARG A 62 -4.52 8.56 2.08
N VAL A 63 -4.33 9.04 0.84
CA VAL A 63 -3.24 8.61 -0.06
C VAL A 63 -1.86 9.00 0.53
N ARG A 64 -1.74 10.26 1.03
CA ARG A 64 -0.49 10.75 1.70
C ARG A 64 -0.19 9.96 3.01
N SER A 65 -1.25 9.55 3.72
CA SER A 65 -1.15 8.68 4.92
C SER A 65 -0.60 7.30 4.55
N ARG A 66 -1.08 6.76 3.40
CA ARG A 66 -0.58 5.49 2.83
C ARG A 66 0.94 5.59 2.48
N ILE A 67 1.32 6.69 1.81
CA ILE A 67 2.72 6.94 1.37
C ILE A 67 3.70 7.00 2.56
N SER A 68 3.34 7.82 3.58
CA SER A 68 4.19 8.04 4.78
C SER A 68 4.33 6.76 5.63
N ASN A 69 3.21 6.04 5.83
CA ASN A 69 3.18 4.71 6.49
C ASN A 69 3.97 3.63 5.70
N LEU A 70 4.17 3.84 4.39
CA LEU A 70 5.07 2.99 3.56
C LEU A 70 6.55 3.43 3.66
N LYS A 71 6.81 4.71 4.02
CA LYS A 71 8.21 5.26 4.11
C LYS A 71 8.71 5.45 5.55
N ASP A 72 7.94 5.00 6.56
CA ASP A 72 8.29 5.22 7.99
C ASP A 72 9.39 4.22 8.48
N ALA A 73 10.52 4.76 8.96
CA ALA A 73 11.72 3.95 9.30
C ALA A 73 11.57 3.08 10.59
N LYS A 74 10.47 3.26 11.37
CA LYS A 74 10.29 2.56 12.67
C LYS A 74 9.68 1.13 12.51
N ASN A 75 9.00 0.87 11.38
CA ASN A 75 8.52 -0.49 11.01
C ASN A 75 8.94 -0.82 9.56
N PRO A 76 10.16 -1.42 9.33
CA PRO A 76 10.65 -1.74 7.97
C PRO A 76 10.08 -3.06 7.37
N ASP A 77 9.66 -3.98 8.27
CA ASP A 77 9.19 -5.34 7.94
C ASP A 77 7.93 -5.31 7.02
N LEU A 78 7.08 -4.30 7.25
CA LEU A 78 5.74 -4.15 6.64
C LEU A 78 5.76 -4.27 5.09
N ARG A 79 6.61 -3.47 4.45
CA ARG A 79 6.57 -3.27 2.98
C ARG A 79 7.14 -4.49 2.24
N ARG A 80 8.18 -5.13 2.82
CA ARG A 80 8.79 -6.34 2.22
C ARG A 80 7.78 -7.50 2.13
N ASN A 81 6.90 -7.62 3.15
CA ASN A 81 5.77 -8.59 3.10
C ASN A 81 4.75 -8.26 1.98
N VAL A 82 4.51 -6.96 1.71
CA VAL A 82 3.63 -6.52 0.58
C VAL A 82 4.29 -6.85 -0.78
N LEU A 83 5.61 -6.63 -0.85
CA LEU A 83 6.43 -6.82 -2.08
C LEU A 83 6.77 -8.32 -2.33
N CYS A 84 6.60 -9.17 -1.30
CA CYS A 84 6.76 -10.66 -1.44
C CYS A 84 5.39 -11.34 -1.66
N GLY A 85 4.29 -10.60 -1.41
CA GLY A 85 2.92 -11.13 -1.59
C GLY A 85 2.31 -11.78 -0.34
N ALA A 86 3.00 -11.66 0.81
CA ALA A 86 2.47 -12.14 2.12
C ALA A 86 1.28 -11.26 2.59
N ILE A 87 1.50 -9.93 2.63
CA ILE A 87 0.42 -8.94 2.79
C ILE A 87 -0.10 -8.53 1.40
N THR A 88 -1.42 -8.71 1.17
CA THR A 88 -2.05 -8.41 -0.14
C THR A 88 -2.22 -6.88 -0.32
N PRO A 89 -2.31 -6.36 -1.59
CA PRO A 89 -2.62 -4.93 -1.87
C PRO A 89 -3.93 -4.42 -1.21
N GLN A 90 -4.88 -5.35 -1.00
CA GLN A 90 -6.15 -5.06 -0.30
C GLN A 90 -5.93 -4.92 1.22
N GLN A 91 -5.12 -5.83 1.81
CA GLN A 91 -4.84 -5.86 3.27
C GLN A 91 -4.05 -4.62 3.73
N ILE A 92 -2.98 -4.25 2.99
CA ILE A 92 -2.16 -3.06 3.32
C ILE A 92 -3.02 -1.75 3.30
N ALA A 93 -4.00 -1.70 2.37
CA ALA A 93 -4.94 -0.57 2.25
C ALA A 93 -5.90 -0.45 3.47
N VAL A 94 -6.38 -1.61 3.99
CA VAL A 94 -7.44 -1.63 5.04
C VAL A 94 -6.87 -1.67 6.50
N MET A 95 -5.59 -2.08 6.68
CA MET A 95 -4.95 -2.09 8.02
C MET A 95 -4.71 -0.65 8.55
N THR A 96 -4.98 -0.44 9.84
CA THR A 96 -4.78 0.88 10.50
C THR A 96 -3.29 1.17 10.75
N SER A 97 -2.98 2.45 11.09
CA SER A 97 -1.60 2.90 11.38
C SER A 97 -0.97 2.12 12.56
N GLU A 98 -1.81 1.70 13.52
CA GLU A 98 -1.40 0.89 14.69
C GLU A 98 -0.84 -0.50 14.27
N GLU A 99 -1.51 -1.12 13.29
CA GLU A 99 -1.10 -2.43 12.74
C GLU A 99 0.21 -2.31 11.91
N MET A 100 0.22 -1.30 11.03
CA MET A 100 1.30 -1.08 10.04
C MET A 100 2.59 -0.49 10.64
N ALA A 101 2.46 0.20 11.79
CA ALA A 101 3.59 0.86 12.48
C ALA A 101 3.93 0.17 13.82
N SER A 102 3.33 -1.02 14.06
CA SER A 102 3.51 -1.79 15.32
C SER A 102 5.00 -2.20 15.56
N ASP A 103 5.52 -1.84 16.74
CA ASP A 103 6.86 -2.24 17.21
C ASP A 103 6.94 -3.76 17.50
N GLU A 104 5.78 -4.41 17.67
CA GLU A 104 5.68 -5.87 17.77
C GLU A 104 5.87 -6.50 16.37
N LEU A 105 5.01 -6.07 15.41
CA LEU A 105 4.92 -6.66 14.06
C LEU A 105 6.10 -6.27 13.12
N LYS A 106 6.98 -5.36 13.57
CA LYS A 106 8.15 -4.89 12.78
C LYS A 106 9.28 -5.96 12.66
N GLU A 107 9.04 -7.18 13.16
CA GLU A 107 9.99 -8.30 13.01
C GLU A 107 9.30 -9.70 13.07
N ILE A 108 7.96 -9.77 12.88
CA ILE A 108 7.20 -11.06 12.98
C ILE A 108 7.15 -11.82 11.61
N ARG A 109 7.87 -11.32 10.58
CA ARG A 109 8.16 -12.10 9.34
C ARG A 109 8.93 -13.41 9.69
N LYS A 110 8.78 -14.45 8.83
CA LYS A 110 9.25 -15.85 9.08
C LYS A 110 8.28 -16.61 10.01
N ALA A 111 7.86 -15.96 11.14
CA ALA A 111 6.83 -16.49 12.05
C ALA A 111 5.42 -16.40 11.40
N MET A 112 5.11 -17.41 10.56
CA MET A 112 3.82 -17.52 9.84
C MET A 112 3.36 -19.00 9.81
N THR A 113 4.32 -19.93 9.90
CA THR A 113 4.07 -21.38 9.94
C THR A 113 3.61 -21.86 11.37
N SER A 1 -10.55 -6.92 -4.85
CA SER A 1 -10.80 -6.44 -6.24
C SER A 1 -12.01 -7.15 -6.90
N HIS A 2 -12.51 -6.55 -7.99
CA HIS A 2 -13.63 -7.07 -8.82
C HIS A 2 -13.64 -6.34 -10.18
N MET A 3 -13.59 -4.99 -10.12
CA MET A 3 -13.53 -4.14 -11.33
C MET A 3 -12.14 -4.26 -12.03
N PRO A 4 -12.04 -4.01 -13.38
CA PRO A 4 -10.72 -3.86 -14.06
C PRO A 4 -9.92 -2.68 -13.44
N VAL A 5 -8.61 -2.93 -13.16
CA VAL A 5 -7.71 -1.95 -12.49
C VAL A 5 -7.73 -0.55 -13.19
N PRO A 6 -7.79 0.58 -12.41
CA PRO A 6 -8.05 1.93 -13.00
C PRO A 6 -6.89 2.43 -13.89
N VAL A 7 -7.28 3.08 -14.99
CA VAL A 7 -6.38 3.52 -16.08
C VAL A 7 -6.59 5.02 -16.36
N THR A 8 -5.60 5.83 -15.94
CA THR A 8 -5.69 7.31 -15.90
C THR A 8 -6.84 7.77 -14.97
N CYS A 9 -8.09 7.80 -15.52
CA CYS A 9 -9.29 8.30 -14.82
C CYS A 9 -9.04 9.71 -14.22
N ASP A 10 -8.61 10.65 -15.09
CA ASP A 10 -8.14 12.02 -14.69
C ASP A 10 -6.82 11.93 -13.83
N ALA A 11 -6.15 13.07 -13.62
CA ALA A 11 -4.87 13.14 -12.88
C ALA A 11 -4.98 12.72 -11.37
N VAL A 12 -6.21 12.56 -10.84
CA VAL A 12 -6.39 12.11 -9.43
C VAL A 12 -6.01 10.61 -9.26
N ARG A 13 -6.78 9.73 -9.94
CA ARG A 13 -6.69 8.25 -9.75
C ARG A 13 -5.37 7.68 -10.28
N ASN A 14 -4.83 8.25 -11.38
CA ASN A 14 -3.53 7.84 -11.93
C ASN A 14 -2.41 8.17 -10.93
N LYS A 15 -2.41 9.42 -10.43
CA LYS A 15 -1.40 9.91 -9.46
C LYS A 15 -1.41 9.11 -8.14
N CYS A 16 -2.61 8.77 -7.64
CA CYS A 16 -2.77 7.95 -6.40
C CYS A 16 -2.05 6.59 -6.53
N ARG A 17 -2.27 5.94 -7.68
CA ARG A 17 -1.60 4.66 -8.05
C ARG A 17 -0.07 4.87 -8.25
N GLU A 18 0.32 5.99 -8.90
CA GLU A 18 1.75 6.33 -9.18
C GLU A 18 2.56 6.59 -7.88
N MET A 19 1.93 7.24 -6.89
CA MET A 19 2.57 7.59 -5.60
C MET A 19 2.73 6.35 -4.69
N LEU A 20 1.74 5.45 -4.72
CA LEU A 20 1.83 4.14 -4.02
C LEU A 20 2.89 3.24 -4.70
N THR A 21 2.98 3.32 -6.04
CA THR A 21 4.03 2.60 -6.83
C THR A 21 5.44 3.14 -6.50
N ALA A 22 5.56 4.47 -6.38
CA ALA A 22 6.83 5.16 -6.01
C ALA A 22 7.27 4.81 -4.56
N ALA A 23 6.26 4.59 -3.69
CA ALA A 23 6.46 4.11 -2.32
C ALA A 23 6.92 2.61 -2.30
N LEU A 24 6.52 1.85 -3.34
CA LEU A 24 6.99 0.46 -3.55
C LEU A 24 8.33 0.39 -4.36
N GLN A 25 8.70 1.51 -5.02
CA GLN A 25 9.96 1.63 -5.81
C GLN A 25 11.05 2.45 -5.10
N THR A 26 10.74 2.99 -3.89
CA THR A 26 11.73 3.75 -3.08
C THR A 26 12.96 2.89 -2.72
N ASP A 27 12.74 1.57 -2.55
CA ASP A 27 13.80 0.57 -2.29
C ASP A 27 14.38 -0.03 -3.60
N HIS A 28 13.54 -0.08 -4.67
CA HIS A 28 13.84 -0.78 -5.96
C HIS A 28 14.03 -2.32 -5.79
N ASP A 29 13.79 -2.82 -4.57
CA ASP A 29 14.00 -4.22 -4.19
C ASP A 29 12.92 -5.14 -4.83
N HIS A 30 11.73 -4.55 -5.14
CA HIS A 30 10.66 -5.22 -5.93
C HIS A 30 11.18 -5.71 -7.30
N VAL A 31 12.02 -4.90 -7.96
CA VAL A 31 12.63 -5.22 -9.27
C VAL A 31 13.65 -6.39 -9.14
N ALA A 32 14.40 -6.39 -8.02
CA ALA A 32 15.39 -7.45 -7.69
C ALA A 32 14.72 -8.83 -7.42
N ILE A 33 13.54 -8.80 -6.76
CA ILE A 33 12.71 -10.00 -6.51
C ILE A 33 11.91 -10.41 -7.78
N GLY A 34 11.63 -9.43 -8.65
CA GLY A 34 10.81 -9.62 -9.85
C GLY A 34 9.32 -9.31 -9.62
N ALA A 35 8.96 -8.89 -8.39
CA ALA A 35 7.59 -8.51 -8.01
C ALA A 35 7.25 -7.09 -8.55
N ASP A 36 6.36 -6.99 -9.55
CA ASP A 36 6.01 -5.70 -10.20
C ASP A 36 5.15 -4.81 -9.25
N CYS A 37 5.56 -3.56 -9.06
CA CYS A 37 4.97 -2.62 -8.09
C CYS A 37 3.57 -2.06 -8.49
N GLU A 38 3.33 -1.90 -9.81
CA GLU A 38 2.10 -1.22 -10.33
C GLU A 38 0.82 -2.07 -10.12
N ARG A 39 0.95 -3.39 -10.35
CA ARG A 39 -0.16 -4.37 -10.13
C ARG A 39 -0.53 -4.46 -8.63
N LEU A 40 0.48 -4.30 -7.75
CA LEU A 40 0.27 -4.30 -6.28
C LEU A 40 -0.54 -3.08 -5.84
N SER A 41 -0.05 -1.87 -6.22
CA SER A 41 -0.68 -0.57 -5.86
C SER A 41 -2.13 -0.44 -6.42
N ALA A 42 -2.37 -1.07 -7.58
CA ALA A 42 -3.71 -1.13 -8.20
C ALA A 42 -4.70 -1.99 -7.37
N GLN A 43 -4.22 -3.13 -6.85
CA GLN A 43 -5.02 -4.03 -5.98
C GLN A 43 -5.24 -3.40 -4.57
N ILE A 44 -4.25 -2.63 -4.07
CA ILE A 44 -4.36 -1.85 -2.82
C ILE A 44 -5.47 -0.79 -2.96
N GLU A 45 -5.47 -0.10 -4.11
CA GLU A 45 -6.44 0.98 -4.39
C GLU A 45 -7.86 0.43 -4.60
N GLU A 46 -7.98 -0.76 -5.19
CA GLU A 46 -9.28 -1.39 -5.52
C GLU A 46 -10.21 -1.62 -4.28
N CYS A 47 -9.61 -1.94 -3.11
CA CYS A 47 -10.38 -2.16 -1.86
C CYS A 47 -10.85 -0.81 -1.22
N ILE A 48 -9.91 0.13 -1.07
CA ILE A 48 -10.17 1.46 -0.43
C ILE A 48 -11.08 2.38 -1.30
N PHE A 49 -10.93 2.28 -2.63
CA PHE A 49 -11.58 3.17 -3.63
C PHE A 49 -13.12 3.16 -3.53
N ARG A 50 -13.67 2.06 -3.01
CA ARG A 50 -15.12 1.85 -2.87
C ARG A 50 -15.73 2.84 -1.83
N ASP A 51 -15.11 2.89 -0.64
CA ASP A 51 -15.58 3.71 0.50
C ASP A 51 -14.98 5.15 0.51
N VAL A 52 -13.65 5.21 0.32
CA VAL A 52 -12.84 6.45 0.47
C VAL A 52 -12.47 7.10 -0.89
N GLY A 53 -12.57 6.35 -2.00
CA GLY A 53 -12.15 6.83 -3.34
C GLY A 53 -13.09 7.86 -4.01
N ASN A 54 -13.78 8.65 -3.19
CA ASN A 54 -14.66 9.77 -3.62
C ASN A 54 -13.87 11.09 -3.90
N THR A 55 -12.51 11.00 -3.86
CA THR A 55 -11.55 12.13 -4.14
C THR A 55 -11.70 13.32 -3.14
N ASP A 56 -12.28 13.03 -1.97
CA ASP A 56 -12.50 14.03 -0.89
C ASP A 56 -11.19 14.31 -0.12
N MET A 57 -11.22 15.33 0.76
CA MET A 57 -10.13 15.68 1.72
C MET A 57 -9.70 14.43 2.58
N LYS A 58 -10.69 13.58 2.90
CA LYS A 58 -10.46 12.25 3.56
C LYS A 58 -9.46 11.39 2.77
N TYR A 59 -9.73 11.26 1.46
CA TYR A 59 -8.96 10.40 0.53
C TYR A 59 -7.52 10.90 0.32
N LYS A 60 -7.36 12.23 0.26
CA LYS A 60 -6.04 12.88 0.09
C LYS A 60 -5.11 12.59 1.29
N ASN A 61 -5.69 12.71 2.51
CA ASN A 61 -4.97 12.44 3.78
C ASN A 61 -4.66 10.92 3.93
N ARG A 62 -5.62 10.07 3.53
CA ARG A 62 -5.54 8.60 3.67
C ARG A 62 -4.42 7.97 2.78
N VAL A 63 -4.32 8.43 1.51
CA VAL A 63 -3.29 7.94 0.56
C VAL A 63 -1.87 8.37 0.99
N ARG A 64 -1.69 9.67 1.36
CA ARG A 64 -0.36 10.21 1.78
C ARG A 64 0.15 9.56 3.10
N SER A 65 -0.80 9.13 3.98
CA SER A 65 -0.48 8.33 5.19
C SER A 65 0.23 7.00 4.83
N ARG A 66 -0.24 6.33 3.76
CA ARG A 66 0.39 5.10 3.23
C ARG A 66 1.81 5.38 2.70
N ILE A 67 1.91 6.37 1.79
CA ILE A 67 3.16 6.75 1.10
C ILE A 67 4.31 7.02 2.11
N SER A 68 3.95 7.74 3.19
CA SER A 68 4.86 8.05 4.32
C SER A 68 5.41 6.77 4.98
N ASN A 69 4.51 5.84 5.35
CA ASN A 69 4.83 4.60 6.06
C ASN A 69 5.55 3.56 5.14
N LEU A 70 5.27 3.63 3.83
CA LEU A 70 5.86 2.72 2.80
C LEU A 70 7.27 3.18 2.34
N LYS A 71 7.73 4.35 2.82
CA LYS A 71 9.13 4.81 2.65
C LYS A 71 9.82 5.05 4.02
N ASP A 72 9.11 4.72 5.11
CA ASP A 72 9.54 5.05 6.49
C ASP A 72 10.66 4.09 7.00
N ALA A 73 11.73 4.68 7.55
CA ALA A 73 12.92 3.96 8.04
C ALA A 73 12.66 3.18 9.35
N LYS A 74 11.72 3.70 10.17
CA LYS A 74 11.41 3.15 11.52
C LYS A 74 10.46 1.93 11.40
N ASN A 75 9.69 1.85 10.30
CA ASN A 75 8.91 0.64 9.93
C ASN A 75 9.31 0.13 8.52
N PRO A 76 10.45 -0.63 8.40
CA PRO A 76 10.81 -1.34 7.16
C PRO A 76 10.11 -2.72 7.02
N ASP A 77 9.64 -3.28 8.16
CA ASP A 77 9.03 -4.64 8.24
C ASP A 77 7.80 -4.79 7.31
N LEU A 78 6.87 -3.83 7.39
CA LEU A 78 5.62 -3.82 6.58
C LEU A 78 5.91 -3.91 5.05
N ARG A 79 6.73 -2.97 4.55
CA ARG A 79 7.08 -2.86 3.12
C ARG A 79 8.02 -4.00 2.64
N ARG A 80 8.89 -4.52 3.54
CA ARG A 80 9.83 -5.66 3.25
C ARG A 80 9.03 -6.96 3.06
N ASN A 81 7.97 -7.11 3.86
CA ASN A 81 6.99 -8.21 3.72
C ASN A 81 6.20 -8.09 2.39
N VAL A 82 5.77 -6.85 2.03
CA VAL A 82 5.08 -6.58 0.74
C VAL A 82 6.05 -6.79 -0.47
N LEU A 83 7.36 -6.55 -0.25
CA LEU A 83 8.43 -6.82 -1.25
C LEU A 83 8.49 -8.32 -1.60
N CYS A 84 8.62 -9.16 -0.56
CA CYS A 84 8.75 -10.63 -0.70
C CYS A 84 7.39 -11.34 -0.91
N GLY A 85 6.27 -10.60 -0.72
CA GLY A 85 4.91 -11.14 -0.91
C GLY A 85 4.41 -11.97 0.29
N ALA A 86 4.26 -11.31 1.44
CA ALA A 86 3.75 -11.93 2.69
C ALA A 86 2.41 -11.27 3.10
N ILE A 87 2.42 -9.93 3.22
CA ILE A 87 1.19 -9.12 3.38
C ILE A 87 0.52 -8.91 2.02
N THR A 88 -0.77 -9.25 1.94
CA THR A 88 -1.58 -9.11 0.72
C THR A 88 -1.97 -7.62 0.49
N PRO A 89 -2.12 -7.16 -0.78
CA PRO A 89 -2.47 -5.75 -1.09
C PRO A 89 -3.83 -5.29 -0.48
N GLN A 90 -4.73 -6.24 -0.15
CA GLN A 90 -6.01 -5.92 0.54
C GLN A 90 -5.76 -5.54 2.02
N GLN A 91 -4.74 -6.18 2.67
CA GLN A 91 -4.40 -5.91 4.08
C GLN A 91 -3.97 -4.43 4.28
N ILE A 92 -2.91 -4.00 3.59
CA ILE A 92 -2.42 -2.59 3.64
C ILE A 92 -3.51 -1.57 3.16
N ALA A 93 -4.49 -2.06 2.38
CA ALA A 93 -5.65 -1.26 1.96
C ALA A 93 -6.66 -1.02 3.11
N VAL A 94 -7.00 -2.08 3.86
CA VAL A 94 -8.07 -2.05 4.91
C VAL A 94 -7.55 -1.61 6.31
N MET A 95 -6.24 -1.81 6.58
CA MET A 95 -5.65 -1.52 7.91
C MET A 95 -5.58 -0.01 8.22
N THR A 96 -6.11 0.38 9.40
CA THR A 96 -6.09 1.78 9.90
C THR A 96 -4.64 2.27 10.14
N SER A 97 -4.44 3.58 10.33
CA SER A 97 -3.09 4.15 10.60
C SER A 97 -2.46 3.59 11.90
N GLU A 98 -3.32 3.22 12.87
CA GLU A 98 -2.91 2.57 14.13
C GLU A 98 -2.36 1.15 13.87
N GLU A 99 -2.96 0.44 12.90
CA GLU A 99 -2.52 -0.91 12.46
C GLU A 99 -1.27 -0.82 11.56
N MET A 100 -1.19 0.24 10.73
CA MET A 100 -0.03 0.52 9.86
C MET A 100 1.25 0.84 10.69
N ALA A 101 1.03 1.32 11.93
CA ALA A 101 2.11 1.60 12.91
C ALA A 101 2.11 0.59 14.10
N SER A 102 1.24 -0.46 14.03
CA SER A 102 0.99 -1.40 15.17
C SER A 102 2.24 -2.19 15.59
N ASP A 103 2.49 -2.20 16.92
CA ASP A 103 3.58 -2.99 17.55
C ASP A 103 3.39 -4.51 17.31
N GLU A 104 2.13 -4.92 17.11
CA GLU A 104 1.78 -6.29 16.71
C GLU A 104 2.45 -6.65 15.37
N LEU A 105 2.14 -5.86 14.30
CA LEU A 105 2.67 -6.11 12.93
C LEU A 105 4.20 -5.86 12.83
N LYS A 106 4.73 -4.97 13.69
CA LYS A 106 6.19 -4.72 13.77
C LYS A 106 6.96 -5.91 14.38
N GLU A 107 6.22 -6.87 14.98
CA GLU A 107 6.76 -8.18 15.43
C GLU A 107 6.22 -9.36 14.58
N ILE A 108 5.05 -9.17 13.92
CA ILE A 108 4.48 -10.17 12.97
C ILE A 108 5.14 -9.97 11.58
N ARG A 109 6.38 -10.47 11.49
CA ARG A 109 7.23 -10.41 10.29
C ARG A 109 7.31 -11.80 9.65
N LYS A 110 6.63 -11.99 8.48
CA LYS A 110 6.59 -13.29 7.75
C LYS A 110 5.87 -14.40 8.61
N ALA A 111 5.19 -13.99 9.70
CA ALA A 111 4.52 -14.91 10.65
C ALA A 111 3.20 -15.46 10.08
N MET A 112 3.33 -16.51 9.25
CA MET A 112 2.18 -17.22 8.63
C MET A 112 1.68 -18.39 9.52
N THR A 113 2.43 -18.69 10.61
CA THR A 113 2.13 -19.75 11.61
C THR A 113 2.24 -21.18 11.00
N SER A 1 -10.94 -13.89 -3.11
CA SER A 1 -10.87 -12.42 -2.90
C SER A 1 -10.17 -11.70 -4.09
N HIS A 2 -10.19 -12.33 -5.28
CA HIS A 2 -9.70 -11.70 -6.53
C HIS A 2 -10.68 -10.58 -6.99
N MET A 3 -10.45 -9.37 -6.47
CA MET A 3 -11.27 -8.18 -6.76
C MET A 3 -10.79 -7.50 -8.07
N PRO A 4 -11.70 -7.21 -9.06
CA PRO A 4 -11.31 -6.53 -10.31
C PRO A 4 -10.91 -5.06 -10.05
N VAL A 5 -9.67 -4.70 -10.45
CA VAL A 5 -9.16 -3.32 -10.34
C VAL A 5 -9.93 -2.39 -11.32
N PRO A 6 -10.64 -1.32 -10.84
CA PRO A 6 -11.37 -0.36 -11.73
C PRO A 6 -10.44 0.37 -12.72
N VAL A 7 -11.04 0.92 -13.79
CA VAL A 7 -10.33 1.78 -14.78
C VAL A 7 -9.94 3.15 -14.15
N THR A 8 -8.98 3.84 -14.79
CA THR A 8 -8.48 5.15 -14.32
C THR A 8 -9.59 6.22 -14.37
N CYS A 9 -10.29 6.37 -13.23
CA CYS A 9 -11.46 7.27 -13.06
C CYS A 9 -11.15 8.73 -13.45
N ASP A 10 -10.02 9.21 -12.92
CA ASP A 10 -9.57 10.60 -13.10
C ASP A 10 -8.03 10.65 -12.95
N ALA A 11 -7.45 11.81 -13.32
CA ALA A 11 -6.01 12.09 -13.12
C ALA A 11 -5.61 12.01 -11.62
N VAL A 12 -6.57 12.28 -10.71
CA VAL A 12 -6.38 12.15 -9.25
C VAL A 12 -6.08 10.68 -8.86
N ARG A 13 -6.98 9.75 -9.26
CA ARG A 13 -6.88 8.30 -8.93
C ARG A 13 -5.61 7.68 -9.55
N ASN A 14 -5.33 8.03 -10.81
CA ASN A 14 -4.15 7.53 -11.55
C ASN A 14 -2.83 8.02 -10.90
N LYS A 15 -2.81 9.31 -10.51
CA LYS A 15 -1.66 9.93 -9.83
C LYS A 15 -1.38 9.26 -8.47
N CYS A 16 -2.45 9.05 -7.68
CA CYS A 16 -2.38 8.38 -6.36
C CYS A 16 -1.79 6.97 -6.47
N ARG A 17 -2.29 6.21 -7.46
CA ARG A 17 -1.83 4.85 -7.80
C ARG A 17 -0.31 4.82 -8.11
N GLU A 18 0.13 5.79 -8.94
CA GLU A 18 1.53 5.91 -9.40
C GLU A 18 2.49 6.50 -8.33
N MET A 19 1.94 7.30 -7.39
CA MET A 19 2.72 7.81 -6.23
C MET A 19 2.95 6.71 -5.17
N LEU A 20 1.98 5.77 -5.06
CA LEU A 20 2.17 4.54 -4.24
C LEU A 20 3.19 3.58 -4.92
N THR A 21 3.21 3.57 -6.27
CA THR A 21 4.26 2.87 -7.06
C THR A 21 5.64 3.48 -6.75
N ALA A 22 5.71 4.83 -6.78
CA ALA A 22 6.94 5.61 -6.50
C ALA A 22 7.49 5.34 -5.09
N ALA A 23 6.57 5.14 -4.13
CA ALA A 23 6.89 4.70 -2.76
C ALA A 23 7.53 3.29 -2.75
N LEU A 24 6.95 2.36 -3.53
CA LEU A 24 7.43 0.96 -3.62
C LEU A 24 8.69 0.77 -4.52
N GLN A 25 9.11 1.85 -5.21
CA GLN A 25 10.33 1.84 -6.06
C GLN A 25 11.33 2.96 -5.67
N THR A 26 11.12 3.58 -4.49
CA THR A 26 11.97 4.72 -3.99
C THR A 26 13.47 4.33 -3.88
N ASP A 27 13.74 3.07 -3.50
CA ASP A 27 15.12 2.49 -3.46
C ASP A 27 15.24 1.28 -4.41
N HIS A 28 14.37 1.24 -5.46
CA HIS A 28 14.13 0.03 -6.30
C HIS A 28 13.75 -1.19 -5.41
N ASP A 29 12.96 -0.92 -4.35
CA ASP A 29 12.75 -1.83 -3.19
C ASP A 29 12.22 -3.23 -3.61
N HIS A 30 11.25 -3.23 -4.53
CA HIS A 30 10.63 -4.46 -5.08
C HIS A 30 11.62 -5.34 -5.89
N VAL A 31 12.64 -4.72 -6.53
CA VAL A 31 13.63 -5.42 -7.39
C VAL A 31 14.54 -6.37 -6.55
N ALA A 32 14.88 -5.94 -5.32
CA ALA A 32 15.65 -6.77 -4.35
C ALA A 32 14.90 -8.10 -4.01
N ILE A 33 13.56 -8.02 -4.01
CA ILE A 33 12.66 -9.16 -3.73
C ILE A 33 12.29 -9.94 -5.03
N GLY A 34 12.26 -9.24 -6.17
CA GLY A 34 11.79 -9.81 -7.45
C GLY A 34 10.30 -9.52 -7.73
N ALA A 35 9.69 -8.64 -6.92
CA ALA A 35 8.26 -8.25 -7.04
C ALA A 35 8.03 -7.19 -8.14
N ASP A 36 6.79 -7.09 -8.62
CA ASP A 36 6.36 -6.08 -9.60
C ASP A 36 5.48 -5.01 -8.91
N CYS A 37 6.09 -3.88 -8.51
CA CYS A 37 5.47 -2.89 -7.58
C CYS A 37 4.28 -2.13 -8.19
N GLU A 38 4.32 -1.86 -9.50
CA GLU A 38 3.29 -1.05 -10.20
C GLU A 38 1.87 -1.69 -10.16
N ARG A 39 1.81 -3.03 -10.27
CA ARG A 39 0.53 -3.78 -10.20
C ARG A 39 0.11 -4.04 -8.74
N LEU A 40 1.11 -4.16 -7.82
CA LEU A 40 0.84 -4.35 -6.37
C LEU A 40 0.18 -3.08 -5.76
N SER A 41 0.72 -1.90 -6.14
CA SER A 41 0.21 -0.58 -5.67
C SER A 41 -1.21 -0.30 -6.21
N ALA A 42 -1.47 -0.77 -7.44
CA ALA A 42 -2.82 -0.71 -8.06
C ALA A 42 -3.86 -1.50 -7.24
N GLN A 43 -3.45 -2.69 -6.73
CA GLN A 43 -4.30 -3.53 -5.85
C GLN A 43 -4.53 -2.86 -4.47
N ILE A 44 -3.46 -2.22 -3.92
CA ILE A 44 -3.55 -1.49 -2.62
C ILE A 44 -4.57 -0.33 -2.71
N GLU A 45 -4.38 0.53 -3.72
CA GLU A 45 -5.18 1.76 -3.87
C GLU A 45 -6.65 1.47 -4.25
N GLU A 46 -6.91 0.40 -5.04
CA GLU A 46 -8.30 0.06 -5.47
C GLU A 46 -9.14 -0.53 -4.32
N CYS A 47 -8.49 -1.27 -3.40
CA CYS A 47 -9.13 -1.76 -2.15
C CYS A 47 -9.63 -0.59 -1.28
N ILE A 48 -8.75 0.40 -1.05
CA ILE A 48 -9.10 1.62 -0.29
C ILE A 48 -9.96 2.61 -1.13
N PHE A 49 -9.86 2.55 -2.49
CA PHE A 49 -10.63 3.45 -3.41
C PHE A 49 -12.12 3.07 -3.47
N ARG A 50 -12.43 1.78 -3.31
CA ARG A 50 -13.84 1.31 -3.25
C ARG A 50 -14.50 1.70 -1.89
N ASP A 51 -13.68 1.99 -0.87
CA ASP A 51 -14.13 2.51 0.44
C ASP A 51 -14.17 4.07 0.50
N VAL A 52 -13.12 4.71 -0.07
CA VAL A 52 -12.77 6.15 0.14
C VAL A 52 -12.95 7.00 -1.16
N GLY A 53 -13.17 6.32 -2.30
CA GLY A 53 -13.18 6.94 -3.65
C GLY A 53 -14.26 8.00 -3.92
N ASN A 54 -15.08 8.34 -2.90
CA ASN A 54 -15.97 9.51 -2.91
C ASN A 54 -15.17 10.84 -2.97
N THR A 55 -13.83 10.73 -2.73
CA THR A 55 -12.85 11.83 -2.70
C THR A 55 -13.17 12.88 -1.62
N ASP A 56 -13.95 13.93 -1.98
CA ASP A 56 -14.32 15.06 -1.09
C ASP A 56 -13.06 15.79 -0.49
N MET A 57 -12.42 15.15 0.49
CA MET A 57 -11.11 15.58 1.04
C MET A 57 -10.28 14.35 1.48
N LYS A 58 -10.97 13.38 2.11
CA LYS A 58 -10.36 12.21 2.79
C LYS A 58 -9.41 11.38 1.88
N TYR A 59 -9.79 11.17 0.60
CA TYR A 59 -8.99 10.34 -0.34
C TYR A 59 -7.57 10.90 -0.53
N LYS A 60 -7.48 12.20 -0.81
CA LYS A 60 -6.20 12.88 -1.09
C LYS A 60 -5.24 12.82 0.12
N ASN A 61 -5.78 13.07 1.33
CA ASN A 61 -5.00 13.04 2.60
C ASN A 61 -4.52 11.60 2.95
N ARG A 62 -5.44 10.62 2.79
CA ARG A 62 -5.16 9.18 3.07
C ARG A 62 -4.07 8.61 2.14
N VAL A 63 -4.07 9.07 0.88
CA VAL A 63 -3.02 8.71 -0.10
C VAL A 63 -1.64 9.26 0.36
N ARG A 64 -1.60 10.57 0.72
CA ARG A 64 -0.36 11.24 1.23
C ARG A 64 0.28 10.47 2.42
N SER A 65 -0.58 9.99 3.34
CA SER A 65 -0.16 9.14 4.48
C SER A 65 0.35 7.76 4.01
N ARG A 66 -0.37 7.15 3.04
CA ARG A 66 -0.06 5.77 2.54
C ARG A 66 1.26 5.74 1.73
N ILE A 67 1.57 6.84 1.01
CA ILE A 67 2.86 7.03 0.31
C ILE A 67 4.00 7.00 1.35
N SER A 68 3.84 7.85 2.39
CA SER A 68 4.78 7.97 3.55
C SER A 68 5.01 6.61 4.25
N ASN A 69 3.96 5.78 4.34
CA ASN A 69 4.03 4.41 4.93
C ASN A 69 4.71 3.39 3.97
N LEU A 70 4.52 3.57 2.65
CA LEU A 70 5.07 2.64 1.63
C LEU A 70 6.51 3.02 1.20
N LYS A 71 7.00 4.17 1.69
CA LYS A 71 8.41 4.60 1.50
C LYS A 71 9.11 4.81 2.87
N ASP A 72 8.47 4.28 3.93
CA ASP A 72 8.78 4.65 5.34
C ASP A 72 10.23 4.30 5.76
N ALA A 73 10.88 5.28 6.40
CA ALA A 73 12.23 5.17 6.96
C ALA A 73 12.21 4.39 8.29
N LYS A 74 11.14 4.62 9.08
CA LYS A 74 10.98 4.02 10.40
C LYS A 74 10.77 2.48 10.28
N ASN A 75 9.83 2.10 9.40
CA ASN A 75 9.54 0.69 9.08
C ASN A 75 9.88 0.41 7.59
N PRO A 76 11.15 -0.01 7.27
CA PRO A 76 11.51 -0.47 5.89
C PRO A 76 10.81 -1.81 5.56
N ASP A 77 10.57 -2.62 6.61
CA ASP A 77 9.89 -3.92 6.50
C ASP A 77 8.38 -3.76 6.16
N LEU A 78 7.81 -2.58 6.42
CA LEU A 78 6.37 -2.28 6.15
C LEU A 78 6.02 -2.46 4.64
N ARG A 79 6.77 -1.73 3.79
CA ARG A 79 6.68 -1.89 2.31
C ARG A 79 7.23 -3.27 1.84
N ARG A 80 8.36 -3.69 2.46
CA ARG A 80 9.07 -4.96 2.13
C ARG A 80 8.15 -6.22 2.26
N ASN A 81 7.31 -6.25 3.32
CA ASN A 81 6.37 -7.37 3.57
C ASN A 81 5.30 -7.47 2.46
N VAL A 82 4.79 -6.31 2.01
CA VAL A 82 3.76 -6.24 0.95
C VAL A 82 4.33 -6.70 -0.41
N LEU A 83 5.57 -6.25 -0.69
CA LEU A 83 6.34 -6.63 -1.89
C LEU A 83 6.78 -8.12 -1.83
N CYS A 84 6.97 -8.65 -0.61
CA CYS A 84 7.27 -10.09 -0.38
C CYS A 84 6.00 -10.96 -0.39
N GLY A 85 4.83 -10.30 -0.26
CA GLY A 85 3.52 -10.99 -0.23
C GLY A 85 3.07 -11.44 1.16
N ALA A 86 3.87 -11.12 2.21
CA ALA A 86 3.56 -11.45 3.63
C ALA A 86 2.25 -10.77 4.09
N ILE A 87 2.15 -9.44 3.90
CA ILE A 87 0.88 -8.69 4.05
C ILE A 87 0.30 -8.42 2.65
N THR A 88 -0.95 -8.87 2.42
CA THR A 88 -1.65 -8.70 1.13
C THR A 88 -2.04 -7.20 0.89
N PRO A 89 -2.02 -6.71 -0.40
CA PRO A 89 -2.43 -5.32 -0.78
C PRO A 89 -3.78 -4.83 -0.17
N GLN A 90 -4.75 -5.75 0.00
CA GLN A 90 -6.06 -5.44 0.62
C GLN A 90 -5.89 -5.07 2.12
N GLN A 91 -5.10 -5.89 2.82
CA GLN A 91 -4.79 -5.70 4.26
C GLN A 91 -4.04 -4.39 4.52
N ILE A 92 -2.98 -4.11 3.74
CA ILE A 92 -2.14 -2.88 3.91
C ILE A 92 -2.90 -1.59 3.47
N ALA A 93 -4.05 -1.75 2.80
CA ALA A 93 -4.94 -0.63 2.39
C ALA A 93 -5.86 -0.18 3.56
N VAL A 94 -6.30 -1.14 4.39
CA VAL A 94 -7.35 -0.90 5.45
C VAL A 94 -6.79 -0.92 6.90
N MET A 95 -5.64 -1.58 7.10
CA MET A 95 -5.00 -1.77 8.43
C MET A 95 -4.43 -0.43 8.98
N THR A 96 -4.73 -0.08 10.25
CA THR A 96 -4.39 1.25 10.85
C THR A 96 -2.86 1.39 11.09
N SER A 97 -2.40 2.65 11.31
CA SER A 97 -0.94 3.01 11.34
C SER A 97 -0.14 2.21 12.40
N GLU A 98 -0.71 2.06 13.63
CA GLU A 98 -0.06 1.29 14.72
C GLU A 98 0.07 -0.20 14.36
N GLU A 99 -1.04 -0.81 13.88
CA GLU A 99 -1.06 -2.23 13.47
C GLU A 99 -0.01 -2.51 12.36
N MET A 100 0.03 -1.63 11.35
CA MET A 100 0.98 -1.70 10.23
C MET A 100 2.46 -1.67 10.71
N ALA A 101 2.77 -0.70 11.59
CA ALA A 101 4.13 -0.54 12.15
C ALA A 101 4.50 -1.69 13.13
N SER A 102 3.48 -2.22 13.83
CA SER A 102 3.66 -3.27 14.86
C SER A 102 3.57 -4.67 14.24
N ASP A 103 4.73 -5.31 14.04
CA ASP A 103 4.82 -6.74 13.64
C ASP A 103 4.15 -7.65 14.69
N GLU A 104 4.10 -7.14 15.94
CA GLU A 104 3.39 -7.76 17.07
C GLU A 104 1.87 -7.88 16.76
N LEU A 105 1.26 -6.78 16.27
CA LEU A 105 -0.20 -6.75 15.96
C LEU A 105 -0.53 -7.44 14.61
N LYS A 106 0.43 -7.42 13.65
CA LYS A 106 0.26 -8.05 12.31
C LYS A 106 0.14 -9.59 12.41
N GLU A 107 0.88 -10.21 13.35
CA GLU A 107 0.78 -11.67 13.61
C GLU A 107 -0.46 -12.01 14.49
N ILE A 108 -0.88 -11.05 15.35
CA ILE A 108 -2.01 -11.26 16.29
C ILE A 108 -3.38 -11.10 15.59
N ARG A 109 -3.88 -12.24 15.10
CA ARG A 109 -5.30 -12.40 14.67
C ARG A 109 -6.18 -12.73 15.89
N LYS A 110 -7.52 -12.78 15.67
CA LYS A 110 -8.56 -13.00 16.71
C LYS A 110 -8.77 -11.74 17.59
N ALA A 111 -7.67 -11.19 18.14
CA ALA A 111 -7.68 -9.89 18.85
C ALA A 111 -7.87 -8.72 17.85
N MET A 112 -7.05 -8.71 16.77
CA MET A 112 -7.13 -7.71 15.69
C MET A 112 -7.32 -8.38 14.32
N THR A 113 -8.59 -8.55 13.92
CA THR A 113 -8.98 -9.14 12.60
C THR A 113 -10.33 -8.53 12.12
N SER A 1 -6.90 -12.53 -1.08
CA SER A 1 -7.99 -11.89 -1.86
C SER A 1 -7.45 -10.84 -2.84
N HIS A 2 -8.15 -10.70 -3.98
CA HIS A 2 -7.84 -9.75 -5.06
C HIS A 2 -9.12 -9.48 -5.88
N MET A 3 -9.39 -8.20 -6.21
CA MET A 3 -10.61 -7.79 -6.95
C MET A 3 -10.26 -7.49 -8.43
N PRO A 4 -11.24 -7.60 -9.39
CA PRO A 4 -11.02 -7.11 -10.78
C PRO A 4 -10.78 -5.58 -10.80
N VAL A 5 -9.47 -5.18 -10.87
CA VAL A 5 -9.05 -3.76 -10.81
C VAL A 5 -9.71 -2.93 -11.94
N PRO A 6 -10.54 -1.89 -11.60
CA PRO A 6 -11.26 -1.08 -12.62
C PRO A 6 -10.32 -0.29 -13.56
N VAL A 7 -10.85 0.11 -14.72
CA VAL A 7 -10.12 0.96 -15.69
C VAL A 7 -10.13 2.45 -15.24
N THR A 8 -9.19 3.24 -15.78
CA THR A 8 -9.02 4.65 -15.39
C THR A 8 -10.09 5.56 -16.06
N CYS A 9 -11.04 6.04 -15.23
CA CYS A 9 -12.11 6.96 -15.67
C CYS A 9 -11.53 8.37 -15.93
N ASP A 10 -11.10 9.04 -14.85
CA ASP A 10 -10.26 10.26 -14.93
C ASP A 10 -8.82 9.89 -14.51
N ALA A 11 -7.85 10.76 -14.81
CA ALA A 11 -6.42 10.56 -14.48
C ALA A 11 -6.13 10.68 -12.95
N VAL A 12 -7.17 10.93 -12.12
CA VAL A 12 -7.06 10.95 -10.63
C VAL A 12 -6.54 9.61 -10.06
N ARG A 13 -7.26 8.52 -10.37
CA ARG A 13 -6.93 7.15 -9.90
C ARG A 13 -5.62 6.61 -10.55
N ASN A 14 -5.35 7.04 -11.80
CA ASN A 14 -4.09 6.74 -12.51
C ASN A 14 -2.90 7.41 -11.77
N LYS A 15 -3.09 8.68 -11.38
CA LYS A 15 -2.12 9.45 -10.57
C LYS A 15 -1.92 8.83 -9.16
N CYS A 16 -3.01 8.29 -8.59
CA CYS A 16 -3.00 7.64 -7.25
C CYS A 16 -2.05 6.43 -7.21
N ARG A 17 -2.22 5.48 -8.16
CA ARG A 17 -1.35 4.29 -8.25
C ARG A 17 0.11 4.68 -8.59
N GLU A 18 0.32 5.77 -9.37
CA GLU A 18 1.68 6.33 -9.65
C GLU A 18 2.38 6.83 -8.35
N MET A 19 1.60 7.50 -7.48
CA MET A 19 2.12 8.04 -6.19
C MET A 19 2.41 6.92 -5.16
N LEU A 20 1.55 5.88 -5.14
CA LEU A 20 1.74 4.69 -4.28
C LEU A 20 2.98 3.87 -4.75
N THR A 21 3.13 3.72 -6.08
CA THR A 21 4.32 3.07 -6.70
C THR A 21 5.59 3.90 -6.45
N ALA A 22 5.46 5.25 -6.36
CA ALA A 22 6.60 6.16 -6.03
C ALA A 22 7.21 5.82 -4.64
N ALA A 23 6.34 5.45 -3.68
CA ALA A 23 6.74 4.97 -2.35
C ALA A 23 7.35 3.54 -2.40
N LEU A 24 6.88 2.72 -3.36
CA LEU A 24 7.39 1.35 -3.57
C LEU A 24 8.69 1.32 -4.42
N GLN A 25 8.96 2.42 -5.17
CA GLN A 25 10.13 2.51 -6.10
C GLN A 25 11.22 3.50 -5.59
N THR A 26 10.95 4.20 -4.45
CA THR A 26 11.93 5.15 -3.83
C THR A 26 13.29 4.44 -3.52
N ASP A 27 13.19 3.15 -3.16
CA ASP A 27 14.32 2.20 -3.17
C ASP A 27 14.08 1.14 -4.26
N HIS A 28 15.16 0.45 -4.69
CA HIS A 28 15.06 -0.70 -5.63
C HIS A 28 14.69 -2.01 -4.85
N ASP A 29 13.73 -1.87 -3.92
CA ASP A 29 13.31 -2.91 -2.98
C ASP A 29 12.51 -4.02 -3.71
N HIS A 30 11.50 -3.60 -4.48
CA HIS A 30 10.70 -4.50 -5.35
C HIS A 30 11.57 -5.22 -6.41
N VAL A 31 12.69 -4.59 -6.81
CA VAL A 31 13.66 -5.17 -7.78
C VAL A 31 14.45 -6.32 -7.12
N ALA A 32 14.87 -6.10 -5.85
CA ALA A 32 15.53 -7.11 -5.01
C ALA A 32 14.59 -8.32 -4.70
N ILE A 33 13.29 -8.01 -4.57
CA ILE A 33 12.23 -9.00 -4.28
C ILE A 33 11.71 -9.67 -5.59
N GLY A 34 11.90 -9.01 -6.75
CA GLY A 34 11.48 -9.53 -8.05
C GLY A 34 9.96 -9.43 -8.28
N ALA A 35 9.39 -8.24 -8.05
CA ALA A 35 7.93 -7.97 -8.19
C ALA A 35 7.69 -6.59 -8.83
N ASP A 36 6.72 -6.53 -9.77
CA ASP A 36 6.33 -5.27 -10.45
C ASP A 36 5.42 -4.42 -9.53
N CYS A 37 5.98 -3.35 -8.93
CA CYS A 37 5.28 -2.48 -7.94
C CYS A 37 4.11 -1.67 -8.56
N GLU A 38 4.14 -1.48 -9.90
CA GLU A 38 3.11 -0.70 -10.63
C GLU A 38 1.72 -1.40 -10.68
N ARG A 39 1.71 -2.74 -10.74
CA ARG A 39 0.46 -3.55 -10.63
C ARG A 39 0.06 -3.80 -9.15
N LEU A 40 1.07 -3.81 -8.24
CA LEU A 40 0.83 -4.02 -6.78
C LEU A 40 0.11 -2.80 -6.15
N SER A 41 0.49 -1.59 -6.59
CA SER A 41 -0.14 -0.31 -6.16
C SER A 41 -1.64 -0.25 -6.57
N ALA A 42 -1.94 -0.84 -7.75
CA ALA A 42 -3.31 -1.00 -8.26
C ALA A 42 -4.20 -1.86 -7.32
N GLN A 43 -3.56 -2.81 -6.59
CA GLN A 43 -4.26 -3.68 -5.63
C GLN A 43 -4.55 -2.96 -4.26
N ILE A 44 -3.76 -1.93 -3.90
CA ILE A 44 -4.16 -0.99 -2.82
C ILE A 44 -5.36 -0.14 -3.33
N GLU A 45 -5.21 0.34 -4.58
CA GLU A 45 -6.17 1.24 -5.24
C GLU A 45 -7.61 0.65 -5.35
N GLU A 46 -7.74 -0.61 -5.82
CA GLU A 46 -9.06 -1.31 -5.99
C GLU A 46 -9.94 -1.24 -4.70
N CYS A 47 -9.28 -1.41 -3.54
CA CYS A 47 -9.93 -1.41 -2.22
C CYS A 47 -10.29 0.01 -1.74
N ILE A 48 -9.28 0.91 -1.75
CA ILE A 48 -9.45 2.30 -1.23
C ILE A 48 -10.38 3.15 -2.14
N PHE A 49 -10.47 2.77 -3.43
CA PHE A 49 -11.31 3.48 -4.43
C PHE A 49 -12.82 3.35 -4.12
N ARG A 50 -13.18 2.26 -3.42
CA ARG A 50 -14.56 2.00 -2.97
C ARG A 50 -14.94 2.84 -1.73
N ASP A 51 -13.98 3.02 -0.79
CA ASP A 51 -14.24 3.75 0.48
C ASP A 51 -14.00 5.28 0.37
N VAL A 52 -12.77 5.66 -0.04
CA VAL A 52 -12.31 7.07 -0.03
C VAL A 52 -12.03 7.60 -1.47
N GLY A 53 -11.88 6.69 -2.45
CA GLY A 53 -11.37 7.04 -3.80
C GLY A 53 -12.37 7.71 -4.75
N ASN A 54 -13.42 8.33 -4.20
CA ASN A 54 -14.44 9.08 -4.98
C ASN A 54 -13.99 10.55 -5.25
N THR A 55 -12.65 10.75 -5.43
CA THR A 55 -11.96 12.07 -5.47
C THR A 55 -12.29 12.93 -4.21
N ASP A 56 -12.45 12.21 -3.07
CA ASP A 56 -12.91 12.76 -1.79
C ASP A 56 -11.87 13.73 -1.14
N MET A 57 -12.33 14.51 -0.14
CA MET A 57 -11.51 15.51 0.58
C MET A 57 -10.29 14.84 1.29
N LYS A 58 -10.56 14.03 2.35
CA LYS A 58 -9.49 13.34 3.15
C LYS A 58 -8.60 12.40 2.30
N TYR A 59 -9.13 11.91 1.15
CA TYR A 59 -8.44 10.99 0.21
C TYR A 59 -7.03 11.47 -0.21
N LYS A 60 -6.89 12.79 -0.39
CA LYS A 60 -5.62 13.40 -0.88
C LYS A 60 -4.48 13.28 0.16
N ASN A 61 -4.81 13.55 1.43
CA ASN A 61 -3.87 13.35 2.56
C ASN A 61 -3.73 11.85 2.92
N ARG A 62 -4.79 11.05 2.68
CA ARG A 62 -4.80 9.60 3.00
C ARG A 62 -3.74 8.82 2.18
N VAL A 63 -3.65 9.17 0.89
CA VAL A 63 -2.64 8.59 -0.03
C VAL A 63 -1.20 8.94 0.44
N ARG A 64 -0.92 10.26 0.61
CA ARG A 64 0.46 10.75 0.94
C ARG A 64 0.93 10.30 2.35
N SER A 65 -0.02 10.14 3.30
CA SER A 65 0.28 9.66 4.67
C SER A 65 0.63 8.15 4.68
N ARG A 66 -0.01 7.37 3.77
CA ARG A 66 0.32 5.93 3.57
C ARG A 66 1.69 5.78 2.86
N ILE A 67 1.96 6.69 1.89
CA ILE A 67 3.29 6.84 1.24
C ILE A 67 4.40 7.11 2.30
N SER A 68 4.07 7.99 3.26
CA SER A 68 4.95 8.33 4.41
C SER A 68 5.30 7.08 5.25
N ASN A 69 4.31 6.16 5.44
CA ASN A 69 4.52 4.89 6.19
C ASN A 69 5.35 3.86 5.38
N LEU A 70 5.26 3.92 4.04
CA LEU A 70 6.02 3.04 3.11
C LEU A 70 7.54 3.42 3.03
N LYS A 71 7.88 4.63 3.50
CA LYS A 71 9.30 5.11 3.57
C LYS A 71 9.71 5.46 5.03
N ASP A 72 8.90 5.02 6.02
CA ASP A 72 9.03 5.44 7.44
C ASP A 72 10.11 4.62 8.20
N ALA A 73 10.75 5.28 9.20
CA ALA A 73 11.88 4.71 9.97
C ALA A 73 11.44 3.75 11.12
N LYS A 74 10.13 3.72 11.45
CA LYS A 74 9.58 2.74 12.43
C LYS A 74 9.59 1.30 11.86
N ASN A 75 9.11 1.16 10.61
CA ASN A 75 8.94 -0.16 9.96
C ASN A 75 8.97 -0.03 8.41
N PRO A 76 10.18 -0.10 7.77
CA PRO A 76 10.31 -0.26 6.28
C PRO A 76 10.00 -1.71 5.81
N ASP A 77 10.03 -2.67 6.77
CA ASP A 77 9.72 -4.10 6.53
C ASP A 77 8.29 -4.28 5.96
N LEU A 78 7.38 -3.37 6.37
CA LEU A 78 5.97 -3.36 5.94
C LEU A 78 5.85 -3.36 4.39
N ARG A 79 6.58 -2.42 3.76
CA ARG A 79 6.64 -2.29 2.30
C ARG A 79 7.13 -3.61 1.64
N ARG A 80 8.15 -4.23 2.27
CA ARG A 80 8.76 -5.49 1.77
C ARG A 80 7.75 -6.66 1.78
N ASN A 81 6.95 -6.75 2.87
CA ASN A 81 5.88 -7.77 3.01
C ASN A 81 4.80 -7.64 1.91
N VAL A 82 4.41 -6.39 1.62
CA VAL A 82 3.38 -6.09 0.59
C VAL A 82 3.92 -6.45 -0.84
N LEU A 83 5.21 -6.15 -1.09
CA LEU A 83 5.90 -6.48 -2.36
C LEU A 83 6.09 -8.02 -2.54
N CYS A 84 6.28 -8.74 -1.41
CA CYS A 84 6.42 -10.22 -1.39
C CYS A 84 5.04 -10.93 -1.42
N GLY A 85 3.97 -10.18 -1.17
CA GLY A 85 2.60 -10.73 -1.10
C GLY A 85 2.30 -11.49 0.21
N ALA A 86 3.14 -11.28 1.24
CA ALA A 86 2.92 -11.83 2.59
C ALA A 86 1.64 -11.23 3.22
N ILE A 87 1.63 -9.89 3.35
CA ILE A 87 0.40 -9.10 3.56
C ILE A 87 -0.03 -8.58 2.18
N THR A 88 -1.24 -8.96 1.72
CA THR A 88 -1.71 -8.55 0.38
C THR A 88 -2.07 -7.04 0.38
N PRO A 89 -1.83 -6.31 -0.74
CA PRO A 89 -2.27 -4.89 -0.88
C PRO A 89 -3.79 -4.66 -0.62
N GLN A 90 -4.60 -5.74 -0.74
CA GLN A 90 -6.05 -5.73 -0.36
C GLN A 90 -6.18 -5.56 1.18
N GLN A 91 -5.39 -6.35 1.94
CA GLN A 91 -5.34 -6.29 3.42
C GLN A 91 -4.87 -4.91 3.92
N ILE A 92 -3.74 -4.43 3.38
CA ILE A 92 -3.05 -3.22 3.90
C ILE A 92 -3.94 -1.95 3.80
N ALA A 93 -4.81 -1.90 2.78
CA ALA A 93 -5.74 -0.78 2.55
C ALA A 93 -6.81 -0.64 3.67
N VAL A 94 -7.24 -1.78 4.26
CA VAL A 94 -8.21 -1.80 5.39
C VAL A 94 -7.51 -1.84 6.78
N MET A 95 -6.22 -2.24 6.81
CA MET A 95 -5.43 -2.31 8.07
C MET A 95 -5.21 -0.93 8.73
N THR A 96 -5.36 -0.89 10.06
CA THR A 96 -5.17 0.32 10.89
C THR A 96 -3.68 0.75 10.90
N SER A 97 -3.42 2.07 10.99
CA SER A 97 -2.06 2.66 10.92
C SER A 97 -1.04 1.99 11.89
N GLU A 98 -1.47 1.76 13.13
CA GLU A 98 -0.62 1.13 14.17
C GLU A 98 -0.27 -0.35 13.84
N GLU A 99 -1.29 -1.17 13.47
CA GLU A 99 -1.07 -2.62 13.19
C GLU A 99 -0.18 -2.85 11.95
N MET A 100 -0.03 -1.82 11.10
CA MET A 100 0.90 -1.85 9.96
C MET A 100 2.38 -1.81 10.43
N ALA A 101 2.71 -0.82 11.27
CA ALA A 101 4.11 -0.49 11.63
C ALA A 101 4.58 -1.08 12.98
N SER A 102 3.65 -1.50 13.85
CA SER A 102 3.99 -2.03 15.20
C SER A 102 4.49 -3.49 15.12
N ASP A 103 5.83 -3.65 15.12
CA ASP A 103 6.49 -4.98 15.07
C ASP A 103 6.18 -5.80 16.36
N GLU A 104 5.91 -5.10 17.47
CA GLU A 104 5.43 -5.72 18.73
C GLU A 104 4.14 -6.55 18.51
N LEU A 105 3.18 -6.00 17.74
CA LEU A 105 1.93 -6.70 17.40
C LEU A 105 2.15 -7.84 16.36
N LYS A 106 3.24 -7.73 15.56
CA LYS A 106 3.59 -8.76 14.54
C LYS A 106 4.14 -10.05 15.19
N GLU A 107 4.83 -9.91 16.35
CA GLU A 107 5.34 -11.06 17.13
C GLU A 107 4.27 -11.58 18.15
N ILE A 108 3.32 -10.71 18.56
CA ILE A 108 2.15 -11.11 19.40
C ILE A 108 1.06 -11.85 18.57
N ARG A 109 1.16 -11.76 17.22
CA ARG A 109 0.19 -12.37 16.26
C ARG A 109 -0.08 -13.88 16.52
N LYS A 110 0.96 -14.65 16.86
CA LYS A 110 0.80 -16.07 17.27
C LYS A 110 0.22 -16.20 18.69
N ALA A 111 0.99 -15.70 19.69
CA ALA A 111 0.66 -15.79 21.15
C ALA A 111 0.53 -17.25 21.67
N MET A 112 0.23 -17.40 22.99
CA MET A 112 0.00 -18.72 23.66
C MET A 112 1.26 -19.66 23.51
N THR A 113 2.45 -19.04 23.56
CA THR A 113 3.75 -19.72 23.32
C THR A 113 4.10 -20.74 24.44
N SER A 1 -11.25 -16.60 -6.21
CA SER A 1 -11.34 -15.75 -7.44
C SER A 1 -11.04 -14.27 -7.10
N HIS A 2 -10.02 -13.67 -7.75
CA HIS A 2 -9.69 -12.24 -7.57
C HIS A 2 -10.75 -11.33 -8.21
N MET A 3 -11.41 -10.49 -7.40
CA MET A 3 -12.44 -9.54 -7.88
C MET A 3 -11.79 -8.41 -8.76
N PRO A 4 -12.38 -8.08 -9.95
CA PRO A 4 -11.75 -7.16 -10.95
C PRO A 4 -11.45 -5.73 -10.43
N VAL A 5 -10.32 -5.18 -10.91
CA VAL A 5 -9.89 -3.79 -10.66
C VAL A 5 -10.67 -2.83 -11.62
N PRO A 6 -11.24 -1.68 -11.13
CA PRO A 6 -11.94 -0.70 -12.01
C PRO A 6 -10.96 0.11 -12.92
N VAL A 7 -11.51 0.71 -14.00
CA VAL A 7 -10.76 1.64 -14.89
C VAL A 7 -10.44 2.96 -14.16
N THR A 8 -9.33 3.64 -14.56
CA THR A 8 -8.84 4.84 -13.86
C THR A 8 -9.83 6.03 -13.95
N CYS A 9 -10.63 6.20 -12.87
CA CYS A 9 -11.62 7.29 -12.74
C CYS A 9 -10.91 8.65 -12.54
N ASP A 10 -10.72 9.37 -13.67
CA ASP A 10 -10.06 10.70 -13.74
C ASP A 10 -8.55 10.62 -13.36
N ALA A 11 -7.83 11.76 -13.54
CA ALA A 11 -6.42 11.91 -13.12
C ALA A 11 -6.27 11.87 -11.58
N VAL A 12 -7.39 12.00 -10.83
CA VAL A 12 -7.42 11.80 -9.36
C VAL A 12 -6.93 10.37 -8.97
N ARG A 13 -7.66 9.34 -9.45
CA ARG A 13 -7.33 7.91 -9.17
C ARG A 13 -6.08 7.45 -9.96
N ASN A 14 -5.90 7.99 -11.19
CA ASN A 14 -4.71 7.68 -12.03
C ASN A 14 -3.41 8.07 -11.30
N LYS A 15 -3.31 9.36 -10.91
CA LYS A 15 -2.14 9.90 -10.18
C LYS A 15 -1.95 9.20 -8.82
N CYS A 16 -3.08 8.80 -8.17
CA CYS A 16 -3.05 8.01 -6.90
C CYS A 16 -2.27 6.70 -7.03
N ARG A 17 -2.57 5.93 -8.10
CA ARG A 17 -1.85 4.66 -8.42
C ARG A 17 -0.37 4.94 -8.71
N GLU A 18 -0.08 6.01 -9.50
CA GLU A 18 1.30 6.41 -9.87
C GLU A 18 2.18 6.71 -8.62
N MET A 19 1.66 7.53 -7.68
CA MET A 19 2.40 7.96 -6.48
C MET A 19 2.51 6.86 -5.38
N LEU A 20 1.52 5.94 -5.33
CA LEU A 20 1.64 4.71 -4.48
C LEU A 20 2.69 3.72 -5.04
N THR A 21 2.83 3.69 -6.38
CA THR A 21 3.93 2.95 -7.05
C THR A 21 5.29 3.62 -6.74
N ALA A 22 5.29 4.97 -6.71
CA ALA A 22 6.46 5.78 -6.34
C ALA A 22 6.95 5.48 -4.90
N ALA A 23 5.98 5.22 -4.00
CA ALA A 23 6.26 4.81 -2.60
C ALA A 23 6.94 3.42 -2.51
N LEU A 24 6.64 2.55 -3.48
CA LEU A 24 7.22 1.18 -3.55
C LEU A 24 8.58 1.15 -4.33
N GLN A 25 8.75 2.06 -5.32
CA GLN A 25 9.96 2.10 -6.20
C GLN A 25 11.03 3.10 -5.68
N THR A 26 10.70 3.84 -4.60
CA THR A 26 11.63 4.83 -3.96
C THR A 26 13.01 4.20 -3.63
N ASP A 27 12.99 2.90 -3.27
CA ASP A 27 14.19 2.06 -3.08
C ASP A 27 14.00 0.72 -3.85
N HIS A 28 15.07 -0.09 -3.90
CA HIS A 28 15.12 -1.31 -4.74
C HIS A 28 14.73 -2.59 -3.94
N ASP A 29 13.76 -2.45 -3.02
CA ASP A 29 13.23 -3.56 -2.19
C ASP A 29 12.51 -4.60 -3.09
N HIS A 30 11.56 -4.09 -3.90
CA HIS A 30 10.78 -4.89 -4.86
C HIS A 30 11.67 -5.51 -5.97
N VAL A 31 12.83 -4.89 -6.25
CA VAL A 31 13.81 -5.42 -7.23
C VAL A 31 14.51 -6.68 -6.66
N ALA A 32 15.00 -6.57 -5.41
CA ALA A 32 15.68 -7.68 -4.68
C ALA A 32 14.74 -8.90 -4.49
N ILE A 33 13.44 -8.60 -4.29
CA ILE A 33 12.37 -9.62 -4.14
C ILE A 33 11.90 -10.17 -5.51
N GLY A 34 11.88 -9.31 -6.54
CA GLY A 34 11.34 -9.66 -7.88
C GLY A 34 9.86 -9.29 -8.04
N ALA A 35 9.37 -8.39 -7.16
CA ALA A 35 7.98 -7.92 -7.14
C ALA A 35 7.74 -6.74 -8.12
N ASP A 36 6.63 -6.82 -8.86
CA ASP A 36 6.20 -5.76 -9.81
C ASP A 36 5.45 -4.65 -9.03
N CYS A 37 6.15 -3.56 -8.68
CA CYS A 37 5.65 -2.51 -7.75
C CYS A 37 4.39 -1.78 -8.28
N GLU A 38 4.31 -1.58 -9.61
CA GLU A 38 3.11 -1.02 -10.29
C GLU A 38 1.87 -1.92 -10.09
N ARG A 39 2.06 -3.20 -10.39
CA ARG A 39 1.02 -4.25 -10.29
C ARG A 39 0.45 -4.36 -8.85
N LEU A 40 1.35 -4.35 -7.85
CA LEU A 40 0.97 -4.42 -6.42
C LEU A 40 0.21 -3.15 -5.99
N SER A 41 0.74 -1.97 -6.39
CA SER A 41 0.13 -0.64 -6.12
C SER A 41 -1.31 -0.55 -6.68
N ALA A 42 -1.54 -1.15 -7.86
CA ALA A 42 -2.88 -1.22 -8.50
C ALA A 42 -3.88 -2.02 -7.64
N GLN A 43 -3.37 -3.06 -6.94
CA GLN A 43 -4.19 -3.90 -6.04
C GLN A 43 -4.45 -3.16 -4.69
N ILE A 44 -3.48 -2.33 -4.24
CA ILE A 44 -3.61 -1.51 -3.01
C ILE A 44 -4.70 -0.42 -3.17
N GLU A 45 -4.56 0.37 -4.25
CA GLU A 45 -5.38 1.57 -4.48
C GLU A 45 -6.86 1.23 -4.81
N GLU A 46 -7.10 0.08 -5.48
CA GLU A 46 -8.48 -0.36 -5.83
C GLU A 46 -9.28 -0.78 -4.56
N CYS A 47 -8.58 -1.32 -3.55
CA CYS A 47 -9.18 -1.67 -2.24
C CYS A 47 -9.63 -0.41 -1.46
N ILE A 48 -8.72 0.59 -1.36
CA ILE A 48 -9.02 1.90 -0.70
C ILE A 48 -9.98 2.77 -1.58
N PHE A 49 -10.00 2.51 -2.91
CA PHE A 49 -10.91 3.18 -3.87
C PHE A 49 -12.40 2.95 -3.49
N ARG A 50 -12.70 1.73 -3.03
CA ARG A 50 -14.06 1.33 -2.63
C ARG A 50 -14.47 1.95 -1.27
N ASP A 51 -13.48 2.24 -0.39
CA ASP A 51 -13.75 2.82 0.96
C ASP A 51 -13.79 4.38 0.93
N VAL A 52 -12.69 5.01 0.44
CA VAL A 52 -12.54 6.49 0.42
C VAL A 52 -12.47 7.06 -1.02
N GLY A 53 -12.09 6.20 -1.99
CA GLY A 53 -11.68 6.64 -3.33
C GLY A 53 -12.78 7.02 -4.31
N ASN A 54 -13.93 7.47 -3.81
CA ASN A 54 -15.00 8.08 -4.65
C ASN A 54 -14.65 9.57 -4.99
N THR A 55 -13.40 9.78 -5.49
CA THR A 55 -12.78 11.11 -5.76
C THR A 55 -13.10 12.15 -4.64
N ASP A 56 -12.49 11.95 -3.46
CA ASP A 56 -12.91 12.63 -2.21
C ASP A 56 -11.80 13.56 -1.63
N MET A 57 -12.23 14.46 -0.73
CA MET A 57 -11.35 15.43 -0.02
C MET A 57 -10.25 14.73 0.82
N LYS A 58 -10.67 13.96 1.86
CA LYS A 58 -9.73 13.23 2.77
C LYS A 58 -8.89 12.17 2.03
N TYR A 59 -9.41 11.64 0.90
CA TYR A 59 -8.74 10.61 0.07
C TYR A 59 -7.30 11.01 -0.34
N LYS A 60 -7.09 12.30 -0.68
CA LYS A 60 -5.75 12.85 -1.03
C LYS A 60 -4.75 12.72 0.14
N ASN A 61 -5.19 13.14 1.34
CA ASN A 61 -4.39 13.03 2.59
C ASN A 61 -4.16 11.55 3.00
N ARG A 62 -5.17 10.72 2.76
CA ARG A 62 -5.18 9.29 3.15
C ARG A 62 -4.16 8.46 2.30
N VAL A 63 -4.04 8.80 1.00
CA VAL A 63 -3.09 8.15 0.07
C VAL A 63 -1.62 8.59 0.35
N ARG A 64 -1.38 9.91 0.55
CA ARG A 64 -0.02 10.43 0.83
C ARG A 64 0.50 10.00 2.23
N SER A 65 -0.42 9.77 3.19
CA SER A 65 -0.10 9.17 4.50
C SER A 65 0.35 7.68 4.35
N ARG A 66 -0.15 6.98 3.31
CA ARG A 66 0.39 5.65 2.93
C ARG A 66 1.85 5.79 2.43
N ILE A 67 2.04 6.69 1.44
CA ILE A 67 3.34 6.95 0.76
C ILE A 67 4.49 7.26 1.76
N SER A 68 4.17 8.14 2.74
CA SER A 68 5.13 8.59 3.79
C SER A 68 5.63 7.40 4.65
N ASN A 69 4.68 6.58 5.15
CA ASN A 69 4.98 5.42 6.03
C ASN A 69 5.62 4.24 5.28
N LEU A 70 5.33 4.12 3.97
CA LEU A 70 5.96 3.10 3.10
C LEU A 70 7.48 3.35 2.95
N LYS A 71 7.87 4.63 2.74
CA LYS A 71 9.30 5.03 2.59
C LYS A 71 9.95 5.44 3.95
N ASP A 72 9.20 5.35 5.06
CA ASP A 72 9.66 5.80 6.40
C ASP A 72 10.63 4.77 7.05
N ALA A 73 11.59 5.28 7.85
CA ALA A 73 12.69 4.48 8.43
C ALA A 73 12.30 3.74 9.74
N LYS A 74 11.16 4.12 10.36
CA LYS A 74 10.65 3.43 11.59
C LYS A 74 10.11 2.03 11.27
N ASN A 75 9.64 1.82 10.03
CA ASN A 75 9.23 0.49 9.53
C ASN A 75 9.59 0.36 8.02
N PRO A 76 10.85 -0.10 7.69
CA PRO A 76 11.24 -0.45 6.28
C PRO A 76 10.45 -1.67 5.76
N ASP A 77 10.17 -2.61 6.68
CA ASP A 77 9.45 -3.86 6.38
C ASP A 77 7.97 -3.63 6.03
N LEU A 78 7.43 -2.44 6.32
CA LEU A 78 6.01 -2.09 6.00
C LEU A 78 5.74 -2.24 4.48
N ARG A 79 6.59 -1.60 3.65
CA ARG A 79 6.56 -1.78 2.17
C ARG A 79 7.05 -3.20 1.78
N ARG A 80 8.16 -3.65 2.39
CA ARG A 80 8.89 -4.88 2.00
C ARG A 80 8.06 -6.18 2.21
N ASN A 81 7.15 -6.18 3.21
CA ASN A 81 6.23 -7.31 3.47
C ASN A 81 5.09 -7.36 2.42
N VAL A 82 4.65 -6.18 1.94
CA VAL A 82 3.65 -6.09 0.84
C VAL A 82 4.29 -6.54 -0.50
N LEU A 83 5.57 -6.20 -0.68
CA LEU A 83 6.36 -6.55 -1.87
C LEU A 83 6.68 -8.07 -1.91
N CYS A 84 6.96 -8.68 -0.74
CA CYS A 84 7.23 -10.15 -0.64
C CYS A 84 5.93 -10.98 -0.50
N GLY A 85 4.78 -10.29 -0.35
CA GLY A 85 3.47 -10.95 -0.25
C GLY A 85 3.13 -11.52 1.14
N ALA A 86 3.92 -11.15 2.17
CA ALA A 86 3.63 -11.48 3.58
C ALA A 86 2.35 -10.75 4.05
N ILE A 87 2.36 -9.41 3.89
CA ILE A 87 1.13 -8.58 3.95
C ILE A 87 0.55 -8.49 2.52
N THR A 88 -0.76 -8.76 2.36
CA THR A 88 -1.42 -8.65 1.04
C THR A 88 -1.72 -7.16 0.70
N PRO A 89 -1.64 -6.73 -0.60
CA PRO A 89 -1.99 -5.35 -1.03
C PRO A 89 -3.37 -4.83 -0.55
N GLN A 90 -4.31 -5.78 -0.31
CA GLN A 90 -5.65 -5.45 0.23
C GLN A 90 -5.56 -5.07 1.73
N GLN A 91 -4.79 -5.87 2.51
CA GLN A 91 -4.56 -5.63 3.96
C GLN A 91 -3.96 -4.22 4.23
N ILE A 92 -2.79 -3.92 3.61
CA ILE A 92 -2.07 -2.63 3.82
C ILE A 92 -2.95 -1.38 3.48
N ALA A 93 -3.88 -1.54 2.52
CA ALA A 93 -4.83 -0.49 2.12
C ALA A 93 -5.87 -0.17 3.23
N VAL A 94 -6.32 -1.21 3.95
CA VAL A 94 -7.35 -1.07 5.03
C VAL A 94 -6.73 -1.01 6.46
N MET A 95 -5.43 -1.33 6.59
CA MET A 95 -4.68 -1.29 7.89
C MET A 95 -4.48 0.17 8.37
N THR A 96 -4.88 0.48 9.63
CA THR A 96 -4.76 1.84 10.20
C THR A 96 -3.29 2.18 10.61
N SER A 97 -3.06 3.42 11.09
CA SER A 97 -1.72 3.90 11.55
C SER A 97 -1.15 3.03 12.69
N GLU A 98 -2.06 2.56 13.57
CA GLU A 98 -1.71 1.60 14.64
C GLU A 98 -1.17 0.28 14.03
N GLU A 99 -1.89 -0.26 13.03
CA GLU A 99 -1.53 -1.52 12.32
C GLU A 99 -0.20 -1.40 11.54
N MET A 100 0.11 -0.19 11.03
CA MET A 100 1.39 0.08 10.34
C MET A 100 2.60 0.15 11.32
N ALA A 101 2.30 0.07 12.63
CA ALA A 101 3.31 -0.10 13.71
C ALA A 101 3.03 -1.36 14.58
N SER A 102 1.93 -2.09 14.26
CA SER A 102 1.48 -3.31 15.02
C SER A 102 1.36 -4.53 14.09
N ASP A 103 1.98 -4.44 12.90
CA ASP A 103 2.17 -5.59 11.99
C ASP A 103 3.13 -6.65 12.61
N GLU A 104 3.90 -6.21 13.62
CA GLU A 104 4.68 -7.09 14.51
C GLU A 104 3.77 -8.11 15.27
N LEU A 105 2.61 -7.61 15.76
CA LEU A 105 1.66 -8.39 16.61
C LEU A 105 1.04 -9.61 15.89
N LYS A 106 1.15 -9.66 14.55
CA LYS A 106 0.66 -10.80 13.75
C LYS A 106 1.45 -12.09 14.07
N GLU A 107 2.73 -11.91 14.42
CA GLU A 107 3.59 -12.96 15.01
C GLU A 107 3.54 -12.92 16.56
N ILE A 108 3.63 -11.71 17.13
CA ILE A 108 3.76 -11.48 18.58
C ILE A 108 2.37 -11.35 19.27
N ARG A 109 1.79 -12.50 19.64
CA ARG A 109 0.58 -12.58 20.50
C ARG A 109 0.98 -13.26 21.84
N LYS A 110 0.52 -12.66 22.96
CA LYS A 110 0.86 -13.08 24.34
C LYS A 110 2.38 -12.83 24.59
N ALA A 111 2.78 -11.54 24.44
CA ALA A 111 4.19 -11.10 24.59
C ALA A 111 4.65 -11.18 26.06
N MET A 112 5.43 -12.21 26.37
CA MET A 112 6.02 -12.45 27.72
C MET A 112 7.54 -12.58 27.61
N THR A 113 8.28 -11.96 28.55
CA THR A 113 9.76 -12.04 28.60
C THR A 113 10.25 -13.49 28.96
N SER A 1 -5.51 -16.23 -9.32
CA SER A 1 -4.76 -15.41 -10.31
C SER A 1 -5.31 -13.97 -10.38
N HIS A 2 -4.63 -13.03 -9.67
CA HIS A 2 -4.98 -11.60 -9.69
C HIS A 2 -4.61 -10.95 -11.05
N MET A 3 -5.62 -10.77 -11.92
CA MET A 3 -5.44 -10.14 -13.25
C MET A 3 -5.16 -8.61 -13.11
N PRO A 4 -4.22 -8.03 -13.94
CA PRO A 4 -3.95 -6.56 -13.94
C PRO A 4 -5.18 -5.74 -14.43
N VAL A 5 -6.02 -5.32 -13.47
CA VAL A 5 -7.22 -4.49 -13.74
C VAL A 5 -6.82 -2.99 -13.93
N PRO A 6 -7.29 -2.29 -15.03
CA PRO A 6 -7.09 -0.83 -15.19
C PRO A 6 -7.85 -0.01 -14.12
N VAL A 7 -7.27 1.13 -13.75
CA VAL A 7 -7.70 1.93 -12.58
C VAL A 7 -7.72 3.45 -12.90
N THR A 8 -8.89 3.97 -13.32
CA THR A 8 -9.07 5.39 -13.68
C THR A 8 -10.47 5.90 -13.24
N CYS A 9 -10.51 6.60 -12.11
CA CYS A 9 -11.72 7.37 -11.68
C CYS A 9 -11.67 8.78 -12.30
N ASP A 10 -10.45 9.33 -12.28
CA ASP A 10 -10.12 10.67 -12.80
C ASP A 10 -8.57 10.80 -12.86
N ALA A 11 -8.06 11.93 -13.42
CA ALA A 11 -6.63 12.29 -13.38
C ALA A 11 -6.07 12.33 -11.93
N VAL A 12 -6.94 12.65 -10.94
CA VAL A 12 -6.60 12.60 -9.50
C VAL A 12 -6.18 11.16 -9.08
N ARG A 13 -7.03 10.15 -9.40
CA ARG A 13 -6.77 8.73 -9.01
C ARG A 13 -5.48 8.19 -9.67
N ASN A 14 -5.33 8.43 -10.98
CA ASN A 14 -4.17 7.98 -11.77
C ASN A 14 -2.85 8.53 -11.18
N LYS A 15 -2.85 9.85 -10.89
CA LYS A 15 -1.71 10.57 -10.29
C LYS A 15 -1.35 10.01 -8.88
N CYS A 16 -2.38 9.68 -8.08
CA CYS A 16 -2.20 9.12 -6.72
C CYS A 16 -1.69 7.67 -6.76
N ARG A 17 -2.07 6.90 -7.80
CA ARG A 17 -1.58 5.52 -7.99
C ARG A 17 -0.08 5.52 -8.32
N GLU A 18 0.35 6.52 -9.10
CA GLU A 18 1.79 6.72 -9.42
C GLU A 18 2.61 7.02 -8.15
N MET A 19 2.00 7.72 -7.18
CA MET A 19 2.62 7.98 -5.85
C MET A 19 2.61 6.71 -4.94
N LEU A 20 1.53 5.88 -5.05
CA LEU A 20 1.44 4.56 -4.36
C LEU A 20 2.50 3.57 -4.87
N THR A 21 2.71 3.59 -6.21
CA THR A 21 3.77 2.79 -6.88
C THR A 21 5.15 3.31 -6.47
N ALA A 22 5.28 4.65 -6.40
CA ALA A 22 6.50 5.36 -5.98
C ALA A 22 6.92 5.03 -4.54
N ALA A 23 5.93 4.69 -3.69
CA ALA A 23 6.18 4.22 -2.30
C ALA A 23 6.83 2.80 -2.29
N LEU A 24 6.51 1.98 -3.31
CA LEU A 24 7.04 0.61 -3.48
C LEU A 24 8.41 0.60 -4.26
N GLN A 25 8.62 1.62 -5.10
CA GLN A 25 9.89 1.85 -5.85
C GLN A 25 10.61 3.12 -5.30
N THR A 26 10.39 3.41 -3.99
CA THR A 26 10.99 4.59 -3.29
C THR A 26 12.53 4.60 -3.35
N ASP A 27 13.12 3.41 -3.34
CA ASP A 27 14.49 3.17 -3.85
C ASP A 27 14.42 1.99 -4.86
N HIS A 28 14.58 0.74 -4.36
CA HIS A 28 14.57 -0.50 -5.19
C HIS A 28 13.97 -1.66 -4.37
N ASP A 29 12.98 -1.33 -3.54
CA ASP A 29 12.41 -2.23 -2.53
C ASP A 29 11.58 -3.38 -3.17
N HIS A 30 10.83 -3.07 -4.24
CA HIS A 30 10.08 -4.10 -5.02
C HIS A 30 11.05 -5.00 -5.84
N VAL A 31 12.25 -4.47 -6.15
CA VAL A 31 13.32 -5.19 -6.90
C VAL A 31 14.00 -6.25 -6.00
N ALA A 32 14.09 -5.94 -4.69
CA ALA A 32 14.66 -6.85 -3.65
C ALA A 32 13.97 -8.24 -3.61
N ILE A 33 12.67 -8.27 -3.95
CA ILE A 33 11.89 -9.52 -4.08
C ILE A 33 11.75 -9.92 -5.57
N GLY A 34 11.52 -8.91 -6.42
CA GLY A 34 11.29 -9.11 -7.87
C GLY A 34 9.83 -8.97 -8.30
N ALA A 35 9.01 -8.31 -7.46
CA ALA A 35 7.57 -8.08 -7.72
C ALA A 35 7.34 -6.74 -8.44
N ASP A 36 6.49 -6.74 -9.49
CA ASP A 36 6.18 -5.53 -10.29
C ASP A 36 5.20 -4.59 -9.54
N CYS A 37 5.73 -3.46 -9.04
CA CYS A 37 5.03 -2.52 -8.14
C CYS A 37 3.80 -1.82 -8.78
N GLU A 38 3.76 -1.72 -10.12
CA GLU A 38 2.65 -1.03 -10.85
C GLU A 38 1.33 -1.85 -10.86
N ARG A 39 1.41 -3.19 -11.05
CA ARG A 39 0.22 -4.08 -10.99
C ARG A 39 -0.23 -4.29 -9.53
N LEU A 40 0.75 -4.22 -8.59
CA LEU A 40 0.45 -4.31 -7.14
C LEU A 40 -0.34 -3.08 -6.66
N SER A 41 0.19 -1.87 -6.96
CA SER A 41 -0.38 -0.57 -6.51
C SER A 41 -1.86 -0.41 -6.92
N ALA A 42 -2.19 -0.91 -8.13
CA ALA A 42 -3.57 -0.95 -8.66
C ALA A 42 -4.51 -1.79 -7.75
N GLN A 43 -4.02 -2.98 -7.32
CA GLN A 43 -4.79 -3.93 -6.47
C GLN A 43 -4.97 -3.39 -5.02
N ILE A 44 -3.89 -2.80 -4.45
CA ILE A 44 -3.93 -2.10 -3.14
C ILE A 44 -4.94 -0.91 -3.21
N GLU A 45 -4.85 -0.15 -4.32
CA GLU A 45 -5.67 1.07 -4.52
C GLU A 45 -7.18 0.75 -4.60
N GLU A 46 -7.55 -0.32 -5.32
CA GLU A 46 -8.95 -0.80 -5.42
C GLU A 46 -9.59 -1.06 -4.03
N CYS A 47 -8.82 -1.70 -3.15
CA CYS A 47 -9.30 -2.11 -1.81
C CYS A 47 -9.43 -0.91 -0.83
N ILE A 48 -8.53 0.09 -0.92
CA ILE A 48 -8.61 1.32 -0.09
C ILE A 48 -9.64 2.33 -0.69
N PHE A 49 -9.85 2.26 -2.03
CA PHE A 49 -10.74 3.19 -2.81
C PHE A 49 -12.21 3.16 -2.34
N ARG A 50 -12.62 2.03 -1.72
CA ARG A 50 -14.01 1.77 -1.29
C ARG A 50 -14.60 2.93 -0.43
N ASP A 51 -13.89 3.29 0.64
CA ASP A 51 -14.20 4.47 1.47
C ASP A 51 -13.44 5.73 0.98
N VAL A 52 -12.12 5.56 0.84
CA VAL A 52 -11.17 6.68 0.67
C VAL A 52 -11.25 7.38 -0.70
N GLY A 53 -11.60 6.61 -1.76
CA GLY A 53 -11.51 7.07 -3.16
C GLY A 53 -12.58 8.07 -3.65
N ASN A 54 -13.09 8.91 -2.73
CA ASN A 54 -14.05 9.99 -3.04
C ASN A 54 -13.36 11.30 -3.51
N THR A 55 -12.01 11.25 -3.70
CA THR A 55 -11.11 12.39 -4.10
C THR A 55 -10.99 13.51 -3.01
N ASP A 56 -12.13 14.10 -2.61
CA ASP A 56 -12.21 15.13 -1.56
C ASP A 56 -11.67 14.63 -0.18
N MET A 57 -10.76 15.44 0.42
CA MET A 57 -10.23 15.27 1.80
C MET A 57 -9.53 13.91 2.05
N LYS A 58 -10.32 12.84 2.29
CA LYS A 58 -9.81 11.51 2.73
C LYS A 58 -8.82 10.87 1.74
N TYR A 59 -9.09 11.03 0.43
CA TYR A 59 -8.23 10.48 -0.64
C TYR A 59 -6.89 11.24 -0.74
N LYS A 60 -6.91 12.54 -0.42
CA LYS A 60 -5.67 13.33 -0.32
C LYS A 60 -4.87 12.98 0.95
N ASN A 61 -5.54 13.01 2.12
CA ASN A 61 -4.90 12.94 3.45
C ASN A 61 -4.47 11.49 3.83
N ARG A 62 -5.40 10.51 3.72
CA ARG A 62 -5.17 9.12 4.19
C ARG A 62 -4.28 8.31 3.21
N VAL A 63 -4.30 8.67 1.92
CA VAL A 63 -3.40 8.05 0.92
C VAL A 63 -1.95 8.54 1.10
N ARG A 64 -1.73 9.88 1.25
CA ARG A 64 -0.36 10.44 1.47
C ARG A 64 0.25 9.92 2.81
N SER A 65 -0.62 9.74 3.84
CA SER A 65 -0.23 9.16 5.14
C SER A 65 0.24 7.70 4.99
N ARG A 66 -0.50 6.90 4.21
CA ARG A 66 -0.18 5.47 3.97
C ARG A 66 1.14 5.34 3.16
N ILE A 67 1.27 6.16 2.09
CA ILE A 67 2.52 6.33 1.30
C ILE A 67 3.73 6.71 2.20
N SER A 68 3.47 7.55 3.22
CA SER A 68 4.50 7.98 4.21
C SER A 68 5.02 6.78 5.04
N ASN A 69 4.10 5.93 5.54
CA ASN A 69 4.47 4.67 6.27
C ASN A 69 5.18 3.64 5.36
N LEU A 70 4.85 3.67 4.06
CA LEU A 70 5.49 2.79 3.05
C LEU A 70 6.96 3.24 2.76
N LYS A 71 7.17 4.54 2.51
CA LYS A 71 8.53 5.10 2.24
C LYS A 71 9.31 5.39 3.55
N ASP A 72 8.72 5.04 4.70
CA ASP A 72 9.34 5.22 6.02
C ASP A 72 10.53 4.25 6.23
N ALA A 73 11.69 4.81 6.64
CA ALA A 73 12.92 4.03 6.91
C ALA A 73 12.82 3.23 8.23
N LYS A 74 11.96 3.69 9.16
CA LYS A 74 11.76 3.01 10.46
C LYS A 74 10.92 1.72 10.29
N ASN A 75 9.96 1.72 9.32
CA ASN A 75 9.19 0.52 8.92
C ASN A 75 9.52 0.09 7.45
N PRO A 76 10.66 -0.64 7.20
CA PRO A 76 10.90 -1.30 5.90
C PRO A 76 10.14 -2.64 5.79
N ASP A 77 9.85 -3.27 6.95
CA ASP A 77 9.23 -4.61 7.05
C ASP A 77 7.77 -4.61 6.56
N LEU A 78 7.05 -3.52 6.87
CA LEU A 78 5.64 -3.32 6.45
C LEU A 78 5.47 -3.47 4.91
N ARG A 79 6.23 -2.66 4.14
CA ARG A 79 6.19 -2.70 2.66
C ARG A 79 6.86 -3.97 2.10
N ARG A 80 7.90 -4.47 2.82
CA ARG A 80 8.65 -5.70 2.43
C ARG A 80 7.71 -6.91 2.33
N ASN A 81 6.83 -7.06 3.33
CA ASN A 81 5.84 -8.17 3.42
C ASN A 81 4.79 -8.10 2.28
N VAL A 82 4.36 -6.88 1.92
CA VAL A 82 3.40 -6.65 0.79
C VAL A 82 4.03 -7.07 -0.57
N LEU A 83 5.27 -6.62 -0.76
CA LEU A 83 6.08 -6.89 -1.98
C LEU A 83 6.56 -8.37 -2.04
N CYS A 84 6.66 -9.02 -0.87
CA CYS A 84 7.03 -10.46 -0.73
C CYS A 84 5.79 -11.36 -0.82
N GLY A 85 4.59 -10.76 -0.71
CA GLY A 85 3.31 -11.50 -0.78
C GLY A 85 2.80 -12.01 0.56
N ALA A 86 3.59 -11.81 1.65
CA ALA A 86 3.19 -12.20 3.03
C ALA A 86 1.93 -11.44 3.50
N ILE A 87 1.93 -10.11 3.30
CA ILE A 87 0.72 -9.27 3.39
C ILE A 87 0.04 -9.22 2.00
N THR A 88 -1.28 -9.47 1.95
CA THR A 88 -2.07 -9.48 0.68
C THR A 88 -2.44 -8.03 0.25
N PRO A 89 -2.67 -7.78 -1.10
CA PRO A 89 -3.09 -6.45 -1.63
C PRO A 89 -4.26 -5.76 -0.86
N GLN A 90 -5.27 -6.55 -0.45
CA GLN A 90 -6.41 -6.02 0.33
C GLN A 90 -6.04 -5.76 1.81
N GLN A 91 -5.24 -6.68 2.42
CA GLN A 91 -4.90 -6.64 3.86
C GLN A 91 -4.22 -5.29 4.26
N ILE A 92 -3.18 -4.90 3.51
CA ILE A 92 -2.44 -3.62 3.74
C ILE A 92 -3.36 -2.37 3.55
N ALA A 93 -4.26 -2.44 2.55
CA ALA A 93 -5.12 -1.29 2.15
C ALA A 93 -6.25 -1.00 3.16
N VAL A 94 -6.87 -2.08 3.69
CA VAL A 94 -8.00 -1.98 4.65
C VAL A 94 -7.51 -1.81 6.12
N MET A 95 -6.19 -1.94 6.33
CA MET A 95 -5.58 -2.03 7.68
C MET A 95 -5.59 -0.67 8.43
N THR A 96 -5.65 -0.76 9.78
CA THR A 96 -5.68 0.42 10.69
C THR A 96 -4.38 1.26 10.58
N SER A 97 -4.51 2.59 10.78
CA SER A 97 -3.39 3.55 10.73
C SER A 97 -2.30 3.21 11.78
N GLU A 98 -2.75 2.83 12.99
CA GLU A 98 -1.86 2.36 14.10
C GLU A 98 -0.98 1.16 13.64
N GLU A 99 -1.60 0.23 12.91
CA GLU A 99 -0.91 -0.99 12.42
C GLU A 99 0.09 -0.68 11.28
N MET A 100 -0.12 0.43 10.53
CA MET A 100 0.87 0.88 9.52
C MET A 100 2.17 1.41 10.20
N ALA A 101 2.01 1.87 11.46
CA ALA A 101 3.13 2.37 12.29
C ALA A 101 3.77 1.25 13.16
N SER A 102 3.08 0.08 13.32
CA SER A 102 3.53 -0.98 14.28
C SER A 102 3.11 -2.42 13.84
N ASP A 103 3.12 -2.69 12.52
CA ASP A 103 2.74 -4.03 11.95
C ASP A 103 3.67 -5.15 12.48
N GLU A 104 4.93 -4.77 12.69
CA GLU A 104 6.01 -5.65 13.17
C GLU A 104 5.70 -6.17 14.59
N LEU A 105 5.18 -5.27 15.46
CA LEU A 105 4.97 -5.55 16.90
C LEU A 105 3.93 -6.68 17.16
N LYS A 106 3.07 -6.97 16.17
CA LYS A 106 2.06 -8.08 16.26
C LYS A 106 2.73 -9.49 16.29
N GLU A 107 4.04 -9.57 15.96
CA GLU A 107 4.85 -10.81 16.06
C GLU A 107 6.20 -10.57 16.82
N ILE A 108 6.59 -9.30 17.00
CA ILE A 108 7.86 -8.92 17.70
C ILE A 108 7.59 -8.55 19.19
N ARG A 109 6.71 -7.55 19.41
CA ARG A 109 6.42 -6.94 20.75
C ARG A 109 7.69 -6.30 21.38
N LYS A 110 8.53 -7.14 21.99
CA LYS A 110 9.78 -6.71 22.69
C LYS A 110 10.83 -7.84 22.50
N ALA A 111 11.67 -7.69 21.47
CA ALA A 111 12.71 -8.68 21.10
C ALA A 111 14.07 -8.40 21.81
N MET A 112 15.08 -9.23 21.48
CA MET A 112 16.47 -9.12 22.02
C MET A 112 17.46 -9.93 21.14
N THR A 113 18.74 -9.51 21.11
CA THR A 113 19.83 -10.25 20.41
C THR A 113 21.10 -10.34 21.32
N SER A 1 -12.09 -12.48 -2.63
CA SER A 1 -13.21 -12.45 -3.61
C SER A 1 -12.69 -12.07 -5.02
N HIS A 2 -12.75 -13.03 -5.97
CA HIS A 2 -12.36 -12.81 -7.38
C HIS A 2 -13.46 -11.99 -8.10
N MET A 3 -13.26 -10.66 -8.18
CA MET A 3 -14.22 -9.72 -8.84
C MET A 3 -13.49 -8.87 -9.91
N PRO A 4 -14.11 -8.68 -11.14
CA PRO A 4 -13.50 -7.86 -12.25
C PRO A 4 -12.93 -6.49 -11.79
N VAL A 5 -11.59 -6.35 -11.87
CA VAL A 5 -10.87 -5.12 -11.48
C VAL A 5 -11.22 -3.94 -12.43
N PRO A 6 -11.71 -2.78 -11.87
CA PRO A 6 -11.95 -1.53 -12.68
C PRO A 6 -10.66 -0.89 -13.27
N VAL A 7 -10.81 0.34 -13.80
CA VAL A 7 -9.70 1.08 -14.47
C VAL A 7 -9.52 2.48 -13.83
N THR A 8 -8.30 3.05 -14.02
CA THR A 8 -7.95 4.40 -13.52
C THR A 8 -8.38 5.50 -14.53
N CYS A 9 -8.39 6.77 -14.08
CA CYS A 9 -8.92 7.91 -14.89
C CYS A 9 -8.15 9.23 -14.65
N ASP A 10 -8.17 10.11 -15.69
CA ASP A 10 -7.63 11.50 -15.62
C ASP A 10 -6.13 11.58 -15.23
N ALA A 11 -5.65 12.79 -14.95
CA ALA A 11 -4.33 13.03 -14.31
C ALA A 11 -4.46 13.07 -12.78
N VAL A 12 -5.71 13.17 -12.27
CA VAL A 12 -6.01 13.18 -10.82
C VAL A 12 -5.76 11.78 -10.21
N ARG A 13 -6.56 10.79 -10.68
CA ARG A 13 -6.53 9.42 -10.14
C ARG A 13 -5.29 8.62 -10.60
N ASN A 14 -4.93 8.70 -11.91
CA ASN A 14 -3.85 7.88 -12.50
C ASN A 14 -2.47 8.18 -11.87
N LYS A 15 -2.22 9.47 -11.61
CA LYS A 15 -0.99 9.92 -10.91
C LYS A 15 -0.96 9.42 -9.46
N CYS A 16 -2.14 9.34 -8.80
CA CYS A 16 -2.27 8.79 -7.42
C CYS A 16 -1.83 7.31 -7.36
N ARG A 17 -2.23 6.52 -8.37
CA ARG A 17 -1.75 5.11 -8.54
C ARG A 17 -0.23 5.07 -8.67
N GLU A 18 0.32 5.92 -9.55
CA GLU A 18 1.77 6.02 -9.80
C GLU A 18 2.56 6.54 -8.58
N MET A 19 1.90 7.30 -7.70
CA MET A 19 2.48 7.72 -6.39
C MET A 19 2.46 6.56 -5.35
N LEU A 20 1.42 5.69 -5.40
CA LEU A 20 1.36 4.46 -4.56
C LEU A 20 2.42 3.43 -5.02
N THR A 21 2.67 3.41 -6.35
CA THR A 21 3.76 2.66 -6.97
C THR A 21 5.12 3.25 -6.53
N ALA A 22 5.20 4.60 -6.56
CA ALA A 22 6.39 5.38 -6.17
C ALA A 22 6.80 5.14 -4.70
N ALA A 23 5.82 4.85 -3.83
CA ALA A 23 6.08 4.42 -2.43
C ALA A 23 6.89 3.10 -2.38
N LEU A 24 6.51 2.17 -3.26
CA LEU A 24 7.09 0.81 -3.33
C LEU A 24 8.43 0.76 -4.13
N GLN A 25 8.68 1.80 -4.97
CA GLN A 25 9.93 1.91 -5.79
C GLN A 25 10.69 3.24 -5.50
N THR A 26 10.41 3.85 -4.31
CA THR A 26 11.03 5.15 -3.89
C THR A 26 12.57 5.06 -3.81
N ASP A 27 13.08 3.86 -3.49
CA ASP A 27 14.48 3.49 -3.64
C ASP A 27 14.57 2.44 -4.78
N HIS A 28 14.45 1.13 -4.43
CA HIS A 28 14.27 -0.03 -5.35
C HIS A 28 13.82 -1.24 -4.49
N ASP A 29 12.94 -0.97 -3.51
CA ASP A 29 12.60 -1.92 -2.42
C ASP A 29 11.99 -3.24 -2.95
N HIS A 30 10.90 -3.14 -3.73
CA HIS A 30 10.21 -4.32 -4.32
C HIS A 30 10.96 -4.90 -5.54
N VAL A 31 11.77 -4.05 -6.19
CA VAL A 31 12.63 -4.43 -7.34
C VAL A 31 13.71 -5.48 -6.93
N ALA A 32 14.17 -5.38 -5.66
CA ALA A 32 15.19 -6.29 -5.06
C ALA A 32 14.81 -7.80 -5.20
N ILE A 33 13.56 -8.14 -4.86
CA ILE A 33 13.03 -9.52 -4.98
C ILE A 33 12.33 -9.74 -6.36
N GLY A 34 12.06 -8.64 -7.10
CA GLY A 34 11.46 -8.72 -8.44
C GLY A 34 9.94 -8.67 -8.44
N ALA A 35 9.36 -8.12 -7.36
CA ALA A 35 7.90 -7.91 -7.23
C ALA A 35 7.49 -6.58 -7.90
N ASP A 36 6.71 -6.66 -9.00
CA ASP A 36 6.20 -5.47 -9.73
C ASP A 36 5.35 -4.56 -8.80
N CYS A 37 5.92 -3.40 -8.43
CA CYS A 37 5.25 -2.38 -7.58
C CYS A 37 3.90 -1.92 -8.18
N GLU A 38 3.85 -1.85 -9.52
CA GLU A 38 2.68 -1.39 -10.31
C GLU A 38 1.43 -2.31 -10.16
N ARG A 39 1.62 -3.66 -10.24
CA ARG A 39 0.49 -4.64 -10.13
C ARG A 39 -0.10 -4.67 -8.71
N LEU A 40 0.76 -4.40 -7.71
CA LEU A 40 0.37 -4.25 -6.30
C LEU A 40 -0.49 -2.99 -6.14
N SER A 41 0.11 -1.86 -6.57
CA SER A 41 -0.46 -0.50 -6.49
C SER A 41 -1.82 -0.35 -7.23
N ALA A 42 -2.02 -1.15 -8.30
CA ALA A 42 -3.29 -1.19 -9.05
C ALA A 42 -4.46 -1.64 -8.14
N GLN A 43 -4.21 -2.69 -7.35
CA GLN A 43 -5.20 -3.22 -6.38
C GLN A 43 -5.31 -2.34 -5.11
N ILE A 44 -4.16 -1.75 -4.66
CA ILE A 44 -4.14 -0.80 -3.52
C ILE A 44 -5.05 0.41 -3.81
N GLU A 45 -4.94 0.93 -5.06
CA GLU A 45 -5.75 2.05 -5.56
C GLU A 45 -7.25 1.73 -5.52
N GLU A 46 -7.65 0.60 -6.13
CA GLU A 46 -9.08 0.18 -6.21
C GLU A 46 -9.76 0.08 -4.84
N CYS A 47 -9.08 -0.58 -3.90
CA CYS A 47 -9.62 -0.86 -2.54
C CYS A 47 -9.78 0.43 -1.70
N ILE A 48 -8.82 1.37 -1.78
CA ILE A 48 -8.93 2.68 -1.10
C ILE A 48 -9.90 3.62 -1.87
N PHE A 49 -10.06 3.39 -3.20
CA PHE A 49 -10.90 4.22 -4.09
C PHE A 49 -12.41 4.00 -3.80
N ARG A 50 -12.79 2.75 -3.48
CA ARG A 50 -14.19 2.38 -3.14
C ARG A 50 -14.73 3.20 -1.95
N ASP A 51 -13.96 3.21 -0.85
CA ASP A 51 -14.37 3.83 0.44
C ASP A 51 -14.04 5.35 0.47
N VAL A 52 -12.76 5.68 0.25
CA VAL A 52 -12.23 7.06 0.41
C VAL A 52 -12.19 7.82 -0.93
N GLY A 53 -11.84 7.09 -2.00
CA GLY A 53 -11.50 7.68 -3.30
C GLY A 53 -12.68 8.09 -4.19
N ASN A 54 -13.77 8.53 -3.59
CA ASN A 54 -14.93 9.10 -4.32
C ASN A 54 -14.66 10.57 -4.80
N THR A 55 -13.39 10.85 -5.25
CA THR A 55 -12.86 12.20 -5.59
C THR A 55 -13.37 13.29 -4.62
N ASP A 56 -12.83 13.26 -3.39
CA ASP A 56 -13.30 14.12 -2.29
C ASP A 56 -12.09 14.62 -1.45
N MET A 57 -12.36 15.55 -0.51
CA MET A 57 -11.32 16.23 0.30
C MET A 57 -10.40 15.24 1.07
N LYS A 58 -10.98 14.18 1.70
CA LYS A 58 -10.18 13.21 2.51
C LYS A 58 -9.27 12.30 1.63
N TYR A 59 -9.70 12.04 0.38
CA TYR A 59 -9.01 11.13 -0.58
C TYR A 59 -7.52 11.48 -0.80
N LYS A 60 -7.17 12.78 -0.82
CA LYS A 60 -5.78 13.24 -1.08
C LYS A 60 -4.82 12.79 0.06
N ASN A 61 -5.15 13.12 1.32
CA ASN A 61 -4.26 12.84 2.49
C ASN A 61 -4.19 11.33 2.82
N ARG A 62 -5.27 10.57 2.52
CA ARG A 62 -5.29 9.10 2.72
C ARG A 62 -4.35 8.37 1.72
N VAL A 63 -4.33 8.85 0.46
CA VAL A 63 -3.36 8.38 -0.55
C VAL A 63 -1.92 8.76 -0.13
N ARG A 64 -1.72 10.03 0.27
CA ARG A 64 -0.39 10.56 0.68
C ARG A 64 0.16 9.89 1.96
N SER A 65 -0.75 9.47 2.87
CA SER A 65 -0.39 8.72 4.09
C SER A 65 -0.04 7.26 3.72
N ARG A 66 -0.81 6.67 2.78
CA ARG A 66 -0.55 5.32 2.24
C ARG A 66 0.87 5.24 1.63
N ILE A 67 1.25 6.31 0.88
CA ILE A 67 2.61 6.49 0.33
C ILE A 67 3.66 6.56 1.46
N SER A 68 3.42 7.51 2.40
CA SER A 68 4.30 7.82 3.55
C SER A 68 4.66 6.57 4.39
N ASN A 69 3.66 5.72 4.65
CA ASN A 69 3.82 4.49 5.48
C ASN A 69 4.55 3.35 4.72
N LEU A 70 4.45 3.35 3.38
CA LEU A 70 5.10 2.32 2.51
C LEU A 70 6.58 2.67 2.22
N LYS A 71 6.99 3.90 2.56
CA LYS A 71 8.38 4.39 2.35
C LYS A 71 9.03 4.84 3.69
N ASP A 72 8.35 4.59 4.82
CA ASP A 72 8.74 5.13 6.14
C ASP A 72 10.05 4.50 6.69
N ALA A 73 10.95 5.36 7.20
CA ALA A 73 12.23 4.95 7.80
C ALA A 73 12.04 4.36 9.22
N LYS A 74 11.12 4.96 10.00
CA LYS A 74 10.86 4.55 11.40
C LYS A 74 10.13 3.19 11.46
N ASN A 75 9.30 2.91 10.43
CA ASN A 75 8.62 1.61 10.27
C ASN A 75 8.96 1.01 8.86
N PRO A 76 10.18 0.39 8.70
CA PRO A 76 10.60 -0.28 7.45
C PRO A 76 10.16 -1.76 7.37
N ASP A 77 9.55 -2.26 8.47
CA ASP A 77 9.03 -3.64 8.55
C ASP A 77 7.92 -3.86 7.51
N LEU A 78 7.03 -2.86 7.39
CA LEU A 78 5.89 -2.87 6.45
C LEU A 78 6.36 -3.04 4.99
N ARG A 79 7.45 -2.32 4.63
CA ARG A 79 8.09 -2.42 3.30
C ARG A 79 8.43 -3.89 2.94
N ARG A 80 9.07 -4.57 3.89
CA ARG A 80 9.46 -6.00 3.81
C ARG A 80 8.25 -6.97 3.77
N ASN A 81 7.21 -6.67 4.57
CA ASN A 81 6.00 -7.51 4.71
C ASN A 81 5.13 -7.50 3.43
N VAL A 82 5.04 -6.33 2.76
CA VAL A 82 4.33 -6.18 1.47
C VAL A 82 5.25 -6.61 0.28
N LEU A 83 6.59 -6.55 0.50
CA LEU A 83 7.62 -6.97 -0.48
C LEU A 83 7.45 -8.47 -0.87
N CYS A 84 7.46 -9.34 0.16
CA CYS A 84 7.36 -10.80 -0.01
C CYS A 84 5.89 -11.26 -0.24
N GLY A 85 4.94 -10.32 -0.11
CA GLY A 85 3.51 -10.59 -0.32
C GLY A 85 2.80 -11.27 0.85
N ALA A 86 3.29 -11.01 2.09
CA ALA A 86 2.66 -11.51 3.32
C ALA A 86 1.30 -10.81 3.58
N ILE A 87 1.26 -9.49 3.31
CA ILE A 87 0.01 -8.68 3.30
C ILE A 87 -0.43 -8.46 1.84
N THR A 88 -1.73 -8.67 1.55
CA THR A 88 -2.30 -8.46 0.19
C THR A 88 -2.55 -6.95 -0.08
N PRO A 89 -2.42 -6.49 -1.38
CA PRO A 89 -2.70 -5.07 -1.77
C PRO A 89 -4.12 -4.55 -1.39
N GLN A 90 -5.08 -5.47 -1.15
CA GLN A 90 -6.42 -5.10 -0.65
C GLN A 90 -6.37 -4.72 0.84
N GLN A 91 -5.69 -5.57 1.64
CA GLN A 91 -5.56 -5.36 3.10
C GLN A 91 -4.81 -4.05 3.43
N ILE A 92 -3.65 -3.84 2.80
CA ILE A 92 -2.76 -2.68 3.08
C ILE A 92 -3.49 -1.30 2.89
N ALA A 93 -4.48 -1.26 1.98
CA ALA A 93 -5.29 -0.06 1.71
C ALA A 93 -6.23 0.29 2.91
N VAL A 94 -6.71 -0.74 3.64
CA VAL A 94 -7.67 -0.59 4.77
C VAL A 94 -7.01 -0.80 6.17
N MET A 95 -5.73 -1.24 6.22
CA MET A 95 -5.01 -1.51 7.51
C MET A 95 -4.60 -0.19 8.23
N THR A 96 -4.90 -0.14 9.55
CA THR A 96 -4.54 0.98 10.46
C THR A 96 -3.00 1.01 10.72
N SER A 97 -2.49 2.17 11.20
CA SER A 97 -1.05 2.40 11.49
C SER A 97 -0.42 1.28 12.37
N GLU A 98 -1.14 0.88 13.43
CA GLU A 98 -0.67 -0.15 14.39
C GLU A 98 -0.63 -1.57 13.77
N GLU A 99 -1.57 -1.84 12.84
CA GLU A 99 -1.63 -3.13 12.09
C GLU A 99 -0.43 -3.27 11.15
N MET A 100 -0.06 -2.13 10.53
CA MET A 100 1.07 -2.01 9.59
C MET A 100 2.44 -1.99 10.31
N ALA A 101 2.42 -1.76 11.63
CA ALA A 101 3.63 -1.76 12.47
C ALA A 101 4.17 -3.20 12.70
N SER A 102 3.23 -4.18 12.74
CA SER A 102 3.50 -5.65 12.92
C SER A 102 4.36 -6.00 14.17
N ASP A 103 4.42 -5.08 15.17
CA ASP A 103 5.12 -5.29 16.46
C ASP A 103 4.61 -6.52 17.23
N GLU A 104 3.32 -6.86 17.01
CA GLU A 104 2.63 -7.99 17.68
C GLU A 104 3.38 -9.34 17.47
N LEU A 105 3.92 -9.54 16.25
CA LEU A 105 4.61 -10.79 15.86
C LEU A 105 6.06 -10.89 16.40
N LYS A 106 6.68 -9.74 16.77
CA LYS A 106 8.12 -9.69 17.10
C LYS A 106 8.54 -10.50 18.37
N GLU A 107 7.59 -10.78 19.29
CA GLU A 107 7.85 -11.61 20.49
C GLU A 107 7.21 -13.02 20.40
N ILE A 108 6.48 -13.29 19.30
CA ILE A 108 5.83 -14.61 19.06
C ILE A 108 6.86 -15.66 18.53
N ARG A 109 8.05 -15.16 18.08
CA ARG A 109 9.23 -15.98 17.66
C ARG A 109 9.04 -16.69 16.31
N LYS A 110 8.11 -17.66 16.25
CA LYS A 110 7.76 -18.40 15.03
C LYS A 110 6.22 -18.62 14.96
N ALA A 111 5.56 -17.85 14.09
CA ALA A 111 4.08 -17.80 13.98
C ALA A 111 3.60 -18.10 12.55
N MET A 112 2.50 -18.87 12.43
CA MET A 112 1.95 -19.31 11.11
C MET A 112 0.47 -19.79 11.24
N THR A 113 0.09 -20.31 12.43
CA THR A 113 -1.27 -20.85 12.67
C THR A 113 -2.31 -19.71 12.93
N SER A 1 -14.95 -9.41 -5.40
CA SER A 1 -14.92 -10.85 -5.77
C SER A 1 -14.35 -11.03 -7.20
N HIS A 2 -15.06 -10.48 -8.22
CA HIS A 2 -14.66 -10.57 -9.64
C HIS A 2 -14.95 -9.22 -10.35
N MET A 3 -13.90 -8.39 -10.51
CA MET A 3 -13.98 -7.09 -11.22
C MET A 3 -12.56 -6.63 -11.66
N PRO A 4 -12.42 -5.86 -12.80
CA PRO A 4 -11.13 -5.24 -13.20
C PRO A 4 -10.81 -3.94 -12.39
N VAL A 5 -9.62 -3.36 -12.62
CA VAL A 5 -9.19 -2.09 -11.96
C VAL A 5 -10.06 -0.88 -12.43
N PRO A 6 -10.32 0.14 -11.55
CA PRO A 6 -11.23 1.28 -11.89
C PRO A 6 -10.59 2.27 -12.89
N VAL A 7 -11.45 3.01 -13.63
CA VAL A 7 -11.04 4.07 -14.57
C VAL A 7 -10.31 5.23 -13.84
N THR A 8 -9.36 5.88 -14.54
CA THR A 8 -8.46 6.90 -13.96
C THR A 8 -9.22 8.15 -13.47
N CYS A 9 -10.25 8.55 -14.25
CA CYS A 9 -11.10 9.75 -13.98
C CYS A 9 -10.27 11.05 -13.83
N ASP A 10 -10.28 11.87 -14.92
CA ASP A 10 -9.35 13.01 -15.13
C ASP A 10 -7.91 12.46 -15.31
N ALA A 11 -7.27 12.09 -14.19
CA ALA A 11 -5.95 11.41 -14.14
C ALA A 11 -5.62 10.99 -12.69
N VAL A 12 -6.61 11.10 -11.77
CA VAL A 12 -6.37 11.10 -10.30
C VAL A 12 -6.04 9.70 -9.72
N ARG A 13 -6.75 8.64 -10.18
CA ARG A 13 -6.39 7.23 -9.82
C ARG A 13 -4.93 6.94 -10.26
N ASN A 14 -4.64 7.24 -11.55
CA ASN A 14 -3.30 7.06 -12.16
C ASN A 14 -2.21 7.89 -11.43
N LYS A 15 -2.61 9.07 -10.90
CA LYS A 15 -1.70 9.97 -10.14
C LYS A 15 -1.42 9.40 -8.74
N CYS A 16 -2.41 8.71 -8.16
CA CYS A 16 -2.24 7.98 -6.88
C CYS A 16 -1.35 6.74 -7.08
N ARG A 17 -1.54 6.02 -8.22
CA ARG A 17 -0.78 4.79 -8.54
C ARG A 17 0.73 5.08 -8.67
N GLU A 18 1.11 6.14 -9.41
CA GLU A 18 2.55 6.50 -9.60
C GLU A 18 3.26 6.80 -8.25
N MET A 19 2.52 7.42 -7.30
CA MET A 19 3.05 7.76 -5.96
C MET A 19 3.17 6.50 -5.04
N LEU A 20 2.14 5.63 -5.04
CA LEU A 20 2.14 4.35 -4.29
C LEU A 20 3.27 3.40 -4.79
N THR A 21 3.33 3.28 -6.13
CA THR A 21 4.36 2.50 -6.85
C THR A 21 5.79 3.05 -6.60
N ALA A 22 5.92 4.39 -6.50
CA ALA A 22 7.22 5.07 -6.22
C ALA A 22 7.72 4.77 -4.78
N ALA A 23 6.78 4.56 -3.83
CA ALA A 23 7.11 4.08 -2.47
C ALA A 23 7.59 2.61 -2.52
N LEU A 24 6.98 1.81 -3.41
CA LEU A 24 7.39 0.41 -3.68
C LEU A 24 8.72 0.35 -4.53
N GLN A 25 9.17 1.54 -5.00
CA GLN A 25 10.47 1.73 -5.72
C GLN A 25 11.37 2.73 -4.96
N THR A 26 11.15 2.91 -3.63
CA THR A 26 11.89 3.91 -2.80
C THR A 26 13.43 3.68 -2.81
N ASP A 27 13.83 2.40 -2.97
CA ASP A 27 15.23 2.00 -3.20
C ASP A 27 15.28 0.96 -4.37
N HIS A 28 14.37 1.15 -5.36
CA HIS A 28 14.20 0.26 -6.55
C HIS A 28 13.87 -1.20 -6.13
N ASP A 29 13.14 -1.32 -5.02
CA ASP A 29 12.99 -2.58 -4.24
C ASP A 29 12.41 -3.74 -5.06
N HIS A 30 11.33 -3.44 -5.82
CA HIS A 30 10.58 -4.43 -6.63
C HIS A 30 11.47 -5.16 -7.69
N VAL A 31 12.59 -4.51 -8.09
CA VAL A 31 13.54 -5.08 -9.07
C VAL A 31 14.30 -6.29 -8.45
N ALA A 32 14.92 -6.06 -7.28
CA ALA A 32 15.71 -7.09 -6.56
C ALA A 32 14.80 -8.20 -5.98
N ILE A 33 13.56 -7.85 -5.63
CA ILE A 33 12.53 -8.81 -5.15
C ILE A 33 11.87 -9.59 -6.33
N GLY A 34 11.75 -8.93 -7.50
CA GLY A 34 11.16 -9.54 -8.70
C GLY A 34 9.62 -9.56 -8.70
N ALA A 35 9.02 -8.39 -8.42
CA ALA A 35 7.54 -8.21 -8.42
C ALA A 35 7.16 -6.90 -9.15
N ASP A 36 6.12 -6.94 -9.99
CA ASP A 36 5.57 -5.73 -10.63
C ASP A 36 4.79 -4.87 -9.62
N CYS A 37 5.47 -3.84 -9.08
CA CYS A 37 4.91 -2.92 -8.07
C CYS A 37 3.72 -2.10 -8.61
N GLU A 38 3.77 -1.78 -9.92
CA GLU A 38 2.67 -1.09 -10.64
C GLU A 38 1.39 -1.97 -10.72
N ARG A 39 1.60 -3.31 -10.88
CA ARG A 39 0.50 -4.30 -10.94
C ARG A 39 -0.16 -4.45 -9.55
N LEU A 40 0.68 -4.51 -8.51
CA LEU A 40 0.21 -4.55 -7.11
C LEU A 40 -0.57 -3.27 -6.74
N SER A 41 -0.01 -2.11 -7.14
CA SER A 41 -0.60 -0.77 -6.89
C SER A 41 -1.94 -0.59 -7.62
N ALA A 42 -2.08 -1.25 -8.79
CA ALA A 42 -3.35 -1.28 -9.56
C ALA A 42 -4.48 -1.99 -8.78
N GLN A 43 -4.11 -3.09 -8.09
CA GLN A 43 -5.04 -3.84 -7.21
C GLN A 43 -5.31 -3.07 -5.89
N ILE A 44 -4.28 -2.33 -5.43
CA ILE A 44 -4.38 -1.43 -4.25
C ILE A 44 -5.39 -0.29 -4.51
N GLU A 45 -5.41 0.26 -5.75
CA GLU A 45 -6.31 1.38 -6.14
C GLU A 45 -7.80 1.07 -5.83
N GLU A 46 -8.29 -0.11 -6.25
CA GLU A 46 -9.70 -0.53 -6.03
C GLU A 46 -9.96 -0.90 -4.55
N CYS A 47 -8.93 -1.47 -3.88
CA CYS A 47 -9.02 -1.91 -2.47
C CYS A 47 -9.10 -0.73 -1.47
N ILE A 48 -8.41 0.38 -1.80
CA ILE A 48 -8.48 1.62 -1.01
C ILE A 48 -9.73 2.45 -1.43
N PHE A 49 -10.13 2.32 -2.72
CA PHE A 49 -11.31 3.01 -3.33
C PHE A 49 -12.64 2.68 -2.58
N ARG A 50 -12.68 1.51 -1.92
CA ARG A 50 -13.89 1.00 -1.21
C ARG A 50 -14.43 2.03 -0.15
N ASP A 51 -13.65 2.24 0.93
CA ASP A 51 -14.01 3.21 2.01
C ASP A 51 -13.44 4.62 1.72
N VAL A 52 -12.27 4.69 1.09
CA VAL A 52 -11.47 5.93 0.97
C VAL A 52 -11.73 6.71 -0.34
N GLY A 53 -12.21 6.03 -1.40
CA GLY A 53 -12.34 6.62 -2.76
C GLY A 53 -13.49 7.61 -2.97
N ASN A 54 -13.90 8.34 -1.90
CA ASN A 54 -14.94 9.40 -1.96
C ASN A 54 -14.41 10.70 -2.62
N THR A 55 -13.06 10.82 -2.72
CA THR A 55 -12.33 11.97 -3.35
C THR A 55 -12.70 13.35 -2.73
N ASP A 56 -12.98 13.34 -1.41
CA ASP A 56 -13.40 14.55 -0.66
C ASP A 56 -12.23 15.13 0.20
N MET A 57 -11.62 14.28 1.05
CA MET A 57 -10.48 14.65 1.93
C MET A 57 -9.78 13.38 2.46
N LYS A 58 -10.58 12.36 2.85
CA LYS A 58 -10.07 11.04 3.31
C LYS A 58 -9.09 10.43 2.28
N TYR A 59 -9.48 10.53 0.99
CA TYR A 59 -8.68 10.02 -0.15
C TYR A 59 -7.31 10.71 -0.29
N LYS A 60 -7.24 12.00 0.06
CA LYS A 60 -5.98 12.77 0.03
C LYS A 60 -5.04 12.35 1.18
N ASN A 61 -5.54 12.42 2.43
CA ASN A 61 -4.72 12.24 3.66
C ASN A 61 -4.27 10.76 3.84
N ARG A 62 -5.19 9.81 3.60
CA ARG A 62 -4.91 8.36 3.73
C ARG A 62 -3.74 7.89 2.83
N VAL A 63 -3.76 8.34 1.55
CA VAL A 63 -2.68 8.02 0.58
C VAL A 63 -1.32 8.60 1.05
N ARG A 64 -1.32 9.87 1.50
CA ARG A 64 -0.09 10.56 2.01
C ARG A 64 0.57 9.80 3.19
N SER A 65 -0.26 9.42 4.18
CA SER A 65 0.20 8.71 5.40
C SER A 65 0.70 7.29 5.08
N ARG A 66 -0.01 6.59 4.18
CA ARG A 66 0.30 5.21 3.78
C ARG A 66 1.66 5.12 3.04
N ILE A 67 1.88 6.01 2.04
CA ILE A 67 3.18 6.16 1.33
C ILE A 67 4.33 6.46 2.32
N SER A 68 4.05 7.34 3.29
CA SER A 68 5.01 7.72 4.36
C SER A 68 5.42 6.50 5.21
N ASN A 69 4.46 5.63 5.54
CA ASN A 69 4.69 4.39 6.35
C ASN A 69 5.47 3.32 5.57
N LEU A 70 5.31 3.29 4.23
CA LEU A 70 6.05 2.35 3.34
C LEU A 70 7.58 2.62 3.35
N LYS A 71 7.96 3.90 3.54
CA LYS A 71 9.38 4.34 3.53
C LYS A 71 9.90 4.70 4.96
N ASP A 72 9.03 4.56 5.98
CA ASP A 72 9.34 5.00 7.37
C ASP A 72 10.22 3.95 8.12
N ALA A 73 11.11 4.45 9.01
CA ALA A 73 12.07 3.62 9.76
C ALA A 73 11.41 2.77 10.88
N LYS A 74 10.17 3.12 11.30
CA LYS A 74 9.42 2.33 12.31
C LYS A 74 8.84 1.04 11.68
N ASN A 75 8.60 1.05 10.35
CA ASN A 75 8.10 -0.12 9.59
C ASN A 75 8.56 -0.09 8.09
N PRO A 76 9.90 -0.28 7.80
CA PRO A 76 10.43 -0.32 6.41
C PRO A 76 10.15 -1.68 5.70
N ASP A 77 9.92 -2.73 6.51
CA ASP A 77 9.56 -4.08 6.02
C ASP A 77 8.12 -4.11 5.48
N LEU A 78 7.30 -3.10 5.85
CA LEU A 78 5.89 -2.97 5.40
C LEU A 78 5.79 -3.02 3.85
N ARG A 79 6.57 -2.13 3.20
CA ARG A 79 6.69 -2.05 1.73
C ARG A 79 7.24 -3.35 1.11
N ARG A 80 8.28 -3.91 1.78
CA ARG A 80 8.99 -5.13 1.30
C ARG A 80 8.05 -6.34 1.21
N ASN A 81 7.24 -6.54 2.27
CA ASN A 81 6.32 -7.69 2.41
C ASN A 81 5.19 -7.69 1.36
N VAL A 82 4.74 -6.48 0.93
CA VAL A 82 3.74 -6.34 -0.16
C VAL A 82 4.33 -6.89 -1.49
N LEU A 83 5.58 -6.52 -1.77
CA LEU A 83 6.34 -6.97 -2.96
C LEU A 83 6.72 -8.48 -2.85
N CYS A 84 6.94 -8.96 -1.62
CA CYS A 84 7.28 -10.37 -1.34
C CYS A 84 6.02 -11.27 -1.29
N GLY A 85 4.82 -10.65 -1.31
CA GLY A 85 3.54 -11.38 -1.29
C GLY A 85 3.07 -11.77 0.13
N ALA A 86 3.87 -11.43 1.16
CA ALA A 86 3.55 -11.70 2.59
C ALA A 86 2.35 -10.84 3.07
N ILE A 87 2.20 -9.64 2.48
CA ILE A 87 1.00 -8.78 2.65
C ILE A 87 0.32 -8.61 1.26
N THR A 88 -1.00 -8.89 1.16
CA THR A 88 -1.74 -8.75 -0.12
C THR A 88 -2.03 -7.25 -0.42
N PRO A 89 -2.16 -6.85 -1.74
CA PRO A 89 -2.56 -5.47 -2.14
C PRO A 89 -3.82 -4.93 -1.42
N GLN A 90 -4.76 -5.83 -1.06
CA GLN A 90 -5.97 -5.44 -0.30
C GLN A 90 -5.63 -5.15 1.18
N GLN A 91 -4.84 -6.05 1.82
CA GLN A 91 -4.47 -5.94 3.25
C GLN A 91 -3.81 -4.57 3.57
N ILE A 92 -2.74 -4.24 2.82
CA ILE A 92 -2.00 -2.97 2.99
C ILE A 92 -2.87 -1.71 2.68
N ALA A 93 -3.85 -1.85 1.76
CA ALA A 93 -4.75 -0.74 1.37
C ALA A 93 -5.85 -0.45 2.43
N VAL A 94 -6.48 -1.53 2.97
CA VAL A 94 -7.59 -1.41 3.94
C VAL A 94 -7.09 -1.21 5.39
N MET A 95 -5.86 -1.66 5.69
CA MET A 95 -5.25 -1.58 7.04
C MET A 95 -4.97 -0.10 7.44
N THR A 96 -5.49 0.30 8.61
CA THR A 96 -5.30 1.68 9.12
C THR A 96 -3.95 1.81 9.88
N SER A 97 -3.57 3.06 10.24
CA SER A 97 -2.28 3.38 10.90
C SER A 97 -2.14 2.71 12.29
N GLU A 98 -3.27 2.50 13.01
CA GLU A 98 -3.28 1.82 14.34
C GLU A 98 -2.69 0.38 14.26
N GLU A 99 -3.21 -0.41 13.30
CA GLU A 99 -2.77 -1.82 13.06
C GLU A 99 -1.32 -1.84 12.50
N MET A 100 -1.08 -0.91 11.55
CA MET A 100 0.18 -0.78 10.80
C MET A 100 1.36 -0.34 11.71
N ALA A 101 1.04 0.35 12.83
CA ALA A 101 2.04 0.86 13.80
C ALA A 101 1.88 0.20 15.20
N SER A 102 1.03 -0.84 15.31
CA SER A 102 0.71 -1.50 16.62
C SER A 102 1.97 -2.05 17.34
N ASP A 103 2.29 -1.45 18.50
CA ASP A 103 3.45 -1.84 19.35
C ASP A 103 3.30 -3.28 19.90
N GLU A 104 2.05 -3.77 19.98
CA GLU A 104 1.74 -5.19 20.27
C GLU A 104 2.40 -6.12 19.23
N LEU A 105 2.20 -5.79 17.94
CA LEU A 105 2.69 -6.61 16.81
C LEU A 105 4.21 -6.46 16.56
N LYS A 106 4.81 -5.35 17.04
CA LYS A 106 6.27 -5.08 16.90
C LYS A 106 7.12 -6.15 17.61
N GLU A 107 6.68 -6.58 18.81
CA GLU A 107 7.40 -7.57 19.63
C GLU A 107 6.94 -9.03 19.36
N ILE A 108 5.84 -9.20 18.58
CA ILE A 108 5.35 -10.52 18.15
C ILE A 108 5.86 -10.85 16.72
N ARG A 109 6.88 -11.74 16.63
CA ARG A 109 7.38 -12.27 15.34
C ARG A 109 6.36 -13.26 14.73
N LYS A 110 5.88 -14.17 15.57
CA LYS A 110 4.98 -15.27 15.16
C LYS A 110 4.20 -15.82 16.39
N ALA A 111 4.89 -15.87 17.55
CA ALA A 111 4.36 -16.42 18.82
C ALA A 111 3.11 -15.64 19.33
N MET A 112 1.92 -16.16 19.01
CA MET A 112 0.62 -15.59 19.47
C MET A 112 0.23 -16.20 20.85
N THR A 113 1.05 -15.89 21.87
CA THR A 113 0.89 -16.43 23.24
C THR A 113 1.56 -15.50 24.31
N SER A 1 -13.50 -11.13 -3.00
CA SER A 1 -13.90 -9.90 -3.74
C SER A 1 -12.66 -9.14 -4.24
N HIS A 2 -12.51 -9.03 -5.58
CA HIS A 2 -11.43 -8.26 -6.24
C HIS A 2 -12.04 -7.26 -7.24
N MET A 3 -12.68 -7.80 -8.32
CA MET A 3 -13.28 -7.02 -9.43
C MET A 3 -12.20 -6.28 -10.29
N PRO A 4 -12.45 -6.06 -11.63
CA PRO A 4 -11.51 -5.31 -12.53
C PRO A 4 -11.06 -3.94 -11.95
N VAL A 5 -9.75 -3.64 -12.05
CA VAL A 5 -9.14 -2.38 -11.55
C VAL A 5 -9.88 -1.10 -12.08
N PRO A 6 -10.19 -0.10 -11.19
CA PRO A 6 -10.82 1.19 -11.63
C PRO A 6 -9.98 1.96 -12.69
N VAL A 7 -10.67 2.74 -13.53
CA VAL A 7 -10.05 3.51 -14.63
C VAL A 7 -9.75 4.96 -14.19
N THR A 8 -8.69 5.55 -14.79
CA THR A 8 -8.22 6.91 -14.45
C THR A 8 -9.13 8.01 -15.03
N CYS A 9 -9.62 7.81 -16.28
CA CYS A 9 -10.46 8.77 -17.04
C CYS A 9 -9.71 10.11 -17.36
N ASP A 10 -9.51 10.95 -16.33
CA ASP A 10 -8.79 12.24 -16.45
C ASP A 10 -7.33 12.08 -15.96
N ALA A 11 -7.15 11.96 -14.63
CA ALA A 11 -5.80 11.91 -13.99
C ALA A 11 -5.85 11.46 -12.51
N VAL A 12 -7.00 11.67 -11.83
CA VAL A 12 -7.14 11.50 -10.34
C VAL A 12 -6.71 10.09 -9.83
N ARG A 13 -7.21 9.02 -10.48
CA ARG A 13 -6.90 7.61 -10.08
C ARG A 13 -5.44 7.26 -10.42
N ASN A 14 -4.98 7.66 -11.63
CA ASN A 14 -3.60 7.41 -12.10
C ASN A 14 -2.58 8.11 -11.17
N LYS A 15 -2.98 9.26 -10.62
CA LYS A 15 -2.16 10.04 -9.66
C LYS A 15 -1.92 9.24 -8.35
N CYS A 16 -3.02 8.75 -7.76
CA CYS A 16 -2.97 7.91 -6.54
C CYS A 16 -2.15 6.62 -6.76
N ARG A 17 -2.31 6.02 -7.95
CA ARG A 17 -1.58 4.82 -8.40
C ARG A 17 -0.06 5.09 -8.51
N GLU A 18 0.30 6.23 -9.13
CA GLU A 18 1.70 6.67 -9.31
C GLU A 18 2.39 6.97 -7.95
N MET A 19 1.65 7.59 -7.02
CA MET A 19 2.19 7.98 -5.70
C MET A 19 2.35 6.75 -4.75
N LEU A 20 1.37 5.82 -4.75
CA LEU A 20 1.46 4.54 -4.00
C LEU A 20 2.65 3.68 -4.51
N THR A 21 2.81 3.64 -5.85
CA THR A 21 3.96 3.00 -6.51
C THR A 21 5.28 3.69 -6.12
N ALA A 22 5.27 5.04 -6.04
CA ALA A 22 6.45 5.86 -5.67
C ALA A 22 6.98 5.51 -4.25
N ALA A 23 6.06 5.14 -3.33
CA ALA A 23 6.42 4.58 -2.01
C ALA A 23 7.21 3.26 -2.18
N LEU A 24 6.70 2.40 -3.07
CA LEU A 24 7.30 1.07 -3.36
C LEU A 24 8.60 1.18 -4.23
N GLN A 25 8.80 2.34 -4.91
CA GLN A 25 9.98 2.61 -5.78
C GLN A 25 11.19 3.18 -4.99
N THR A 26 10.96 3.68 -3.75
CA THR A 26 12.01 4.40 -2.96
C THR A 26 13.27 3.52 -2.72
N ASP A 27 13.08 2.20 -2.58
CA ASP A 27 14.17 1.21 -2.57
C ASP A 27 13.83 0.03 -3.52
N HIS A 28 14.87 -0.70 -3.98
CA HIS A 28 14.71 -1.81 -4.94
C HIS A 28 14.43 -3.19 -4.25
N ASP A 29 13.64 -3.18 -3.15
CA ASP A 29 13.21 -4.45 -2.46
C ASP A 29 12.39 -5.33 -3.43
N HIS A 30 11.51 -4.68 -4.22
CA HIS A 30 10.69 -5.34 -5.26
C HIS A 30 11.54 -6.05 -6.34
N VAL A 31 12.74 -5.49 -6.64
CA VAL A 31 13.71 -6.12 -7.60
C VAL A 31 14.41 -7.34 -6.94
N ALA A 32 14.86 -7.15 -5.69
CA ALA A 32 15.57 -8.18 -4.88
C ALA A 32 14.68 -9.44 -4.63
N ILE A 33 13.40 -9.21 -4.36
CA ILE A 33 12.40 -10.28 -4.15
C ILE A 33 11.88 -10.84 -5.51
N GLY A 34 11.79 -9.96 -6.53
CA GLY A 34 11.34 -10.34 -7.87
C GLY A 34 9.83 -10.18 -8.09
N ALA A 35 9.23 -9.20 -7.40
CA ALA A 35 7.77 -8.89 -7.50
C ALA A 35 7.56 -7.50 -8.16
N ASP A 36 6.60 -7.41 -9.12
CA ASP A 36 6.24 -6.13 -9.75
C ASP A 36 5.36 -5.29 -8.79
N CYS A 37 5.98 -4.32 -8.12
CA CYS A 37 5.31 -3.44 -7.14
C CYS A 37 4.25 -2.52 -7.79
N GLU A 38 4.41 -2.27 -9.09
CA GLU A 38 3.61 -1.28 -9.83
C GLU A 38 2.15 -1.73 -10.01
N ARG A 39 1.93 -3.04 -10.31
CA ARG A 39 0.56 -3.59 -10.45
C ARG A 39 -0.06 -3.87 -9.05
N LEU A 40 0.81 -4.18 -8.05
CA LEU A 40 0.40 -4.34 -6.63
C LEU A 40 -0.27 -3.05 -6.10
N SER A 41 0.33 -1.91 -6.47
CA SER A 41 -0.18 -0.55 -6.16
C SER A 41 -1.59 -0.29 -6.75
N ALA A 42 -1.80 -0.73 -8.01
CA ALA A 42 -3.11 -0.65 -8.69
C ALA A 42 -4.16 -1.56 -8.01
N GLN A 43 -3.70 -2.70 -7.45
CA GLN A 43 -4.54 -3.63 -6.67
C GLN A 43 -4.89 -3.06 -5.27
N ILE A 44 -3.98 -2.26 -4.69
CA ILE A 44 -4.27 -1.47 -3.46
C ILE A 44 -5.38 -0.44 -3.77
N GLU A 45 -5.29 0.18 -4.97
CA GLU A 45 -6.30 1.14 -5.46
C GLU A 45 -7.69 0.47 -5.63
N GLU A 46 -7.72 -0.78 -6.12
CA GLU A 46 -8.99 -1.58 -6.23
C GLU A 46 -9.78 -1.61 -4.90
N CYS A 47 -9.03 -1.81 -3.79
CA CYS A 47 -9.60 -1.89 -2.43
C CYS A 47 -9.97 -0.49 -1.85
N ILE A 48 -9.02 0.46 -1.91
CA ILE A 48 -9.14 1.77 -1.21
C ILE A 48 -10.09 2.76 -1.96
N PHE A 49 -10.21 2.60 -3.30
CA PHE A 49 -11.08 3.45 -4.14
C PHE A 49 -12.58 3.21 -3.85
N ARG A 50 -12.93 2.01 -3.37
CA ARG A 50 -14.32 1.66 -3.00
C ARG A 50 -14.80 2.51 -1.80
N ASP A 51 -13.92 2.65 -0.78
CA ASP A 51 -14.23 3.35 0.49
C ASP A 51 -13.98 4.88 0.37
N VAL A 52 -12.76 5.25 -0.04
CA VAL A 52 -12.25 6.64 0.00
C VAL A 52 -12.34 7.36 -1.38
N GLY A 53 -12.56 6.58 -2.46
CA GLY A 53 -12.43 7.07 -3.85
C GLY A 53 -13.57 7.94 -4.38
N ASN A 54 -14.25 8.65 -3.46
CA ASN A 54 -15.23 9.71 -3.79
C ASN A 54 -14.54 11.07 -4.18
N THR A 55 -13.19 11.04 -4.30
CA THR A 55 -12.32 12.15 -4.83
C THR A 55 -12.30 13.42 -3.96
N ASP A 56 -12.81 13.33 -2.71
CA ASP A 56 -12.72 14.42 -1.69
C ASP A 56 -11.25 14.58 -1.20
N MET A 57 -10.97 15.65 -0.42
CA MET A 57 -9.63 15.90 0.18
C MET A 57 -9.15 14.73 1.07
N LYS A 58 -10.11 13.95 1.63
CA LYS A 58 -9.81 12.69 2.38
C LYS A 58 -9.06 11.66 1.49
N TYR A 59 -9.41 11.59 0.19
CA TYR A 59 -8.83 10.64 -0.78
C TYR A 59 -7.36 11.00 -1.11
N LYS A 60 -7.08 12.30 -1.20
CA LYS A 60 -5.70 12.80 -1.44
C LYS A 60 -4.82 12.67 -0.17
N ASN A 61 -5.42 12.96 1.01
CA ASN A 61 -4.71 12.99 2.32
C ASN A 61 -4.40 11.56 2.84
N ARG A 62 -5.41 10.69 2.88
CA ARG A 62 -5.29 9.32 3.44
C ARG A 62 -4.31 8.45 2.62
N VAL A 63 -4.29 8.65 1.29
CA VAL A 63 -3.32 7.99 0.38
C VAL A 63 -1.87 8.49 0.66
N ARG A 64 -1.63 9.83 0.61
CA ARG A 64 -0.25 10.41 0.77
C ARG A 64 0.36 10.13 2.17
N SER A 65 -0.50 10.10 3.20
CA SER A 65 -0.09 9.79 4.60
C SER A 65 0.37 8.32 4.73
N ARG A 66 -0.32 7.44 3.98
CA ARG A 66 -0.04 6.00 3.96
C ARG A 66 1.26 5.68 3.19
N ILE A 67 1.49 6.46 2.11
CA ILE A 67 2.76 6.47 1.32
C ILE A 67 3.97 6.86 2.19
N SER A 68 3.78 7.92 3.00
CA SER A 68 4.80 8.39 3.98
C SER A 68 5.13 7.29 5.00
N ASN A 69 4.08 6.56 5.44
CA ASN A 69 4.19 5.39 6.36
C ASN A 69 4.95 4.19 5.71
N LEU A 70 4.77 3.98 4.39
CA LEU A 70 5.45 2.90 3.62
C LEU A 70 6.98 3.13 3.54
N LYS A 71 7.39 4.41 3.35
CA LYS A 71 8.82 4.81 3.26
C LYS A 71 9.36 5.35 4.61
N ASP A 72 8.57 5.22 5.70
CA ASP A 72 8.88 5.82 7.02
C ASP A 72 10.10 5.13 7.70
N ALA A 73 10.83 5.90 8.53
CA ALA A 73 12.08 5.46 9.18
C ALA A 73 11.83 4.49 10.37
N LYS A 74 10.63 4.57 10.99
CA LYS A 74 10.24 3.69 12.12
C LYS A 74 10.02 2.24 11.65
N ASN A 75 9.36 2.06 10.50
CA ASN A 75 9.14 0.73 9.89
C ASN A 75 8.92 0.83 8.35
N PRO A 76 10.03 0.76 7.53
CA PRO A 76 9.93 0.58 6.06
C PRO A 76 9.83 -0.91 5.64
N ASP A 77 9.98 -1.83 6.63
CA ASP A 77 9.92 -3.30 6.42
C ASP A 77 8.47 -3.77 6.18
N LEU A 78 7.51 -2.95 6.66
CA LEU A 78 6.06 -3.07 6.35
C LEU A 78 5.82 -3.17 4.83
N ARG A 79 6.41 -2.20 4.12
CA ARG A 79 6.38 -2.10 2.65
C ARG A 79 7.01 -3.33 1.97
N ARG A 80 8.15 -3.80 2.53
CA ARG A 80 8.87 -5.00 2.01
C ARG A 80 8.03 -6.29 2.17
N ASN A 81 7.22 -6.37 3.25
CA ASN A 81 6.29 -7.51 3.49
C ASN A 81 5.19 -7.58 2.40
N VAL A 82 4.74 -6.40 1.93
CA VAL A 82 3.80 -6.30 0.79
C VAL A 82 4.48 -6.77 -0.53
N LEU A 83 5.75 -6.36 -0.70
CA LEU A 83 6.59 -6.73 -1.87
C LEU A 83 7.01 -8.23 -1.84
N CYS A 84 6.99 -8.83 -0.64
CA CYS A 84 7.28 -10.27 -0.45
C CYS A 84 6.01 -11.14 -0.64
N GLY A 85 4.84 -10.49 -0.67
CA GLY A 85 3.54 -11.20 -0.77
C GLY A 85 3.04 -11.75 0.57
N ALA A 86 3.70 -11.35 1.68
CA ALA A 86 3.28 -11.69 3.06
C ALA A 86 2.01 -10.89 3.45
N ILE A 87 2.01 -9.60 3.10
CA ILE A 87 0.82 -8.73 3.20
C ILE A 87 0.23 -8.51 1.79
N THR A 88 -1.08 -8.80 1.63
CA THR A 88 -1.78 -8.61 0.33
C THR A 88 -2.25 -7.14 0.17
N PRO A 89 -2.44 -6.63 -1.10
CA PRO A 89 -2.99 -5.27 -1.38
C PRO A 89 -4.26 -4.88 -0.57
N GLN A 90 -5.15 -5.87 -0.31
CA GLN A 90 -6.39 -5.65 0.47
C GLN A 90 -6.11 -5.55 1.99
N GLN A 91 -5.09 -6.31 2.48
CA GLN A 91 -4.65 -6.22 3.91
C GLN A 91 -4.05 -4.83 4.20
N ILE A 92 -3.01 -4.44 3.44
CA ILE A 92 -2.31 -3.13 3.62
C ILE A 92 -3.27 -1.91 3.41
N ALA A 93 -4.44 -2.13 2.75
CA ALA A 93 -5.50 -1.11 2.58
C ALA A 93 -6.38 -0.95 3.85
N VAL A 94 -6.68 -2.07 4.54
CA VAL A 94 -7.60 -2.09 5.72
C VAL A 94 -6.86 -1.91 7.08
N MET A 95 -5.52 -2.10 7.09
CA MET A 95 -4.69 -1.95 8.34
C MET A 95 -4.70 -0.48 8.86
N THR A 96 -4.80 -0.32 10.19
CA THR A 96 -4.75 1.02 10.84
C THR A 96 -3.29 1.51 10.95
N SER A 97 -3.10 2.81 11.27
CA SER A 97 -1.75 3.39 11.54
C SER A 97 -1.04 2.67 12.72
N GLU A 98 -1.88 2.15 13.66
CA GLU A 98 -1.43 1.31 14.79
C GLU A 98 -0.80 -0.01 14.26
N GLU A 99 -1.55 -0.70 13.37
CA GLU A 99 -1.14 -2.00 12.78
C GLU A 99 0.07 -1.88 11.83
N MET A 100 0.13 -0.78 11.07
CA MET A 100 1.22 -0.52 10.10
C MET A 100 2.55 -0.18 10.81
N ALA A 101 2.46 0.46 11.99
CA ALA A 101 3.64 0.74 12.85
C ALA A 101 4.02 -0.49 13.73
N SER A 102 3.00 -1.30 14.10
CA SER A 102 3.18 -2.55 14.91
C SER A 102 3.26 -3.80 14.00
N ASP A 103 3.52 -3.59 12.70
CA ASP A 103 3.70 -4.65 11.68
C ASP A 103 4.71 -5.74 12.12
N GLU A 104 5.80 -5.31 12.74
CA GLU A 104 6.85 -6.22 13.24
C GLU A 104 6.31 -7.04 14.44
N LEU A 105 5.56 -6.36 15.33
CA LEU A 105 4.98 -6.98 16.55
C LEU A 105 3.82 -7.96 16.26
N LYS A 106 3.26 -7.91 15.03
CA LYS A 106 2.24 -8.88 14.58
C LYS A 106 2.80 -10.32 14.61
N GLU A 107 4.06 -10.47 14.18
CA GLU A 107 4.82 -11.73 14.27
C GLU A 107 5.59 -11.80 15.60
N ILE A 108 6.30 -10.70 15.92
CA ILE A 108 7.21 -10.62 17.07
C ILE A 108 6.46 -10.14 18.35
N ARG A 109 5.57 -11.00 18.84
CA ARG A 109 4.93 -10.85 20.17
C ARG A 109 5.56 -11.88 21.15
N LYS A 110 6.19 -12.92 20.57
CA LYS A 110 6.89 -14.00 21.32
C LYS A 110 8.42 -13.81 21.25
N ALA A 111 8.99 -13.99 20.03
CA ALA A 111 10.45 -13.97 19.75
C ALA A 111 11.22 -14.99 20.64
N MET A 112 11.21 -16.28 20.23
CA MET A 112 11.87 -17.37 21.00
C MET A 112 12.39 -18.50 20.08
N THR A 113 12.35 -18.28 18.75
CA THR A 113 12.87 -19.25 17.74
C THR A 113 14.42 -19.14 17.64
N SER A 1 -18.13 -11.24 -6.11
CA SER A 1 -17.78 -10.22 -7.16
C SER A 1 -16.75 -9.23 -6.60
N HIS A 2 -15.72 -8.90 -7.41
CA HIS A 2 -14.66 -7.93 -7.03
C HIS A 2 -14.37 -6.96 -8.18
N MET A 3 -14.34 -5.64 -7.88
CA MET A 3 -14.01 -4.59 -8.85
C MET A 3 -12.48 -4.56 -9.17
N PRO A 4 -12.10 -4.43 -10.48
CA PRO A 4 -10.69 -4.16 -10.88
C PRO A 4 -10.33 -2.66 -10.77
N VAL A 5 -9.18 -2.27 -11.38
CA VAL A 5 -8.70 -0.86 -11.38
C VAL A 5 -9.81 0.10 -11.95
N PRO A 6 -10.33 1.06 -11.11
CA PRO A 6 -11.57 1.83 -11.42
C PRO A 6 -11.39 2.91 -12.50
N VAL A 7 -12.50 3.56 -12.85
CA VAL A 7 -12.54 4.66 -13.84
C VAL A 7 -12.05 6.00 -13.23
N THR A 8 -11.39 6.82 -14.07
CA THR A 8 -10.89 8.15 -13.68
C THR A 8 -11.88 9.27 -14.10
N CYS A 9 -12.53 9.90 -13.11
CA CYS A 9 -13.33 11.13 -13.33
C CYS A 9 -12.38 12.31 -13.64
N ASP A 10 -11.38 12.50 -12.75
CA ASP A 10 -10.25 13.44 -12.95
C ASP A 10 -8.91 12.68 -12.78
N ALA A 11 -7.78 13.43 -12.82
CA ALA A 11 -6.43 12.86 -12.58
C ALA A 11 -6.27 12.33 -11.14
N VAL A 12 -7.14 12.79 -10.21
CA VAL A 12 -7.10 12.44 -8.76
C VAL A 12 -6.98 10.91 -8.49
N ARG A 13 -7.76 10.08 -9.22
CA ARG A 13 -7.75 8.61 -9.05
C ARG A 13 -6.41 8.01 -9.55
N ASN A 14 -6.04 8.31 -10.81
CA ASN A 14 -4.80 7.77 -11.45
C ASN A 14 -3.53 8.24 -10.71
N LYS A 15 -3.57 9.45 -10.15
CA LYS A 15 -2.45 10.07 -9.43
C LYS A 15 -2.04 9.23 -8.20
N CYS A 16 -3.04 8.57 -7.58
CA CYS A 16 -2.84 7.63 -6.45
C CYS A 16 -1.99 6.41 -6.89
N ARG A 17 -2.36 5.79 -8.04
CA ARG A 17 -1.61 4.64 -8.62
C ARG A 17 -0.12 5.01 -8.83
N GLU A 18 0.11 6.16 -9.49
CA GLU A 18 1.46 6.64 -9.87
C GLU A 18 2.36 6.90 -8.63
N MET A 19 1.81 7.62 -7.62
CA MET A 19 2.57 8.02 -6.41
C MET A 19 2.85 6.82 -5.46
N LEU A 20 1.93 5.83 -5.44
CA LEU A 20 2.14 4.56 -4.69
C LEU A 20 3.25 3.72 -5.36
N THR A 21 3.24 3.68 -6.72
CA THR A 21 4.30 3.00 -7.51
C THR A 21 5.70 3.61 -7.23
N ALA A 22 5.74 4.95 -7.07
CA ALA A 22 6.98 5.69 -6.71
C ALA A 22 7.52 5.24 -5.33
N ALA A 23 6.60 5.05 -4.36
CA ALA A 23 6.93 4.51 -3.01
C ALA A 23 7.41 3.03 -3.07
N LEU A 24 6.92 2.30 -4.08
CA LEU A 24 7.31 0.88 -4.32
C LEU A 24 8.63 0.75 -5.13
N GLN A 25 9.15 1.88 -5.65
CA GLN A 25 10.43 1.93 -6.40
C GLN A 25 11.46 2.84 -5.70
N THR A 26 11.22 3.13 -4.40
CA THR A 26 12.02 4.12 -3.63
C THR A 26 13.53 3.75 -3.53
N ASP A 27 13.84 2.49 -3.14
CA ASP A 27 15.25 2.04 -2.90
C ASP A 27 15.57 0.72 -3.64
N HIS A 28 14.89 0.49 -4.79
CA HIS A 28 15.00 -0.79 -5.57
C HIS A 28 14.57 -2.00 -4.71
N ASP A 29 13.71 -1.72 -3.72
CA ASP A 29 13.18 -2.68 -2.72
C ASP A 29 12.46 -3.89 -3.37
N HIS A 30 11.58 -3.58 -4.34
CA HIS A 30 10.88 -4.61 -5.15
C HIS A 30 11.85 -5.46 -6.02
N VAL A 31 12.94 -4.82 -6.50
CA VAL A 31 13.97 -5.49 -7.36
C VAL A 31 14.75 -6.56 -6.55
N ALA A 32 15.06 -6.22 -5.29
CA ALA A 32 15.79 -7.10 -4.35
C ALA A 32 15.05 -8.44 -4.10
N ILE A 33 13.71 -8.37 -4.12
CA ILE A 33 12.82 -9.55 -3.91
C ILE A 33 12.37 -10.17 -5.27
N GLY A 34 12.42 -9.36 -6.36
CA GLY A 34 11.95 -9.79 -7.69
C GLY A 34 10.45 -9.53 -7.92
N ALA A 35 9.84 -8.70 -7.04
CA ALA A 35 8.41 -8.31 -7.12
C ALA A 35 8.18 -7.17 -8.13
N ASP A 36 7.08 -7.27 -8.90
CA ASP A 36 6.66 -6.24 -9.87
C ASP A 36 5.77 -5.18 -9.19
N CYS A 37 6.30 -3.96 -9.07
CA CYS A 37 5.72 -2.87 -8.24
C CYS A 37 4.42 -2.24 -8.82
N GLU A 38 4.43 -1.94 -10.12
CA GLU A 38 3.38 -1.10 -10.79
C GLU A 38 1.95 -1.70 -10.67
N ARG A 39 1.88 -3.03 -10.72
CA ARG A 39 0.63 -3.79 -10.57
C ARG A 39 0.14 -3.83 -9.10
N LEU A 40 1.07 -3.93 -8.12
CA LEU A 40 0.72 -4.02 -6.67
C LEU A 40 0.00 -2.75 -6.18
N SER A 41 0.51 -1.58 -6.60
CA SER A 41 -0.08 -0.25 -6.29
C SER A 41 -1.51 -0.11 -6.84
N ALA A 42 -1.74 -0.65 -8.04
CA ALA A 42 -3.07 -0.69 -8.69
C ALA A 42 -4.07 -1.60 -7.94
N GLN A 43 -3.55 -2.73 -7.41
CA GLN A 43 -4.34 -3.68 -6.57
C GLN A 43 -4.75 -3.04 -5.20
N ILE A 44 -3.89 -2.14 -4.68
CA ILE A 44 -4.19 -1.32 -3.48
C ILE A 44 -5.32 -0.30 -3.81
N GLU A 45 -5.14 0.39 -4.93
CA GLU A 45 -6.00 1.50 -5.39
C GLU A 45 -7.47 1.07 -5.60
N GLU A 46 -7.68 -0.02 -6.36
CA GLU A 46 -9.02 -0.53 -6.71
C GLU A 46 -9.85 -0.93 -5.47
N CYS A 47 -9.17 -1.45 -4.44
CA CYS A 47 -9.80 -1.88 -3.17
C CYS A 47 -10.28 -0.67 -2.35
N ILE A 48 -9.41 0.35 -2.22
CA ILE A 48 -9.64 1.50 -1.32
C ILE A 48 -10.56 2.61 -1.96
N PHE A 49 -10.51 2.75 -3.31
CA PHE A 49 -11.25 3.81 -4.05
C PHE A 49 -12.79 3.62 -3.97
N ARG A 50 -13.24 2.36 -3.82
CA ARG A 50 -14.70 2.03 -3.75
C ARG A 50 -15.38 2.74 -2.55
N ASP A 51 -14.70 2.74 -1.40
CA ASP A 51 -15.22 3.31 -0.14
C ASP A 51 -14.88 4.81 0.00
N VAL A 52 -13.61 5.14 -0.28
CA VAL A 52 -13.00 6.48 0.01
C VAL A 52 -13.05 7.45 -1.20
N GLY A 53 -13.36 6.92 -2.39
CA GLY A 53 -13.24 7.65 -3.67
C GLY A 53 -14.25 8.78 -3.93
N ASN A 54 -15.01 9.18 -2.90
CA ASN A 54 -15.81 10.43 -2.91
C ASN A 54 -14.89 11.70 -2.96
N THR A 55 -13.61 11.51 -2.56
CA THR A 55 -12.49 12.49 -2.67
C THR A 55 -12.66 13.77 -1.81
N ASP A 56 -13.63 13.78 -0.87
CA ASP A 56 -13.86 14.93 0.04
C ASP A 56 -12.77 15.01 1.16
N MET A 57 -11.58 15.55 0.78
CA MET A 57 -10.38 15.74 1.67
C MET A 57 -9.67 14.41 2.07
N LYS A 58 -10.43 13.50 2.73
CA LYS A 58 -9.92 12.23 3.31
C LYS A 58 -9.09 11.39 2.30
N TYR A 59 -9.61 11.26 1.06
CA TYR A 59 -8.97 10.40 0.02
C TYR A 59 -7.51 10.81 -0.29
N LYS A 60 -7.27 12.12 -0.52
CA LYS A 60 -5.90 12.63 -0.80
C LYS A 60 -4.98 12.42 0.42
N ASN A 61 -5.45 12.84 1.62
CA ASN A 61 -4.67 12.73 2.89
C ASN A 61 -4.32 11.25 3.24
N ARG A 62 -5.27 10.34 2.95
CA ARG A 62 -5.11 8.88 3.17
C ARG A 62 -4.01 8.30 2.27
N VAL A 63 -4.02 8.64 0.97
CA VAL A 63 -2.99 8.19 0.01
C VAL A 63 -1.58 8.72 0.40
N ARG A 64 -1.52 10.00 0.87
CA ARG A 64 -0.28 10.62 1.42
C ARG A 64 0.25 9.82 2.64
N SER A 65 -0.68 9.40 3.52
CA SER A 65 -0.36 8.58 4.72
C SER A 65 0.11 7.16 4.33
N ARG A 66 -0.48 6.58 3.25
CA ARG A 66 -0.08 5.26 2.71
C ARG A 66 1.40 5.27 2.28
N ILE A 67 1.77 6.27 1.44
CA ILE A 67 3.16 6.48 0.95
C ILE A 67 4.16 6.65 2.12
N SER A 68 3.73 7.42 3.14
CA SER A 68 4.55 7.77 4.31
C SER A 68 5.11 6.52 5.03
N ASN A 69 4.21 5.56 5.37
CA ASN A 69 4.61 4.30 6.05
C ASN A 69 5.40 3.34 5.12
N LEU A 70 5.17 3.43 3.80
CA LEU A 70 5.90 2.60 2.78
C LEU A 70 7.41 2.92 2.78
N LYS A 71 7.74 4.22 2.93
CA LYS A 71 9.14 4.70 2.91
C LYS A 71 9.69 5.03 4.32
N ASP A 72 8.89 4.75 5.38
CA ASP A 72 9.26 5.12 6.78
C ASP A 72 10.22 4.07 7.41
N ALA A 73 11.13 4.56 8.29
CA ALA A 73 12.17 3.73 8.94
C ALA A 73 11.65 2.93 10.17
N LYS A 74 10.49 3.37 10.72
CA LYS A 74 9.85 2.70 11.88
C LYS A 74 9.26 1.31 11.50
N ASN A 75 8.73 1.21 10.27
CA ASN A 75 8.12 -0.04 9.74
C ASN A 75 8.54 -0.33 8.25
N PRO A 76 9.84 -0.67 7.98
CA PRO A 76 10.29 -1.10 6.61
C PRO A 76 9.92 -2.59 6.30
N ASP A 77 9.72 -3.36 7.38
CA ASP A 77 9.31 -4.78 7.34
C ASP A 77 7.90 -4.95 6.71
N LEU A 78 7.04 -3.94 6.91
CA LEU A 78 5.65 -3.92 6.41
C LEU A 78 5.56 -4.16 4.88
N ARG A 79 6.25 -3.31 4.09
CA ARG A 79 6.24 -3.41 2.60
C ARG A 79 7.08 -4.59 2.11
N ARG A 80 8.18 -4.90 2.81
CA ARG A 80 9.03 -6.09 2.51
C ARG A 80 8.18 -7.39 2.47
N ASN A 81 7.28 -7.52 3.46
CA ASN A 81 6.33 -8.66 3.57
C ASN A 81 5.28 -8.65 2.42
N VAL A 82 4.84 -7.46 1.96
CA VAL A 82 3.88 -7.34 0.82
C VAL A 82 4.53 -7.81 -0.51
N LEU A 83 5.76 -7.31 -0.77
CA LEU A 83 6.60 -7.70 -1.93
C LEU A 83 6.93 -9.22 -1.93
N CYS A 84 7.07 -9.81 -0.72
CA CYS A 84 7.32 -11.27 -0.56
C CYS A 84 6.03 -12.11 -0.68
N GLY A 85 4.86 -11.46 -0.64
CA GLY A 85 3.55 -12.13 -0.77
C GLY A 85 2.95 -12.60 0.56
N ALA A 86 3.63 -12.28 1.68
CA ALA A 86 3.13 -12.57 3.04
C ALA A 86 1.87 -11.72 3.37
N ILE A 87 1.95 -10.42 3.03
CA ILE A 87 0.80 -9.48 3.12
C ILE A 87 0.31 -9.14 1.68
N THR A 88 -1.02 -9.09 1.47
CA THR A 88 -1.59 -8.76 0.15
C THR A 88 -1.75 -7.23 -0.03
N PRO A 89 -1.71 -6.71 -1.31
CA PRO A 89 -2.06 -5.30 -1.61
C PRO A 89 -3.49 -4.88 -1.14
N GLN A 90 -4.38 -5.88 -0.97
CA GLN A 90 -5.74 -5.66 -0.41
C GLN A 90 -5.65 -5.30 1.11
N GLN A 91 -4.82 -6.04 1.87
CA GLN A 91 -4.60 -5.82 3.32
C GLN A 91 -4.13 -4.37 3.60
N ILE A 92 -3.02 -3.96 2.97
CA ILE A 92 -2.42 -2.61 3.13
C ILE A 92 -3.38 -1.48 2.62
N ALA A 93 -4.35 -1.83 1.76
CA ALA A 93 -5.40 -0.89 1.26
C ALA A 93 -6.50 -0.61 2.32
N VAL A 94 -6.83 -1.61 3.15
CA VAL A 94 -7.93 -1.52 4.16
C VAL A 94 -7.42 -1.36 5.61
N MET A 95 -6.12 -1.64 5.85
CA MET A 95 -5.53 -1.68 7.22
C MET A 95 -5.26 -0.26 7.79
N THR A 96 -5.58 -0.06 9.09
CA THR A 96 -5.37 1.23 9.81
C THR A 96 -3.87 1.45 10.17
N SER A 97 -3.52 2.68 10.55
CA SER A 97 -2.11 3.12 10.75
C SER A 97 -1.40 2.41 11.92
N GLU A 98 -2.16 2.00 12.96
CA GLU A 98 -1.60 1.25 14.12
C GLU A 98 -1.08 -0.13 13.67
N GLU A 99 -1.92 -0.84 12.92
CA GLU A 99 -1.63 -2.18 12.40
C GLU A 99 -0.67 -2.16 11.18
N MET A 100 -0.61 -1.01 10.45
CA MET A 100 0.42 -0.80 9.40
C MET A 100 1.81 -0.65 10.05
N ALA A 101 1.86 0.08 11.19
CA ALA A 101 3.10 0.23 12.00
C ALA A 101 3.57 -1.14 12.54
N SER A 102 2.61 -2.05 12.79
CA SER A 102 2.86 -3.45 13.18
C SER A 102 3.60 -3.55 14.54
N ASP A 103 3.11 -2.78 15.53
CA ASP A 103 3.69 -2.70 16.90
C ASP A 103 3.77 -4.08 17.60
N GLU A 104 2.77 -4.95 17.37
CA GLU A 104 2.78 -6.34 17.86
C GLU A 104 3.99 -7.12 17.29
N LEU A 105 4.23 -6.97 15.98
CA LEU A 105 5.36 -7.62 15.26
C LEU A 105 6.74 -6.99 15.62
N LYS A 106 6.74 -5.93 16.44
CA LYS A 106 8.00 -5.36 17.00
C LYS A 106 8.40 -6.13 18.28
N GLU A 107 7.39 -6.55 19.07
CA GLU A 107 7.57 -7.37 20.28
C GLU A 107 7.87 -8.84 19.91
N ILE A 108 7.07 -9.36 18.97
CA ILE A 108 7.22 -10.72 18.40
C ILE A 108 8.46 -10.81 17.46
N ARG A 109 8.87 -9.64 16.91
CA ARG A 109 9.97 -9.50 15.90
C ARG A 109 9.52 -10.17 14.55
N LYS A 110 10.37 -10.13 13.51
CA LYS A 110 10.13 -10.88 12.25
C LYS A 110 10.08 -12.41 12.53
N ALA A 111 8.87 -12.92 12.78
CA ALA A 111 8.61 -14.35 13.03
C ALA A 111 8.02 -15.03 11.76
N MET A 112 7.49 -16.26 11.92
CA MET A 112 6.87 -17.04 10.83
C MET A 112 5.59 -17.76 11.33
N THR A 113 4.62 -17.93 10.42
CA THR A 113 3.29 -18.56 10.67
C THR A 113 2.39 -17.66 11.61
N SER A 1 -17.38 -9.78 -8.09
CA SER A 1 -16.05 -10.13 -7.50
C SER A 1 -15.10 -10.77 -8.55
N HIS A 2 -15.63 -11.66 -9.41
CA HIS A 2 -14.82 -12.37 -10.45
C HIS A 2 -14.43 -11.46 -11.64
N MET A 3 -15.19 -10.37 -11.86
CA MET A 3 -14.86 -9.36 -12.90
C MET A 3 -13.53 -8.63 -12.54
N PRO A 4 -12.77 -8.09 -13.57
CA PRO A 4 -11.55 -7.27 -13.32
C PRO A 4 -11.77 -6.12 -12.31
N VAL A 5 -10.75 -5.85 -11.47
CA VAL A 5 -10.80 -4.81 -10.41
C VAL A 5 -11.00 -3.38 -11.00
N PRO A 6 -11.51 -2.38 -10.21
CA PRO A 6 -11.60 -0.97 -10.66
C PRO A 6 -10.22 -0.37 -11.05
N VAL A 7 -10.26 0.69 -11.85
CA VAL A 7 -9.08 1.25 -12.54
C VAL A 7 -8.89 2.75 -12.25
N THR A 8 -7.69 3.25 -12.59
CA THR A 8 -7.36 4.69 -12.56
C THR A 8 -8.29 5.55 -13.46
N CYS A 9 -9.26 6.21 -12.83
CA CYS A 9 -10.14 7.19 -13.50
C CYS A 9 -9.54 8.61 -13.34
N ASP A 10 -9.50 9.39 -14.44
CA ASP A 10 -9.00 10.79 -14.47
C ASP A 10 -7.48 10.89 -14.15
N ALA A 11 -6.92 12.12 -14.24
CA ALA A 11 -5.52 12.40 -13.87
C ALA A 11 -5.31 12.35 -12.32
N VAL A 12 -6.42 12.40 -11.56
CA VAL A 12 -6.40 12.28 -10.08
C VAL A 12 -5.84 10.91 -9.64
N ARG A 13 -6.52 9.83 -10.06
CA ARG A 13 -6.09 8.44 -9.79
C ARG A 13 -4.81 8.09 -10.57
N ASN A 14 -4.63 8.66 -11.78
CA ASN A 14 -3.39 8.46 -12.59
C ASN A 14 -2.14 8.95 -11.80
N LYS A 15 -2.32 9.98 -10.98
CA LYS A 15 -1.30 10.46 -10.02
C LYS A 15 -1.24 9.56 -8.74
N CYS A 16 -2.43 9.06 -8.28
CA CYS A 16 -2.55 8.22 -7.05
C CYS A 16 -1.78 6.88 -7.18
N ARG A 17 -2.05 6.10 -8.23
CA ARG A 17 -1.31 4.83 -8.51
C ARG A 17 0.23 5.06 -8.59
N GLU A 18 0.65 6.17 -9.24
CA GLU A 18 2.09 6.47 -9.47
C GLU A 18 2.85 6.89 -8.19
N MET A 19 2.19 7.61 -7.26
CA MET A 19 2.79 8.00 -5.96
C MET A 19 2.91 6.75 -5.01
N LEU A 20 1.99 5.79 -5.17
CA LEU A 20 2.04 4.48 -4.47
C LEU A 20 3.17 3.58 -5.04
N THR A 21 3.31 3.59 -6.38
CA THR A 21 4.42 2.89 -7.10
C THR A 21 5.78 3.51 -6.71
N ALA A 22 5.79 4.85 -6.54
CA ALA A 22 6.97 5.63 -6.12
C ALA A 22 7.47 5.20 -4.71
N ALA A 23 6.50 4.93 -3.81
CA ALA A 23 6.77 4.41 -2.46
C ALA A 23 7.39 2.98 -2.48
N LEU A 24 6.97 2.17 -3.48
CA LEU A 24 7.46 0.77 -3.67
C LEU A 24 8.77 0.68 -4.52
N GLN A 25 9.18 1.79 -5.15
CA GLN A 25 10.43 1.87 -5.97
C GLN A 25 11.45 2.87 -5.38
N THR A 26 11.13 3.44 -4.20
CA THR A 26 11.88 4.57 -3.59
C THR A 26 13.39 4.27 -3.40
N ASP A 27 13.71 3.04 -3.01
CA ASP A 27 15.10 2.57 -2.83
C ASP A 27 15.37 1.31 -3.70
N HIS A 28 14.51 1.12 -4.75
CA HIS A 28 14.50 -0.08 -5.64
C HIS A 28 14.15 -1.37 -4.84
N ASP A 29 13.20 -1.21 -3.90
CA ASP A 29 12.81 -2.25 -2.91
C ASP A 29 12.18 -3.47 -3.61
N HIS A 30 11.24 -3.18 -4.53
CA HIS A 30 10.55 -4.22 -5.34
C HIS A 30 11.54 -4.99 -6.23
N VAL A 31 12.64 -4.33 -6.66
CA VAL A 31 13.69 -4.95 -7.52
C VAL A 31 14.50 -6.01 -6.72
N ALA A 32 14.84 -5.65 -5.46
CA ALA A 32 15.55 -6.55 -4.52
C ALA A 32 14.77 -7.85 -4.24
N ILE A 33 13.44 -7.73 -4.16
CA ILE A 33 12.51 -8.86 -3.91
C ILE A 33 12.07 -9.56 -5.23
N GLY A 34 12.10 -8.79 -6.33
CA GLY A 34 11.68 -9.29 -7.66
C GLY A 34 10.16 -9.21 -7.89
N ALA A 35 9.50 -8.25 -7.22
CA ALA A 35 8.04 -8.00 -7.34
C ALA A 35 7.73 -6.84 -8.30
N ASP A 36 6.70 -6.99 -9.15
CA ASP A 36 6.24 -5.91 -10.05
C ASP A 36 5.35 -4.90 -9.27
N CYS A 37 5.95 -3.78 -8.84
CA CYS A 37 5.28 -2.77 -7.98
C CYS A 37 4.11 -2.01 -8.66
N GLU A 38 4.12 -1.96 -10.00
CA GLU A 38 3.14 -1.16 -10.79
C GLU A 38 1.72 -1.76 -10.75
N ARG A 39 1.64 -3.11 -10.86
CA ARG A 39 0.38 -3.86 -10.74
C ARG A 39 -0.10 -3.93 -9.26
N LEU A 40 0.86 -3.99 -8.31
CA LEU A 40 0.56 -4.04 -6.86
C LEU A 40 -0.12 -2.73 -6.38
N SER A 41 0.50 -1.59 -6.75
CA SER A 41 0.03 -0.23 -6.37
C SER A 41 -1.41 0.04 -6.88
N ALA A 42 -1.73 -0.47 -8.08
CA ALA A 42 -3.08 -0.43 -8.67
C ALA A 42 -4.12 -1.21 -7.82
N GLN A 43 -3.65 -2.30 -7.14
CA GLN A 43 -4.50 -3.11 -6.23
C GLN A 43 -4.69 -2.42 -4.85
N ILE A 44 -3.69 -1.61 -4.37
CA ILE A 44 -3.91 -0.69 -3.22
C ILE A 44 -4.94 0.39 -3.62
N GLU A 45 -4.76 0.92 -4.85
CA GLU A 45 -5.60 1.99 -5.42
C GLU A 45 -7.09 1.57 -5.51
N GLU A 46 -7.37 0.39 -6.11
CA GLU A 46 -8.76 -0.07 -6.34
C GLU A 46 -9.50 -0.34 -5.00
N CYS A 47 -8.75 -0.79 -3.98
CA CYS A 47 -9.29 -1.05 -2.63
C CYS A 47 -9.76 0.24 -1.93
N ILE A 48 -8.89 1.27 -1.93
CA ILE A 48 -9.23 2.62 -1.39
C ILE A 48 -10.23 3.35 -2.34
N PHE A 49 -10.24 2.98 -3.63
CA PHE A 49 -11.15 3.56 -4.66
C PHE A 49 -12.61 3.08 -4.47
N ARG A 50 -12.79 1.81 -4.09
CA ARG A 50 -14.11 1.19 -3.88
C ARG A 50 -14.89 1.84 -2.70
N ASP A 51 -14.20 2.13 -1.58
CA ASP A 51 -14.83 2.78 -0.40
C ASP A 51 -14.68 4.33 -0.45
N VAL A 52 -13.44 4.80 -0.60
CA VAL A 52 -13.04 6.23 -0.38
C VAL A 52 -12.82 7.01 -1.71
N GLY A 53 -12.82 6.30 -2.86
CA GLY A 53 -12.45 6.87 -4.19
C GLY A 53 -13.35 7.98 -4.77
N ASN A 54 -14.22 8.58 -3.94
CA ASN A 54 -14.89 9.87 -4.23
C ASN A 54 -13.88 11.06 -4.31
N THR A 55 -12.62 10.81 -3.86
CA THR A 55 -11.46 11.75 -3.96
C THR A 55 -11.67 13.06 -3.19
N ASP A 56 -12.37 12.97 -2.06
CA ASP A 56 -12.63 14.12 -1.17
C ASP A 56 -11.49 14.30 -0.13
N MET A 57 -11.70 15.16 0.89
CA MET A 57 -10.66 15.58 1.87
C MET A 57 -10.02 14.37 2.62
N LYS A 58 -10.88 13.42 3.08
CA LYS A 58 -10.42 12.20 3.80
C LYS A 58 -9.54 11.27 2.90
N TYR A 59 -9.89 11.21 1.59
CA TYR A 59 -9.15 10.38 0.60
C TYR A 59 -7.71 10.86 0.46
N LYS A 60 -7.55 12.18 0.30
CA LYS A 60 -6.23 12.84 0.13
C LYS A 60 -5.28 12.49 1.30
N ASN A 61 -5.79 12.61 2.54
CA ASN A 61 -5.03 12.29 3.77
C ASN A 61 -4.60 10.80 3.80
N ARG A 62 -5.56 9.90 3.52
CA ARG A 62 -5.33 8.44 3.51
C ARG A 62 -4.26 8.01 2.48
N VAL A 63 -4.25 8.69 1.31
CA VAL A 63 -3.25 8.45 0.25
C VAL A 63 -1.84 8.94 0.71
N ARG A 64 -1.75 10.16 1.28
CA ARG A 64 -0.45 10.73 1.78
C ARG A 64 0.16 9.86 2.90
N SER A 65 -0.71 9.36 3.80
CA SER A 65 -0.32 8.43 4.89
C SER A 65 0.09 7.05 4.32
N ARG A 66 -0.59 6.61 3.25
CA ARG A 66 -0.29 5.33 2.59
C ARG A 66 1.12 5.35 1.95
N ILE A 67 1.45 6.46 1.27
CA ILE A 67 2.80 6.68 0.67
C ILE A 67 3.90 6.60 1.75
N SER A 68 3.76 7.47 2.78
CA SER A 68 4.76 7.64 3.87
C SER A 68 5.02 6.31 4.62
N ASN A 69 3.94 5.58 4.92
CA ASN A 69 4.01 4.29 5.65
C ASN A 69 4.55 3.13 4.76
N LEU A 70 4.34 3.21 3.43
CA LEU A 70 5.00 2.27 2.47
C LEU A 70 6.53 2.49 2.48
N LYS A 71 6.97 3.70 2.07
CA LYS A 71 8.41 4.09 2.01
C LYS A 71 9.04 4.39 3.41
N ASP A 72 8.35 3.97 4.50
CA ASP A 72 8.76 4.27 5.90
C ASP A 72 10.11 3.61 6.28
N ALA A 73 10.96 4.40 6.95
CA ALA A 73 12.30 3.96 7.41
C ALA A 73 12.22 3.15 8.72
N LYS A 74 11.22 3.47 9.56
CA LYS A 74 11.08 2.86 10.90
C LYS A 74 10.56 1.40 10.81
N ASN A 75 9.81 1.10 9.74
CA ASN A 75 9.36 -0.26 9.39
C ASN A 75 9.56 -0.49 7.87
N PRO A 76 10.80 -0.91 7.43
CA PRO A 76 11.06 -1.31 6.02
C PRO A 76 10.39 -2.66 5.67
N ASP A 77 10.18 -3.50 6.70
CA ASP A 77 9.55 -4.82 6.58
C ASP A 77 8.05 -4.72 6.19
N LEU A 78 7.45 -3.55 6.42
CA LEU A 78 6.01 -3.32 6.11
C LEU A 78 5.72 -3.43 4.59
N ARG A 79 6.44 -2.63 3.77
CA ARG A 79 6.32 -2.70 2.29
C ARG A 79 6.96 -3.99 1.75
N ARG A 80 8.03 -4.46 2.42
CA ARG A 80 8.75 -5.71 2.11
C ARG A 80 7.79 -6.94 2.14
N ASN A 81 6.86 -6.93 3.10
CA ASN A 81 5.82 -7.98 3.26
C ASN A 81 4.71 -7.87 2.18
N VAL A 82 4.41 -6.64 1.72
CA VAL A 82 3.45 -6.42 0.62
C VAL A 82 4.05 -6.89 -0.74
N LEU A 83 5.35 -6.62 -0.91
CA LEU A 83 6.12 -6.98 -2.13
C LEU A 83 6.46 -8.49 -2.18
N CYS A 84 6.68 -9.14 -1.02
CA CYS A 84 6.94 -10.61 -0.95
C CYS A 84 5.61 -11.41 -0.98
N GLY A 85 4.48 -10.71 -0.70
CA GLY A 85 3.14 -11.32 -0.74
C GLY A 85 2.65 -11.88 0.59
N ALA A 86 3.31 -11.52 1.71
CA ALA A 86 2.86 -11.88 3.08
C ALA A 86 1.54 -11.12 3.43
N ILE A 87 1.57 -9.78 3.32
CA ILE A 87 0.36 -8.92 3.40
C ILE A 87 -0.10 -8.60 1.95
N THR A 88 -1.41 -8.79 1.67
CA THR A 88 -1.98 -8.52 0.33
C THR A 88 -2.25 -7.01 0.13
N PRO A 89 -2.13 -6.48 -1.14
CA PRO A 89 -2.43 -5.06 -1.48
C PRO A 89 -3.80 -4.51 -0.97
N GLN A 90 -4.84 -5.36 -0.96
CA GLN A 90 -6.18 -4.98 -0.43
C GLN A 90 -6.14 -4.76 1.11
N GLN A 91 -5.35 -5.59 1.82
CA GLN A 91 -5.18 -5.49 3.29
C GLN A 91 -4.45 -4.19 3.68
N ILE A 92 -3.24 -3.99 3.13
CA ILE A 92 -2.38 -2.81 3.47
C ILE A 92 -3.10 -1.46 3.18
N ALA A 93 -4.03 -1.47 2.20
CA ALA A 93 -4.88 -0.29 1.87
C ALA A 93 -5.93 0.00 2.98
N VAL A 94 -6.49 -1.05 3.61
CA VAL A 94 -7.50 -0.89 4.70
C VAL A 94 -6.87 -0.94 6.13
N MET A 95 -5.54 -1.22 6.23
CA MET A 95 -4.82 -1.26 7.52
C MET A 95 -4.56 0.16 8.10
N THR A 96 -4.97 0.35 9.36
CA THR A 96 -4.70 1.57 10.15
C THR A 96 -3.19 1.70 10.48
N SER A 97 -2.74 2.94 10.80
CA SER A 97 -1.36 3.22 11.26
C SER A 97 -0.96 2.32 12.46
N GLU A 98 -1.92 2.09 13.40
CA GLU A 98 -1.72 1.18 14.55
C GLU A 98 -1.51 -0.29 14.10
N GLU A 99 -2.27 -0.74 13.09
CA GLU A 99 -2.15 -2.11 12.52
C GLU A 99 -0.71 -2.36 11.96
N MET A 100 -0.17 -1.32 11.32
CA MET A 100 1.17 -1.32 10.70
C MET A 100 2.31 -1.06 11.72
N ALA A 101 1.97 -0.37 12.83
CA ALA A 101 2.93 -0.02 13.93
C ALA A 101 2.66 -0.86 15.19
N SER A 102 1.83 -1.91 15.06
CA SER A 102 1.41 -2.80 16.17
C SER A 102 2.60 -3.39 16.95
N ASP A 103 2.67 -3.09 18.26
CA ASP A 103 3.71 -3.60 19.17
C ASP A 103 3.66 -5.15 19.30
N GLU A 104 2.51 -5.72 19.01
CA GLU A 104 2.32 -7.18 18.95
C GLU A 104 2.95 -7.74 17.64
N LEU A 105 2.57 -7.15 16.49
CA LEU A 105 2.96 -7.64 15.14
C LEU A 105 4.45 -7.43 14.77
N LYS A 106 5.08 -6.35 15.28
CA LYS A 106 6.48 -6.00 14.91
C LYS A 106 7.53 -7.04 15.39
N GLU A 107 7.18 -7.79 16.47
CA GLU A 107 8.05 -8.87 17.02
C GLU A 107 7.58 -10.28 16.57
N ILE A 108 6.34 -10.36 16.02
CA ILE A 108 5.87 -11.57 15.32
C ILE A 108 6.50 -11.62 13.90
N ARG A 109 6.18 -10.61 13.05
CA ARG A 109 6.88 -10.36 11.76
C ARG A 109 6.77 -11.62 10.84
N LYS A 110 5.55 -12.22 10.86
CA LYS A 110 5.26 -13.56 10.31
C LYS A 110 6.06 -14.66 11.06
N ALA A 111 5.56 -15.03 12.27
CA ALA A 111 6.23 -16.01 13.16
C ALA A 111 5.80 -17.47 12.86
N MET A 112 5.59 -17.78 11.58
CA MET A 112 5.25 -19.15 11.09
C MET A 112 6.57 -19.90 10.69
N THR A 113 7.74 -19.30 11.03
CA THR A 113 9.08 -19.82 10.67
C THR A 113 9.60 -20.88 11.69
N SER A 1 -7.93 -12.19 -6.99
CA SER A 1 -8.63 -10.91 -7.24
C SER A 1 -8.40 -10.43 -8.69
N HIS A 2 -9.50 -10.27 -9.46
CA HIS A 2 -9.46 -9.78 -10.85
C HIS A 2 -10.64 -8.80 -11.09
N MET A 3 -10.72 -7.77 -10.23
CA MET A 3 -11.68 -6.67 -10.39
C MET A 3 -11.16 -5.67 -11.46
N PRO A 4 -12.04 -5.16 -12.39
CA PRO A 4 -11.65 -4.11 -13.36
C PRO A 4 -11.18 -2.82 -12.64
N VAL A 5 -9.88 -2.45 -12.82
CA VAL A 5 -9.29 -1.25 -12.19
C VAL A 5 -10.04 0.05 -12.61
N PRO A 6 -10.28 1.01 -11.65
CA PRO A 6 -11.20 2.16 -11.85
C PRO A 6 -10.75 3.18 -12.93
N VAL A 7 -11.73 4.00 -13.36
CA VAL A 7 -11.50 5.14 -14.27
C VAL A 7 -10.71 6.27 -13.56
N THR A 8 -9.94 7.04 -14.35
CA THR A 8 -9.09 8.14 -13.82
C THR A 8 -9.96 9.34 -13.36
N CYS A 9 -9.88 9.68 -12.06
CA CYS A 9 -10.52 10.90 -11.51
C CYS A 9 -9.72 12.16 -11.91
N ASP A 10 -10.36 13.33 -11.77
CA ASP A 10 -9.82 14.63 -12.25
C ASP A 10 -8.51 15.02 -11.49
N ALA A 11 -7.36 14.54 -12.03
CA ALA A 11 -5.98 14.78 -11.53
C ALA A 11 -5.62 14.01 -10.23
N VAL A 12 -6.50 14.06 -9.22
CA VAL A 12 -6.24 13.53 -7.85
C VAL A 12 -5.87 12.03 -7.83
N ARG A 13 -6.81 11.15 -8.26
CA ARG A 13 -6.65 9.68 -8.12
C ARG A 13 -5.56 9.14 -9.08
N ASN A 14 -5.39 9.81 -10.25
CA ASN A 14 -4.34 9.44 -11.22
C ASN A 14 -2.93 9.73 -10.64
N LYS A 15 -2.78 10.90 -10.00
CA LYS A 15 -1.53 11.29 -9.31
C LYS A 15 -1.20 10.32 -8.15
N CYS A 16 -2.22 10.02 -7.33
CA CYS A 16 -2.11 9.09 -6.19
C CYS A 16 -1.69 7.67 -6.66
N ARG A 17 -2.24 7.23 -7.79
CA ARG A 17 -1.95 5.89 -8.40
C ARG A 17 -0.45 5.80 -8.79
N GLU A 18 0.02 6.85 -9.49
CA GLU A 18 1.45 7.02 -9.87
C GLU A 18 2.38 6.96 -8.64
N MET A 19 1.98 7.69 -7.58
CA MET A 19 2.77 7.83 -6.33
C MET A 19 2.73 6.56 -5.44
N LEU A 20 1.65 5.75 -5.53
CA LEU A 20 1.58 4.41 -4.85
C LEU A 20 2.62 3.44 -5.45
N THR A 21 2.70 3.42 -6.80
CA THR A 21 3.69 2.62 -7.55
C THR A 21 5.13 3.17 -7.33
N ALA A 22 5.22 4.51 -7.20
CA ALA A 22 6.50 5.22 -6.92
C ALA A 22 7.01 4.95 -5.48
N ALA A 23 6.06 4.75 -4.54
CA ALA A 23 6.36 4.34 -3.14
C ALA A 23 6.96 2.92 -3.09
N LEU A 24 6.63 2.11 -4.11
CA LEU A 24 7.25 0.79 -4.33
C LEU A 24 8.65 0.92 -4.98
N GLN A 25 8.77 1.92 -5.88
CA GLN A 25 10.03 2.25 -6.60
C GLN A 25 10.91 3.26 -5.81
N THR A 26 10.63 3.42 -4.50
CA THR A 26 11.45 4.27 -3.58
C THR A 26 12.89 3.72 -3.43
N ASP A 27 13.00 2.38 -3.50
CA ASP A 27 14.28 1.65 -3.44
C ASP A 27 14.12 0.29 -4.19
N HIS A 28 15.24 -0.42 -4.42
CA HIS A 28 15.26 -1.67 -5.22
C HIS A 28 14.91 -2.94 -4.39
N ASP A 29 14.08 -2.78 -3.32
CA ASP A 29 13.54 -3.90 -2.51
C ASP A 29 12.70 -4.88 -3.36
N HIS A 30 11.74 -4.33 -4.14
CA HIS A 30 10.86 -5.15 -5.02
C HIS A 30 11.67 -5.81 -6.17
N VAL A 31 12.78 -5.15 -6.58
CA VAL A 31 13.70 -5.66 -7.63
C VAL A 31 14.58 -6.83 -7.07
N ALA A 32 14.99 -6.69 -5.80
CA ALA A 32 15.80 -7.71 -5.07
C ALA A 32 15.00 -9.01 -4.85
N ILE A 33 13.69 -8.86 -4.61
CA ILE A 33 12.73 -9.98 -4.49
C ILE A 33 12.28 -10.49 -5.90
N GLY A 34 12.35 -9.60 -6.92
CA GLY A 34 12.02 -9.95 -8.32
C GLY A 34 10.58 -9.58 -8.73
N ALA A 35 9.80 -9.03 -7.80
CA ALA A 35 8.40 -8.62 -8.05
C ALA A 35 8.34 -7.17 -8.63
N ASP A 36 7.95 -7.04 -9.92
CA ASP A 36 7.77 -5.71 -10.55
C ASP A 36 6.52 -5.00 -9.96
N CYS A 37 6.65 -3.69 -9.72
CA CYS A 37 5.78 -2.92 -8.81
C CYS A 37 4.36 -2.62 -9.32
N GLU A 38 4.14 -2.60 -10.66
CA GLU A 38 2.88 -2.07 -11.25
C GLU A 38 1.61 -2.88 -10.86
N ARG A 39 1.65 -4.24 -10.97
CA ARG A 39 0.47 -5.09 -10.59
C ARG A 39 0.25 -5.09 -9.05
N LEU A 40 1.36 -4.91 -8.28
CA LEU A 40 1.31 -4.81 -6.80
C LEU A 40 0.51 -3.57 -6.35
N SER A 41 0.63 -2.48 -7.13
CA SER A 41 -0.17 -1.25 -6.97
C SER A 41 -1.61 -1.40 -7.53
N ALA A 42 -1.75 -2.18 -8.64
CA ALA A 42 -3.01 -2.30 -9.42
C ALA A 42 -4.20 -2.92 -8.64
N GLN A 43 -3.95 -4.07 -7.98
CA GLN A 43 -4.99 -4.74 -7.13
C GLN A 43 -5.40 -3.85 -5.93
N ILE A 44 -4.45 -3.07 -5.41
CA ILE A 44 -4.69 -2.10 -4.31
C ILE A 44 -5.47 -0.86 -4.80
N GLU A 45 -5.22 -0.45 -6.05
CA GLU A 45 -5.87 0.72 -6.70
C GLU A 45 -7.41 0.63 -6.63
N GLU A 46 -7.95 -0.56 -6.96
CA GLU A 46 -9.41 -0.81 -6.92
C GLU A 46 -9.92 -1.06 -5.48
N CYS A 47 -9.10 -1.73 -4.62
CA CYS A 47 -9.46 -2.00 -3.20
C CYS A 47 -9.65 -0.70 -2.39
N ILE A 48 -8.69 0.23 -2.51
CA ILE A 48 -8.71 1.53 -1.82
C ILE A 48 -9.79 2.47 -2.42
N PHE A 49 -10.13 2.23 -3.72
CA PHE A 49 -11.17 3.02 -4.43
C PHE A 49 -12.58 2.85 -3.81
N ARG A 50 -12.88 1.61 -3.39
CA ARG A 50 -14.23 1.21 -2.91
C ARG A 50 -14.75 2.15 -1.77
N ASP A 51 -13.87 2.43 -0.80
CA ASP A 51 -14.21 3.28 0.38
C ASP A 51 -13.91 4.79 0.14
N VAL A 52 -12.65 5.10 -0.20
CA VAL A 52 -12.12 6.49 -0.23
C VAL A 52 -11.75 7.01 -1.65
N GLY A 53 -11.68 6.13 -2.66
CA GLY A 53 -11.29 6.53 -4.04
C GLY A 53 -12.26 7.51 -4.74
N ASN A 54 -13.40 7.80 -4.07
CA ASN A 54 -14.32 8.92 -4.41
C ASN A 54 -13.64 10.33 -4.30
N THR A 55 -12.37 10.34 -3.80
CA THR A 55 -11.48 11.52 -3.66
C THR A 55 -12.00 12.52 -2.61
N ASP A 56 -12.38 11.94 -1.45
CA ASP A 56 -12.84 12.68 -0.26
C ASP A 56 -11.64 13.30 0.51
N MET A 57 -11.92 14.14 1.54
CA MET A 57 -10.89 14.71 2.45
C MET A 57 -10.15 13.58 3.22
N LYS A 58 -10.90 12.50 3.54
CA LYS A 58 -10.34 11.26 4.13
C LYS A 58 -9.28 10.62 3.20
N TYR A 59 -9.57 10.60 1.87
CA TYR A 59 -8.66 10.05 0.84
C TYR A 59 -7.37 10.89 0.74
N LYS A 60 -7.52 12.22 0.76
CA LYS A 60 -6.38 13.17 0.71
C LYS A 60 -5.35 12.87 1.84
N ASN A 61 -5.86 12.81 3.07
CA ASN A 61 -5.06 12.51 4.27
C ASN A 61 -4.51 11.06 4.27
N ARG A 62 -5.33 10.11 3.77
CA ARG A 62 -4.97 8.66 3.78
C ARG A 62 -3.83 8.34 2.78
N VAL A 63 -3.80 9.08 1.66
CA VAL A 63 -2.73 8.96 0.63
C VAL A 63 -1.38 9.52 1.15
N ARG A 64 -1.42 10.69 1.83
CA ARG A 64 -0.22 11.29 2.49
C ARG A 64 0.37 10.32 3.55
N SER A 65 -0.55 9.70 4.32
CA SER A 65 -0.21 8.66 5.32
C SER A 65 0.41 7.40 4.66
N ARG A 66 -0.28 6.87 3.63
CA ARG A 66 0.04 5.55 3.05
C ARG A 66 1.42 5.53 2.38
N ILE A 67 1.63 6.44 1.42
CA ILE A 67 2.90 6.56 0.64
C ILE A 67 4.12 6.75 1.57
N SER A 68 3.94 7.61 2.60
CA SER A 68 4.96 7.86 3.64
C SER A 68 5.29 6.59 4.45
N ASN A 69 4.25 5.79 4.78
CA ASN A 69 4.41 4.49 5.51
C ASN A 69 4.95 3.35 4.61
N LEU A 70 4.75 3.45 3.28
CA LEU A 70 5.28 2.47 2.29
C LEU A 70 6.83 2.59 2.15
N LYS A 71 7.33 3.84 2.33
CA LYS A 71 8.78 4.17 2.21
C LYS A 71 9.39 4.57 3.59
N ASP A 72 8.67 4.26 4.68
CA ASP A 72 9.00 4.76 6.05
C ASP A 72 10.35 4.21 6.57
N ALA A 73 11.15 5.09 7.20
CA ALA A 73 12.49 4.76 7.72
C ALA A 73 12.43 3.91 9.01
N LYS A 74 11.35 4.08 9.80
CA LYS A 74 11.16 3.36 11.08
C LYS A 74 10.54 1.98 10.83
N ASN A 75 9.55 1.91 9.91
CA ASN A 75 8.87 0.65 9.52
C ASN A 75 8.78 0.50 7.97
N PRO A 76 9.91 0.12 7.28
CA PRO A 76 9.89 -0.25 5.84
C PRO A 76 9.40 -1.71 5.61
N ASP A 77 9.47 -2.53 6.68
CA ASP A 77 9.05 -3.94 6.69
C ASP A 77 7.55 -4.11 6.39
N LEU A 78 6.77 -3.05 6.69
CA LEU A 78 5.31 -3.02 6.44
C LEU A 78 4.97 -3.36 4.97
N ARG A 79 5.52 -2.57 4.02
CA ARG A 79 5.34 -2.83 2.58
C ARG A 79 6.26 -3.96 2.03
N ARG A 80 7.46 -4.10 2.63
CA ARG A 80 8.46 -5.11 2.19
C ARG A 80 7.92 -6.56 2.31
N ASN A 81 7.04 -6.80 3.31
CA ASN A 81 6.30 -8.08 3.45
C ASN A 81 5.25 -8.28 2.32
N VAL A 82 4.68 -7.18 1.81
CA VAL A 82 3.74 -7.24 0.65
C VAL A 82 4.51 -7.54 -0.66
N LEU A 83 5.75 -6.99 -0.76
CA LEU A 83 6.64 -7.19 -1.93
C LEU A 83 7.11 -8.66 -2.05
N CYS A 84 7.34 -9.33 -0.89
CA CYS A 84 7.70 -10.77 -0.85
C CYS A 84 6.44 -11.67 -0.94
N GLY A 85 5.25 -11.09 -0.70
CA GLY A 85 3.97 -11.82 -0.85
C GLY A 85 3.42 -12.39 0.46
N ALA A 86 4.01 -12.00 1.61
CA ALA A 86 3.52 -12.38 2.96
C ALA A 86 2.15 -11.71 3.28
N ILE A 87 2.10 -10.37 3.17
CA ILE A 87 0.84 -9.59 3.33
C ILE A 87 0.12 -9.46 1.95
N THR A 88 -1.21 -9.62 1.93
CA THR A 88 -2.03 -9.52 0.69
C THR A 88 -2.24 -8.05 0.27
N PRO A 89 -2.45 -7.78 -1.07
CA PRO A 89 -2.86 -6.44 -1.59
C PRO A 89 -4.11 -5.86 -0.87
N GLN A 90 -5.03 -6.75 -0.43
CA GLN A 90 -6.25 -6.33 0.32
C GLN A 90 -5.90 -5.82 1.73
N GLN A 91 -5.06 -6.56 2.48
CA GLN A 91 -4.75 -6.24 3.90
C GLN A 91 -4.00 -4.89 4.04
N ILE A 92 -2.96 -4.69 3.22
CA ILE A 92 -2.19 -3.41 3.20
C ILE A 92 -3.08 -2.21 2.71
N ALA A 93 -4.18 -2.50 1.98
CA ALA A 93 -5.17 -1.49 1.52
C ALA A 93 -6.22 -1.13 2.61
N VAL A 94 -6.61 -2.11 3.46
CA VAL A 94 -7.69 -1.92 4.48
C VAL A 94 -7.17 -1.45 5.87
N MET A 95 -5.95 -1.86 6.27
CA MET A 95 -5.38 -1.55 7.62
C MET A 95 -5.22 -0.04 7.87
N THR A 96 -5.75 0.46 9.02
CA THR A 96 -5.56 1.87 9.46
C THR A 96 -4.10 2.11 9.93
N SER A 97 -3.75 3.39 10.20
CA SER A 97 -2.39 3.77 10.68
C SER A 97 -1.99 3.00 11.97
N GLU A 98 -2.97 2.82 12.87
CA GLU A 98 -2.80 2.11 14.16
C GLU A 98 -2.37 0.63 13.95
N GLU A 99 -2.91 0.02 12.88
CA GLU A 99 -2.59 -1.37 12.48
C GLU A 99 -1.21 -1.44 11.77
N MET A 100 -0.93 -0.41 10.94
CA MET A 100 0.34 -0.29 10.17
C MET A 100 1.54 0.11 11.06
N ALA A 101 1.29 0.33 12.37
CA ALA A 101 2.33 0.56 13.40
C ALA A 101 3.12 -0.73 13.73
N SER A 102 2.60 -1.90 13.31
CA SER A 102 3.19 -3.24 13.58
C SER A 102 3.19 -3.53 15.11
N ASP A 103 1.98 -3.73 15.64
CA ASP A 103 1.71 -3.91 17.10
C ASP A 103 2.32 -5.25 17.63
N GLU A 104 2.36 -6.27 16.76
CA GLU A 104 2.94 -7.59 17.07
C GLU A 104 4.49 -7.52 17.24
N LEU A 105 5.15 -6.67 16.41
CA LEU A 105 6.63 -6.53 16.41
C LEU A 105 7.17 -5.73 17.63
N LYS A 106 6.24 -5.20 18.45
CA LYS A 106 6.54 -4.60 19.76
C LYS A 106 7.06 -5.66 20.76
N GLU A 107 6.41 -6.83 20.74
CA GLU A 107 6.76 -7.96 21.64
C GLU A 107 7.78 -8.93 20.98
N ILE A 108 7.85 -8.90 19.64
CA ILE A 108 8.86 -9.68 18.88
C ILE A 108 10.24 -8.96 18.96
N ARG A 109 10.99 -9.29 20.03
CA ARG A 109 12.34 -8.74 20.32
C ARG A 109 13.37 -9.90 20.37
N LYS A 110 14.68 -9.55 20.30
CA LYS A 110 15.81 -10.52 20.20
C LYS A 110 15.70 -11.45 18.94
N ALA A 111 14.89 -11.01 17.94
CA ALA A 111 14.59 -11.78 16.71
C ALA A 111 15.53 -11.40 15.53
N MET A 112 16.51 -10.51 15.78
CA MET A 112 17.56 -10.17 14.78
C MET A 112 18.53 -11.37 14.61
N THR A 113 18.21 -12.23 13.62
CA THR A 113 18.96 -13.48 13.29
C THR A 113 18.95 -14.50 14.48
N SER A 1 -11.48 -14.90 -7.61
CA SER A 1 -10.06 -15.27 -7.83
C SER A 1 -9.51 -14.58 -9.10
N HIS A 2 -8.45 -13.76 -8.93
CA HIS A 2 -7.83 -12.93 -10.00
C HIS A 2 -8.83 -11.89 -10.56
N MET A 3 -9.01 -10.78 -9.83
CA MET A 3 -9.87 -9.65 -10.26
C MET A 3 -9.04 -8.58 -11.02
N PRO A 4 -9.60 -7.92 -12.09
CA PRO A 4 -8.89 -6.83 -12.81
C PRO A 4 -8.53 -5.62 -11.91
N VAL A 5 -7.52 -4.83 -12.32
CA VAL A 5 -7.15 -3.58 -11.64
C VAL A 5 -8.17 -2.45 -11.96
N PRO A 6 -8.40 -1.45 -11.04
CA PRO A 6 -9.46 -0.43 -11.20
C PRO A 6 -9.17 0.58 -12.35
N VAL A 7 -10.23 0.96 -13.07
CA VAL A 7 -10.18 1.99 -14.12
C VAL A 7 -9.94 3.39 -13.48
N THR A 8 -8.91 4.10 -13.96
CA THR A 8 -8.58 5.45 -13.47
C THR A 8 -9.65 6.47 -13.93
N CYS A 9 -10.59 6.79 -13.01
CA CYS A 9 -11.71 7.74 -13.25
C CYS A 9 -11.24 9.11 -13.77
N ASP A 10 -10.18 9.61 -13.14
CA ASP A 10 -9.71 11.00 -13.33
C ASP A 10 -8.17 11.06 -13.19
N ALA A 11 -7.59 12.24 -13.48
CA ALA A 11 -6.15 12.53 -13.30
C ALA A 11 -5.66 12.22 -11.87
N VAL A 12 -6.54 12.44 -10.86
CA VAL A 12 -6.25 12.13 -9.43
C VAL A 12 -5.91 10.63 -9.23
N ARG A 13 -6.79 9.76 -9.77
CA ARG A 13 -6.67 8.28 -9.65
C ARG A 13 -5.30 7.75 -10.18
N ASN A 14 -4.92 8.23 -11.38
CA ASN A 14 -3.67 7.84 -12.06
C ASN A 14 -2.43 8.34 -11.28
N LYS A 15 -2.49 9.61 -10.84
CA LYS A 15 -1.41 10.26 -10.06
C LYS A 15 -1.21 9.56 -8.69
N CYS A 16 -2.33 9.16 -8.06
CA CYS A 16 -2.35 8.46 -6.75
C CYS A 16 -1.67 7.09 -6.85
N ARG A 17 -2.00 6.34 -7.93
CA ARG A 17 -1.39 5.03 -8.20
C ARG A 17 0.15 5.14 -8.37
N GLU A 18 0.60 6.20 -9.10
CA GLU A 18 2.05 6.47 -9.32
C GLU A 18 2.85 6.63 -8.00
N MET A 19 2.37 7.51 -7.10
CA MET A 19 3.05 7.79 -5.80
C MET A 19 2.92 6.62 -4.79
N LEU A 20 1.83 5.82 -4.89
CA LEU A 20 1.72 4.52 -4.17
C LEU A 20 2.80 3.51 -4.65
N THR A 21 3.03 3.49 -5.99
CA THR A 21 4.07 2.65 -6.63
C THR A 21 5.49 3.12 -6.19
N ALA A 22 5.68 4.46 -6.13
CA ALA A 22 6.96 5.08 -5.74
C ALA A 22 7.35 4.76 -4.27
N ALA A 23 6.33 4.59 -3.40
CA ALA A 23 6.52 4.14 -2.00
C ALA A 23 7.11 2.71 -1.94
N LEU A 24 6.77 1.89 -2.95
CA LEU A 24 7.29 0.51 -3.11
C LEU A 24 8.65 0.48 -3.88
N GLN A 25 8.86 1.46 -4.79
CA GLN A 25 10.07 1.53 -5.65
C GLN A 25 11.26 2.26 -5.00
N THR A 26 10.98 3.07 -3.96
CA THR A 26 11.97 3.99 -3.33
C THR A 26 13.30 3.31 -2.90
N ASP A 27 13.21 2.15 -2.21
CA ASP A 27 14.39 1.35 -1.80
C ASP A 27 14.68 0.19 -2.78
N HIS A 28 13.86 0.10 -3.85
CA HIS A 28 14.04 -0.85 -4.99
C HIS A 28 13.96 -2.35 -4.57
N ASP A 29 13.35 -2.66 -3.40
CA ASP A 29 13.25 -4.04 -2.87
C ASP A 29 12.55 -5.03 -3.84
N HIS A 30 11.67 -4.49 -4.70
CA HIS A 30 10.92 -5.28 -5.71
C HIS A 30 11.85 -5.97 -6.74
N VAL A 31 13.07 -5.44 -6.94
CA VAL A 31 14.03 -5.96 -7.94
C VAL A 31 14.59 -7.34 -7.55
N ALA A 32 14.96 -7.51 -6.26
CA ALA A 32 15.45 -8.81 -5.71
C ALA A 32 14.32 -9.86 -5.62
N ILE A 33 13.07 -9.38 -5.43
CA ILE A 33 11.88 -10.24 -5.27
C ILE A 33 11.22 -10.59 -6.64
N GLY A 34 11.33 -9.66 -7.60
CA GLY A 34 10.61 -9.75 -8.88
C GLY A 34 9.11 -9.48 -8.72
N ALA A 35 8.78 -8.30 -8.15
CA ALA A 35 7.39 -7.87 -7.87
C ALA A 35 7.05 -6.58 -8.64
N ASP A 36 5.94 -6.59 -9.40
CA ASP A 36 5.46 -5.39 -10.12
C ASP A 36 4.73 -4.43 -9.16
N CYS A 37 5.46 -3.39 -8.68
CA CYS A 37 4.93 -2.40 -7.71
C CYS A 37 3.67 -1.67 -8.21
N GLU A 38 3.50 -1.58 -9.55
CA GLU A 38 2.35 -0.89 -10.18
C GLU A 38 1.03 -1.71 -10.05
N ARG A 39 1.10 -3.06 -10.19
CA ARG A 39 -0.10 -3.92 -10.04
C ARG A 39 -0.47 -4.09 -8.55
N LEU A 40 0.57 -4.07 -7.69
CA LEU A 40 0.39 -4.11 -6.21
C LEU A 40 -0.31 -2.81 -5.73
N SER A 41 0.20 -1.66 -6.19
CA SER A 41 -0.38 -0.32 -5.87
C SER A 41 -1.79 -0.15 -6.47
N ALA A 42 -2.05 -0.83 -7.60
CA ALA A 42 -3.38 -0.84 -8.25
C ALA A 42 -4.40 -1.65 -7.43
N GLN A 43 -3.97 -2.79 -6.86
CA GLN A 43 -4.81 -3.61 -5.95
C GLN A 43 -5.02 -2.90 -4.59
N ILE A 44 -4.03 -2.08 -4.18
CA ILE A 44 -4.17 -1.11 -3.06
C ILE A 44 -5.23 -0.03 -3.43
N GLU A 45 -5.12 0.46 -4.68
CA GLU A 45 -5.92 1.61 -5.20
C GLU A 45 -7.43 1.27 -5.20
N GLU A 46 -7.81 0.03 -5.60
CA GLU A 46 -9.23 -0.38 -5.63
C GLU A 46 -9.85 -0.42 -4.21
N CYS A 47 -9.08 -0.90 -3.21
CA CYS A 47 -9.55 -1.01 -1.80
C CYS A 47 -9.78 0.38 -1.16
N ILE A 48 -8.78 1.27 -1.29
CA ILE A 48 -8.88 2.67 -0.80
C ILE A 48 -9.94 3.48 -1.62
N PHE A 49 -10.20 3.06 -2.88
CA PHE A 49 -11.25 3.67 -3.72
C PHE A 49 -12.68 3.26 -3.26
N ARG A 50 -12.85 2.01 -2.80
CA ARG A 50 -14.15 1.50 -2.31
C ARG A 50 -14.54 2.15 -0.96
N ASP A 51 -13.55 2.39 -0.10
CA ASP A 51 -13.77 2.97 1.26
C ASP A 51 -13.74 4.52 1.24
N VAL A 52 -12.65 5.08 0.70
CA VAL A 52 -12.32 6.52 0.78
C VAL A 52 -12.44 7.23 -0.60
N GLY A 53 -12.64 6.45 -1.68
CA GLY A 53 -12.49 6.93 -3.07
C GLY A 53 -13.47 8.01 -3.57
N ASN A 54 -14.13 8.76 -2.68
CA ASN A 54 -14.68 10.08 -3.01
C ASN A 54 -13.49 11.05 -3.31
N THR A 55 -13.09 11.10 -4.61
CA THR A 55 -11.83 11.74 -5.07
C THR A 55 -11.68 13.21 -4.63
N ASP A 56 -12.82 13.88 -4.36
CA ASP A 56 -12.84 15.20 -3.72
C ASP A 56 -12.29 15.13 -2.26
N MET A 57 -11.15 15.82 -2.03
CA MET A 57 -10.57 16.08 -0.67
C MET A 57 -10.05 14.80 0.05
N LYS A 58 -10.99 13.99 0.60
CA LYS A 58 -10.70 12.89 1.56
C LYS A 58 -9.73 11.83 0.99
N TYR A 59 -10.02 11.35 -0.24
CA TYR A 59 -9.21 10.31 -0.92
C TYR A 59 -7.74 10.75 -1.14
N LYS A 60 -7.55 11.99 -1.63
CA LYS A 60 -6.20 12.56 -1.94
C LYS A 60 -5.24 12.52 -0.71
N ASN A 61 -5.78 12.95 0.45
CA ASN A 61 -5.01 12.98 1.73
C ASN A 61 -4.77 11.56 2.29
N ARG A 62 -5.74 10.65 2.06
CA ARG A 62 -5.68 9.26 2.57
C ARG A 62 -4.70 8.38 1.76
N VAL A 63 -4.48 8.73 0.48
CA VAL A 63 -3.41 8.12 -0.34
C VAL A 63 -2.03 8.38 0.30
N ARG A 64 -1.83 9.62 0.82
CA ARG A 64 -0.60 10.01 1.53
C ARG A 64 -0.43 9.22 2.86
N SER A 65 -1.56 8.86 3.50
CA SER A 65 -1.55 7.99 4.72
C SER A 65 -0.91 6.61 4.42
N ARG A 66 -1.12 6.11 3.20
CA ARG A 66 -0.50 4.85 2.72
C ARG A 66 0.99 5.05 2.41
N ILE A 67 1.27 6.05 1.54
CA ILE A 67 2.64 6.38 1.04
C ILE A 67 3.65 6.63 2.20
N SER A 68 3.31 7.61 3.05
CA SER A 68 4.17 8.09 4.16
C SER A 68 4.57 6.96 5.12
N ASN A 69 3.60 6.08 5.43
CA ASN A 69 3.80 4.91 6.31
C ASN A 69 4.57 3.76 5.61
N LEU A 70 4.42 3.62 4.28
CA LEU A 70 5.14 2.57 3.50
C LEU A 70 6.65 2.86 3.48
N LYS A 71 6.98 4.13 3.20
CA LYS A 71 8.38 4.63 3.07
C LYS A 71 8.98 5.04 4.45
N ASP A 72 8.21 4.82 5.55
CA ASP A 72 8.54 5.34 6.89
C ASP A 72 9.73 4.60 7.55
N ALA A 73 10.46 5.32 8.44
CA ALA A 73 11.66 4.82 9.14
C ALA A 73 11.32 3.93 10.37
N LYS A 74 10.10 4.08 10.94
CA LYS A 74 9.61 3.26 12.08
C LYS A 74 9.40 1.79 11.64
N ASN A 75 8.91 1.61 10.40
CA ASN A 75 8.72 0.29 9.77
C ASN A 75 9.29 0.33 8.32
N PRO A 76 10.64 0.08 8.14
CA PRO A 76 11.27 0.00 6.78
C PRO A 76 10.75 -1.21 5.97
N ASP A 77 10.46 -2.29 6.70
CA ASP A 77 10.01 -3.56 6.13
C ASP A 77 8.57 -3.51 5.59
N LEU A 78 7.77 -2.48 5.97
CA LEU A 78 6.33 -2.39 5.60
C LEU A 78 6.11 -2.43 4.06
N ARG A 79 6.85 -1.60 3.32
CA ARG A 79 6.84 -1.63 1.83
C ARG A 79 7.44 -2.95 1.27
N ARG A 80 8.48 -3.46 1.95
CA ARG A 80 9.23 -4.67 1.58
C ARG A 80 8.36 -5.96 1.65
N ASN A 81 7.51 -6.05 2.70
CA ASN A 81 6.66 -7.24 2.97
C ASN A 81 5.44 -7.31 2.02
N VAL A 82 5.00 -6.14 1.52
CA VAL A 82 3.94 -6.06 0.49
C VAL A 82 4.49 -6.57 -0.87
N LEU A 83 5.76 -6.23 -1.15
CA LEU A 83 6.49 -6.69 -2.35
C LEU A 83 6.75 -8.21 -2.33
N CYS A 84 7.07 -8.78 -1.15
CA CYS A 84 7.27 -10.25 -0.99
C CYS A 84 5.92 -11.01 -0.83
N GLY A 85 4.84 -10.25 -0.61
CA GLY A 85 3.47 -10.81 -0.52
C GLY A 85 3.11 -11.41 0.84
N ALA A 86 3.88 -11.04 1.89
CA ALA A 86 3.58 -11.42 3.29
C ALA A 86 2.27 -10.71 3.76
N ILE A 87 2.24 -9.38 3.62
CA ILE A 87 1.02 -8.57 3.75
C ILE A 87 0.54 -8.24 2.32
N THR A 88 -0.69 -8.65 1.97
CA THR A 88 -1.23 -8.48 0.60
C THR A 88 -1.57 -6.99 0.32
N PRO A 89 -1.52 -6.54 -0.98
CA PRO A 89 -1.95 -5.18 -1.40
C PRO A 89 -3.38 -4.79 -0.91
N GLN A 90 -4.25 -5.81 -0.77
CA GLN A 90 -5.62 -5.63 -0.24
C GLN A 90 -5.55 -5.25 1.26
N GLN A 91 -4.73 -5.98 2.04
CA GLN A 91 -4.60 -5.78 3.50
C GLN A 91 -4.01 -4.40 3.83
N ILE A 92 -2.82 -4.09 3.25
CA ILE A 92 -2.09 -2.83 3.52
C ILE A 92 -2.91 -1.56 3.14
N ALA A 93 -3.87 -1.72 2.23
CA ALA A 93 -4.77 -0.63 1.77
C ALA A 93 -5.89 -0.30 2.77
N VAL A 94 -6.24 -1.27 3.64
CA VAL A 94 -7.33 -1.11 4.65
C VAL A 94 -6.79 -1.06 6.11
N MET A 95 -5.51 -1.45 6.32
CA MET A 95 -4.85 -1.42 7.65
C MET A 95 -4.82 0.00 8.27
N THR A 96 -5.06 0.11 9.60
CA THR A 96 -4.98 1.42 10.31
C THR A 96 -3.51 1.88 10.48
N SER A 97 -3.32 3.14 10.92
CA SER A 97 -1.97 3.70 11.21
C SER A 97 -1.24 2.87 12.31
N GLU A 98 -2.02 2.39 13.30
CA GLU A 98 -1.53 1.50 14.36
C GLU A 98 -1.11 0.11 13.82
N GLU A 99 -1.90 -0.44 12.87
CA GLU A 99 -1.61 -1.75 12.21
C GLU A 99 -0.30 -1.67 11.37
N MET A 100 -0.13 -0.55 10.65
CA MET A 100 1.05 -0.31 9.77
C MET A 100 2.36 -0.02 10.57
N ALA A 101 2.20 0.32 11.86
CA ALA A 101 3.34 0.55 12.79
C ALA A 101 3.36 -0.50 13.94
N SER A 102 2.51 -1.54 13.83
CA SER A 102 2.25 -2.53 14.91
C SER A 102 3.48 -3.43 15.24
N ASP A 103 4.01 -3.26 16.47
CA ASP A 103 5.00 -4.17 17.07
C ASP A 103 4.35 -5.56 17.42
N GLU A 104 2.99 -5.58 17.49
CA GLU A 104 2.21 -6.81 17.73
C GLU A 104 2.28 -7.78 16.51
N LEU A 105 2.56 -7.24 15.31
CA LEU A 105 2.77 -8.05 14.08
C LEU A 105 4.20 -8.62 13.98
N LYS A 106 5.16 -8.00 14.69
CA LYS A 106 6.60 -8.42 14.69
C LYS A 106 6.80 -9.84 15.27
N GLU A 107 5.99 -10.16 16.30
CA GLU A 107 6.03 -11.48 16.99
C GLU A 107 5.33 -12.58 16.15
N ILE A 108 4.39 -12.16 15.27
CA ILE A 108 3.61 -13.07 14.40
C ILE A 108 4.47 -13.57 13.22
N ARG A 109 4.67 -14.89 13.10
CA ARG A 109 5.48 -15.50 12.03
C ARG A 109 4.63 -15.74 10.76
N LYS A 110 3.76 -16.78 10.78
CA LYS A 110 2.89 -17.15 9.64
C LYS A 110 1.41 -17.28 10.06
N ALA A 111 1.08 -16.85 11.30
CA ALA A 111 -0.30 -16.91 11.84
C ALA A 111 -1.22 -15.85 11.15
N MET A 112 -1.87 -16.27 10.04
CA MET A 112 -2.70 -15.36 9.21
C MET A 112 -4.06 -16.02 8.89
N THR A 113 -4.02 -17.16 8.20
CA THR A 113 -5.24 -17.91 7.76
C THR A 113 -5.32 -19.32 8.46
N SER A 1 -9.87 -7.95 -7.88
CA SER A 1 -11.35 -7.98 -8.08
C SER A 1 -11.77 -9.23 -8.90
N HIS A 2 -13.00 -9.22 -9.45
CA HIS A 2 -13.45 -10.24 -10.46
C HIS A 2 -13.53 -9.62 -11.89
N MET A 3 -12.85 -8.48 -12.07
CA MET A 3 -12.92 -7.65 -13.31
C MET A 3 -11.52 -7.05 -13.63
N PRO A 4 -11.32 -6.32 -14.79
CA PRO A 4 -10.06 -5.53 -15.02
C PRO A 4 -9.88 -4.39 -13.97
N VAL A 5 -8.64 -3.90 -13.82
CA VAL A 5 -8.32 -2.77 -12.91
C VAL A 5 -9.16 -1.52 -13.30
N PRO A 6 -10.07 -1.02 -12.38
CA PRO A 6 -11.07 0.04 -12.68
C PRO A 6 -10.48 1.33 -13.30
N VAL A 7 -11.24 1.89 -14.26
CA VAL A 7 -10.82 3.06 -15.07
C VAL A 7 -10.62 4.34 -14.22
N THR A 8 -9.47 5.00 -14.40
CA THR A 8 -9.21 6.35 -13.87
C THR A 8 -9.75 7.41 -14.86
N CYS A 9 -10.67 8.29 -14.39
CA CYS A 9 -11.38 9.28 -15.25
C CYS A 9 -10.39 10.27 -15.91
N ASP A 10 -9.56 10.89 -15.06
CA ASP A 10 -8.47 11.81 -15.48
C ASP A 10 -7.11 11.26 -14.96
N ALA A 11 -6.14 12.15 -14.70
CA ALA A 11 -4.89 11.78 -13.99
C ALA A 11 -5.06 11.89 -12.44
N VAL A 12 -6.32 12.04 -11.96
CA VAL A 12 -6.64 12.19 -10.51
C VAL A 12 -6.32 10.90 -9.71
N ARG A 13 -7.00 9.77 -10.05
CA ARG A 13 -6.75 8.46 -9.41
C ARG A 13 -5.41 7.86 -9.89
N ASN A 14 -5.02 8.15 -11.15
CA ASN A 14 -3.74 7.68 -11.71
C ASN A 14 -2.53 8.27 -10.94
N LYS A 15 -2.68 9.54 -10.48
CA LYS A 15 -1.70 10.23 -9.58
C LYS A 15 -1.50 9.43 -8.27
N CYS A 16 -2.63 8.98 -7.69
CA CYS A 16 -2.66 8.19 -6.44
C CYS A 16 -1.93 6.85 -6.61
N ARG A 17 -2.20 6.14 -7.72
CA ARG A 17 -1.49 4.91 -8.11
C ARG A 17 0.03 5.14 -8.21
N GLU A 18 0.44 6.23 -8.92
CA GLU A 18 1.87 6.58 -9.11
C GLU A 18 2.61 6.84 -7.77
N MET A 19 1.90 7.46 -6.80
CA MET A 19 2.45 7.75 -5.47
C MET A 19 2.59 6.46 -4.62
N LEU A 20 1.53 5.62 -4.58
CA LEU A 20 1.55 4.31 -3.87
C LEU A 20 2.63 3.37 -4.44
N THR A 21 2.77 3.37 -5.78
CA THR A 21 3.81 2.62 -6.51
C THR A 21 5.22 3.16 -6.18
N ALA A 22 5.34 4.50 -6.06
CA ALA A 22 6.59 5.18 -5.66
C ALA A 22 7.00 4.82 -4.20
N ALA A 23 5.98 4.65 -3.33
CA ALA A 23 6.17 4.16 -1.94
C ALA A 23 6.70 2.72 -1.89
N LEU A 24 6.35 1.91 -2.91
CA LEU A 24 6.82 0.52 -3.04
C LEU A 24 8.25 0.45 -3.61
N GLN A 25 8.55 1.33 -4.58
CA GLN A 25 9.87 1.35 -5.29
C GLN A 25 10.83 2.43 -4.72
N THR A 26 10.47 3.05 -3.57
CA THR A 26 11.29 4.12 -2.91
C THR A 26 12.76 3.67 -2.64
N ASP A 27 12.91 2.43 -2.17
CA ASP A 27 14.21 1.80 -1.89
C ASP A 27 14.79 1.13 -3.18
N HIS A 28 13.85 0.77 -4.11
CA HIS A 28 14.13 0.01 -5.36
C HIS A 28 14.54 -1.48 -5.12
N ASP A 29 14.47 -1.92 -3.83
CA ASP A 29 14.59 -3.35 -3.45
C ASP A 29 13.41 -4.17 -4.03
N HIS A 30 12.28 -3.49 -4.26
CA HIS A 30 11.07 -4.03 -4.90
C HIS A 30 11.40 -4.57 -6.33
N VAL A 31 12.27 -3.83 -7.03
CA VAL A 31 12.78 -4.21 -8.38
C VAL A 31 13.81 -5.38 -8.25
N ALA A 32 14.66 -5.30 -7.21
CA ALA A 32 15.72 -6.30 -6.91
C ALA A 32 15.16 -7.73 -6.70
N ILE A 33 14.04 -7.82 -5.94
CA ILE A 33 13.32 -9.09 -5.72
C ILE A 33 12.45 -9.48 -6.96
N GLY A 34 12.06 -8.47 -7.77
CA GLY A 34 11.22 -8.68 -8.95
C GLY A 34 9.72 -8.61 -8.63
N ALA A 35 9.37 -7.90 -7.53
CA ALA A 35 7.99 -7.63 -7.15
C ALA A 35 7.40 -6.49 -8.02
N ASP A 36 6.26 -6.77 -8.66
CA ASP A 36 5.60 -5.84 -9.61
C ASP A 36 4.83 -4.72 -8.86
N CYS A 37 5.47 -3.55 -8.71
CA CYS A 37 4.98 -2.44 -7.85
C CYS A 37 3.64 -1.82 -8.32
N GLU A 38 3.54 -1.47 -9.62
CA GLU A 38 2.31 -0.85 -10.18
C GLU A 38 1.13 -1.85 -10.25
N ARG A 39 1.46 -3.17 -10.35
CA ARG A 39 0.46 -4.27 -10.25
C ARG A 39 -0.20 -4.30 -8.86
N LEU A 40 0.63 -4.29 -7.79
CA LEU A 40 0.16 -4.31 -6.39
C LEU A 40 -0.72 -3.07 -6.10
N SER A 41 -0.15 -1.89 -6.43
CA SER A 41 -0.81 -0.57 -6.26
C SER A 41 -2.16 -0.49 -7.02
N ALA A 42 -2.20 -1.03 -8.25
CA ALA A 42 -3.42 -1.05 -9.10
C ALA A 42 -4.58 -1.84 -8.43
N GLN A 43 -4.23 -2.96 -7.81
CA GLN A 43 -5.19 -3.83 -7.09
C GLN A 43 -5.56 -3.24 -5.70
N ILE A 44 -4.66 -2.43 -5.11
CA ILE A 44 -4.97 -1.64 -3.89
C ILE A 44 -5.99 -0.51 -4.23
N GLU A 45 -5.83 0.10 -5.44
CA GLU A 45 -6.73 1.17 -5.97
C GLU A 45 -8.21 0.74 -6.00
N GLU A 46 -8.45 -0.56 -6.18
CA GLU A 46 -9.82 -1.15 -6.17
C GLU A 46 -10.46 -1.06 -4.76
N CYS A 47 -9.71 -1.49 -3.73
CA CYS A 47 -10.19 -1.57 -2.33
C CYS A 47 -10.25 -0.19 -1.63
N ILE A 48 -9.19 0.63 -1.82
CA ILE A 48 -9.07 1.98 -1.19
C ILE A 48 -10.13 2.97 -1.77
N PHE A 49 -10.56 2.74 -3.03
CA PHE A 49 -11.57 3.56 -3.72
C PHE A 49 -12.98 3.46 -3.07
N ARG A 50 -13.23 2.35 -2.35
CA ARG A 50 -14.50 2.12 -1.63
C ARG A 50 -14.68 3.10 -0.43
N ASP A 51 -13.62 3.22 0.40
CA ASP A 51 -13.64 4.11 1.60
C ASP A 51 -13.18 5.54 1.24
N VAL A 52 -11.97 5.63 0.67
CA VAL A 52 -11.25 6.90 0.43
C VAL A 52 -11.62 7.57 -0.92
N GLY A 53 -12.35 6.84 -1.81
CA GLY A 53 -12.68 7.31 -3.17
C GLY A 53 -13.41 8.65 -3.29
N ASN A 54 -13.73 9.28 -2.13
CA ASN A 54 -14.02 10.73 -2.03
C ASN A 54 -12.85 11.56 -2.64
N THR A 55 -13.00 11.96 -3.92
CA THR A 55 -11.92 12.60 -4.73
C THR A 55 -11.83 14.14 -4.56
N ASP A 56 -12.39 14.69 -3.46
CA ASP A 56 -12.29 16.13 -3.13
C ASP A 56 -10.85 16.48 -2.69
N MET A 57 -10.53 16.23 -1.40
CA MET A 57 -9.16 16.41 -0.85
C MET A 57 -8.67 15.13 -0.16
N LYS A 58 -9.58 14.45 0.56
CA LYS A 58 -9.24 13.31 1.45
C LYS A 58 -8.52 12.17 0.71
N TYR A 59 -8.87 11.90 -0.56
CA TYR A 59 -8.19 10.85 -1.38
C TYR A 59 -6.72 11.22 -1.68
N LYS A 60 -6.46 12.52 -1.86
CA LYS A 60 -5.11 13.08 -2.10
C LYS A 60 -4.28 13.11 -0.79
N ASN A 61 -4.95 13.54 0.30
CA ASN A 61 -4.33 13.79 1.63
C ASN A 61 -4.06 12.47 2.41
N ARG A 62 -4.90 11.46 2.19
CA ARG A 62 -4.77 10.14 2.86
C ARG A 62 -3.59 9.34 2.28
N VAL A 63 -3.50 9.35 0.94
CA VAL A 63 -2.48 8.60 0.19
C VAL A 63 -1.05 9.13 0.45
N ARG A 64 -0.84 10.46 0.48
CA ARG A 64 0.50 11.05 0.80
C ARG A 64 0.98 10.67 2.24
N SER A 65 0.02 10.54 3.17
CA SER A 65 0.27 10.05 4.55
C SER A 65 0.51 8.52 4.58
N ARG A 66 -0.15 7.80 3.64
CA ARG A 66 -0.01 6.34 3.46
C ARG A 66 1.42 5.97 2.95
N ILE A 67 1.97 6.82 2.06
CA ILE A 67 3.34 6.69 1.51
C ILE A 67 4.41 6.54 2.61
N SER A 68 4.32 7.40 3.66
CA SER A 68 5.28 7.42 4.79
C SER A 68 5.28 6.07 5.57
N ASN A 69 4.11 5.42 5.62
CA ASN A 69 3.94 4.07 6.24
C ASN A 69 4.53 2.94 5.37
N LEU A 70 4.51 3.14 4.04
CA LEU A 70 5.00 2.15 3.05
C LEU A 70 6.53 2.27 2.80
N LYS A 71 7.14 3.34 3.36
CA LYS A 71 8.61 3.57 3.33
C LYS A 71 9.17 3.69 4.77
N ASP A 72 8.35 3.29 5.77
CA ASP A 72 8.61 3.54 7.21
C ASP A 72 9.86 2.78 7.72
N ALA A 73 10.82 3.54 8.28
CA ALA A 73 12.13 3.01 8.74
C ALA A 73 12.09 2.44 10.19
N LYS A 74 10.91 2.48 10.84
CA LYS A 74 10.72 1.91 12.21
C LYS A 74 10.15 0.48 12.11
N ASN A 75 9.05 0.34 11.34
CA ASN A 75 8.46 -0.97 10.97
C ASN A 75 8.94 -1.35 9.55
N PRO A 76 9.96 -2.26 9.42
CA PRO A 76 10.44 -2.69 8.09
C PRO A 76 9.52 -3.75 7.45
N ASP A 77 8.79 -4.51 8.30
CA ASP A 77 8.11 -5.76 7.91
C ASP A 77 6.82 -5.51 7.09
N LEU A 78 6.15 -4.37 7.36
CA LEU A 78 4.92 -3.95 6.63
C LEU A 78 5.18 -3.88 5.10
N ARG A 79 6.20 -3.08 4.73
CA ARG A 79 6.68 -2.96 3.32
C ARG A 79 7.51 -4.20 2.85
N ARG A 80 8.21 -4.88 3.79
CA ARG A 80 9.07 -6.07 3.50
C ARG A 80 8.26 -7.23 2.85
N ASN A 81 7.07 -7.48 3.41
CA ASN A 81 6.15 -8.51 2.90
C ASN A 81 5.52 -8.08 1.54
N VAL A 82 5.45 -6.77 1.29
CA VAL A 82 5.03 -6.23 -0.04
C VAL A 82 6.21 -6.26 -1.06
N LEU A 83 7.47 -6.22 -0.55
CA LEU A 83 8.71 -6.40 -1.36
C LEU A 83 8.81 -7.83 -1.96
N CYS A 84 8.24 -8.83 -1.24
CA CYS A 84 8.19 -10.24 -1.72
C CYS A 84 6.78 -10.61 -2.26
N GLY A 85 5.76 -9.79 -1.93
CA GLY A 85 4.36 -10.03 -2.37
C GLY A 85 3.61 -11.10 -1.55
N ALA A 86 4.02 -11.27 -0.27
CA ALA A 86 3.41 -12.24 0.68
C ALA A 86 2.08 -11.73 1.33
N ILE A 87 1.73 -10.44 1.13
CA ILE A 87 0.42 -9.86 1.57
C ILE A 87 -0.51 -9.62 0.37
N THR A 88 -1.81 -9.99 0.52
CA THR A 88 -2.84 -9.75 -0.53
C THR A 88 -3.20 -8.23 -0.60
N PRO A 89 -3.46 -7.68 -1.83
CA PRO A 89 -3.76 -6.22 -2.03
C PRO A 89 -4.97 -5.69 -1.22
N GLN A 90 -5.91 -6.59 -0.87
CA GLN A 90 -7.03 -6.23 0.03
C GLN A 90 -6.54 -6.10 1.48
N GLN A 91 -5.72 -7.08 1.96
CA GLN A 91 -5.25 -7.16 3.37
C GLN A 91 -4.47 -5.88 3.76
N ILE A 92 -3.53 -5.47 2.90
CA ILE A 92 -2.71 -4.26 3.13
C ILE A 92 -3.60 -2.97 3.14
N ALA A 93 -4.62 -2.92 2.26
CA ALA A 93 -5.50 -1.75 2.09
C ALA A 93 -6.56 -1.60 3.23
N VAL A 94 -7.02 -2.73 3.82
CA VAL A 94 -8.05 -2.72 4.88
C VAL A 94 -7.46 -2.43 6.28
N MET A 95 -6.13 -2.63 6.45
CA MET A 95 -5.44 -2.37 7.74
C MET A 95 -5.24 -0.85 7.99
N THR A 96 -5.71 -0.37 9.15
CA THR A 96 -5.62 1.06 9.57
C THR A 96 -4.24 1.38 10.19
N SER A 97 -4.03 2.66 10.61
CA SER A 97 -2.77 3.11 11.28
C SER A 97 -2.41 2.24 12.52
N GLU A 98 -3.47 1.77 13.22
CA GLU A 98 -3.36 0.78 14.32
C GLU A 98 -2.64 -0.53 13.89
N GLU A 99 -3.15 -1.14 12.81
CA GLU A 99 -2.68 -2.44 12.31
C GLU A 99 -1.35 -2.34 11.50
N MET A 100 -1.13 -1.18 10.85
CA MET A 100 0.08 -0.94 10.02
C MET A 100 1.33 -0.70 10.89
N ALA A 101 1.16 0.05 12.01
CA ALA A 101 2.26 0.35 12.95
C ALA A 101 2.79 -0.93 13.63
N SER A 102 1.86 -1.90 13.90
CA SER A 102 2.17 -3.26 14.42
C SER A 102 3.04 -3.24 15.72
N ASP A 103 2.40 -3.31 16.90
CA ASP A 103 3.11 -3.28 18.21
C ASP A 103 4.10 -4.44 18.36
N GLU A 104 3.74 -5.60 17.79
CA GLU A 104 4.60 -6.80 17.76
C GLU A 104 5.88 -6.56 16.91
N LEU A 105 5.77 -5.87 15.76
CA LEU A 105 6.93 -5.52 14.89
C LEU A 105 7.70 -4.26 15.38
N LYS A 106 7.08 -3.46 16.28
CA LYS A 106 7.77 -2.31 16.93
C LYS A 106 8.69 -2.76 18.08
N GLU A 107 8.36 -3.90 18.72
CA GLU A 107 9.23 -4.54 19.73
C GLU A 107 10.21 -5.54 19.07
N ILE A 108 9.76 -6.18 17.97
CA ILE A 108 10.57 -7.10 17.14
C ILE A 108 10.99 -6.38 15.82
N ARG A 109 11.94 -5.45 15.93
CA ARG A 109 12.51 -4.74 14.77
C ARG A 109 13.66 -5.58 14.15
N LYS A 110 13.29 -6.44 13.18
CA LYS A 110 14.13 -7.54 12.62
C LYS A 110 14.37 -8.68 13.67
N ALA A 111 15.12 -8.33 14.76
CA ALA A 111 15.52 -9.24 15.87
C ALA A 111 16.67 -10.21 15.47
N MET A 112 16.48 -10.97 14.38
CA MET A 112 17.47 -11.93 13.86
C MET A 112 18.69 -11.21 13.22
N THR A 113 19.80 -11.13 13.99
CA THR A 113 21.10 -10.53 13.57
C THR A 113 20.97 -9.00 13.27
#